data_6K1H
#
_entry.id   6K1H
#
loop_
_entity.id
_entity.type
_entity.pdbx_description
1 polymer 'PTS mannose transporter subunit IID'
2 polymer 'PTS system mannose-specific EIIC component'
3 non-polymer alpha-D-mannopyranose
#
loop_
_entity_poly.entity_id
_entity_poly.type
_entity_poly.pdbx_seq_one_letter_code
_entity_poly.pdbx_strand_id
1 'polypeptide(L)'
;MVDTTQTTTEKKLTQSDIRGVFLRSNLFQGSWNFERMQALGFCFSMVPAIRRLYPENNEARKQAIRRHLEFFNTQPFVAA
PILGVTLALEEQRANGAEIDDGAINGIKVGLMGPLAGVGDPIFWGTVRPVFAALGAGIAMSGSLLGPLLFFILFNLVRLA
TRYYGVAYGYSKGIDIVKDMGGGFLQKLTEGASILGLFVMGALVNKWTHVNIPLVVSRITDQTGKEHVTTVQTILDQLMP
GLVPLLLTFACMWLLRKKVNPLWIIVGFFVIGIAGYACGLLGL
;
Z,F,C
2 'polypeptide(L)'
;MEITTLQIVLVFIVACIAGMGSILDEFQFHRPLIACTLVGIVLGDMKTGIIIGGTLEMIALGWMNIGAAVAPDAALASII
STILVIAGHQSIGAGIALAIPLAAAGQVLTIIVRTITVAFQHAADKAADNGNLTAISWIHVSSLFLQAMRVAIPAVIVAL
SVGTSEVQNMLNAIPEVVTNGLNIAGGMIVVVGYAMVINMMRAGYLMPFFYLGFVTAAFTNFNLVALGVIGTVMAVLYIQ
LSPKYNRVAGAPAQAAGNNDLDNELDHHHHHHHH
;
Y,E,B
#
loop_
_chem_comp.id
_chem_comp.type
_chem_comp.name
_chem_comp.formula
MAN D-saccharide, alpha linking alpha-D-mannopyranose 'C6 H12 O6'
#
# COMPACT_ATOMS: atom_id res chain seq x y z
N LYS A 11 37.66 18.79 36.19
CA LYS A 11 37.85 17.99 37.39
C LYS A 11 36.73 16.98 37.57
N LYS A 12 36.59 16.08 36.59
CA LYS A 12 35.65 14.97 36.68
C LYS A 12 34.23 15.46 36.88
N LEU A 13 33.67 16.14 35.88
CA LEU A 13 32.29 16.63 35.91
C LEU A 13 31.37 15.51 36.39
N THR A 14 30.74 15.75 37.54
CA THR A 14 29.88 14.76 38.20
C THR A 14 28.73 14.36 37.29
N GLN A 15 28.22 13.15 37.48
CA GLN A 15 27.11 12.68 36.64
C GLN A 15 25.90 13.60 36.82
N SER A 16 25.64 14.04 38.04
CA SER A 16 24.52 14.92 38.33
C SER A 16 24.70 16.27 37.65
N ASP A 17 25.93 16.61 37.28
CA ASP A 17 26.15 17.88 36.59
C ASP A 17 25.57 17.82 35.19
N ILE A 18 25.60 16.65 34.57
CA ILE A 18 24.98 16.46 33.26
C ILE A 18 23.46 16.56 33.40
N ARG A 19 22.94 16.00 34.50
CA ARG A 19 21.52 16.13 34.81
C ARG A 19 21.16 17.60 34.95
N GLY A 20 22.06 18.37 35.52
CA GLY A 20 21.88 19.80 35.65
C GLY A 20 21.90 20.54 34.32
N VAL A 21 22.84 20.18 33.45
CA VAL A 21 22.91 20.84 32.15
C VAL A 21 21.68 20.50 31.32
N PHE A 22 21.19 19.27 31.39
CA PHE A 22 19.92 18.95 30.77
C PHE A 22 18.78 19.84 31.23
N LEU A 23 18.58 19.96 32.54
CA LEU A 23 17.50 20.78 33.07
C LEU A 23 17.69 22.25 32.76
N ARG A 24 18.92 22.72 32.67
CA ARG A 24 19.20 24.12 32.37
C ARG A 24 19.25 24.40 30.88
N SER A 25 19.16 23.37 30.04
CA SER A 25 19.17 23.54 28.60
C SER A 25 17.76 23.54 28.02
N ASN A 26 16.77 23.20 28.85
CA ASN A 26 15.39 23.22 28.37
C ASN A 26 15.01 24.62 27.92
N LEU A 27 15.38 25.63 28.68
CA LEU A 27 15.12 27.02 28.30
C LEU A 27 16.36 27.60 27.61
N PHE A 28 16.73 26.94 26.50
CA PHE A 28 17.92 27.31 25.75
C PHE A 28 17.74 28.64 25.04
N GLN A 29 16.83 28.73 24.04
CA GLN A 29 16.54 29.98 23.23
C GLN A 29 16.38 31.07 24.22
N GLY A 30 16.97 32.26 23.94
CA GLY A 30 17.43 33.28 24.85
C GLY A 30 16.34 34.13 25.47
N SER A 31 16.49 35.47 25.53
CA SER A 31 17.58 36.29 24.98
C SER A 31 18.05 35.94 23.57
N TRP A 32 17.11 35.55 22.72
CA TRP A 32 17.38 35.34 21.31
C TRP A 32 17.60 36.68 20.64
N ASN A 33 18.83 37.15 20.64
CA ASN A 33 19.12 38.49 20.15
C ASN A 33 19.20 38.47 18.63
N PHE A 34 19.55 39.61 18.03
CA PHE A 34 19.96 39.63 16.64
C PHE A 34 21.44 39.84 16.47
N GLU A 35 22.13 40.39 17.47
CA GLU A 35 23.57 40.57 17.38
C GLU A 35 24.30 39.25 17.57
N ARG A 36 23.95 38.51 18.62
CA ARG A 36 24.56 37.22 18.93
C ARG A 36 23.44 36.24 19.32
N MET A 37 22.88 35.58 18.31
CA MET A 37 21.71 34.74 18.52
C MET A 37 22.05 33.56 19.42
N GLN A 38 21.24 33.36 20.46
CA GLN A 38 21.36 32.24 21.39
C GLN A 38 22.68 32.23 22.13
N ALA A 39 23.49 33.26 21.97
CA ALA A 39 24.83 33.25 22.56
C ALA A 39 24.75 33.19 24.08
N LEU A 40 23.97 34.06 24.69
CA LEU A 40 23.85 34.04 26.14
C LEU A 40 23.22 32.74 26.63
N GLY A 41 22.31 32.16 25.84
CA GLY A 41 21.73 30.89 26.20
C GLY A 41 22.73 29.75 26.30
N PHE A 42 23.83 29.84 25.55
CA PHE A 42 24.86 28.83 25.64
C PHE A 42 25.68 28.98 26.92
N CYS A 43 26.02 30.21 27.27
CA CYS A 43 26.69 30.44 28.55
C CYS A 43 25.81 30.00 29.70
N PHE A 44 24.51 30.28 29.62
CA PHE A 44 23.60 29.86 30.67
C PHE A 44 23.52 28.35 30.76
N SER A 45 23.59 27.65 29.63
CA SER A 45 23.53 26.19 29.67
C SER A 45 24.82 25.59 30.20
N MET A 46 25.95 26.29 30.00
CA MET A 46 27.22 25.78 30.50
C MET A 46 27.60 26.32 31.86
N VAL A 47 26.79 27.18 32.47
CA VAL A 47 27.08 27.64 33.83
C VAL A 47 27.35 26.48 34.80
N PRO A 48 26.52 25.44 34.89
CA PRO A 48 26.80 24.38 35.87
C PRO A 48 28.14 23.70 35.67
N ALA A 49 28.61 23.55 34.42
CA ALA A 49 29.93 22.99 34.21
C ALA A 49 31.00 23.88 34.82
N ILE A 50 30.98 25.18 34.48
CA ILE A 50 31.96 26.12 34.99
C ILE A 50 31.81 26.33 36.49
N ARG A 51 30.73 25.86 37.10
CA ARG A 51 30.59 26.00 38.55
C ARG A 51 31.67 25.21 39.28
N ARG A 52 31.71 23.89 39.11
CA ARG A 52 32.70 23.06 39.79
C ARG A 52 33.97 22.86 38.99
N LEU A 53 34.02 23.28 37.74
CA LEU A 53 35.23 23.15 36.95
C LEU A 53 36.30 24.15 37.36
N TYR A 54 35.92 25.32 37.88
CA TYR A 54 36.83 26.40 38.14
C TYR A 54 36.56 27.03 39.49
N PRO A 55 37.56 27.58 40.16
CA PRO A 55 37.31 28.57 41.21
C PRO A 55 37.28 29.98 40.63
N GLU A 56 37.16 31.00 41.47
CA GLU A 56 37.21 32.38 41.00
C GLU A 56 38.65 32.74 40.66
N ASN A 57 38.92 33.04 39.39
CA ASN A 57 40.27 33.34 38.95
C ASN A 57 40.24 34.17 37.68
N ASN A 58 41.35 34.84 37.40
CA ASN A 58 41.49 35.65 36.19
C ASN A 58 41.38 34.79 34.94
N GLU A 59 42.33 33.89 34.75
CA GLU A 59 42.35 33.06 33.56
C GLU A 59 41.30 31.95 33.61
N ALA A 60 40.97 31.47 34.82
CA ALA A 60 40.00 30.39 34.90
C ALA A 60 38.60 30.85 34.56
N ARG A 61 38.32 32.15 34.73
CA ARG A 61 36.99 32.69 34.45
C ARG A 61 36.96 33.56 33.21
N LYS A 62 37.90 33.36 32.29
CA LYS A 62 37.80 34.02 30.99
C LYS A 62 37.10 33.15 29.96
N GLN A 63 36.71 31.92 30.32
CA GLN A 63 36.02 31.07 29.36
C GLN A 63 34.63 31.58 29.05
N ALA A 64 33.93 32.14 30.04
CA ALA A 64 32.64 32.75 29.77
C ALA A 64 32.76 33.84 28.71
N ILE A 65 33.93 34.47 28.59
CA ILE A 65 34.14 35.40 27.50
C ILE A 65 34.09 34.68 26.16
N ARG A 66 34.73 33.51 26.07
CA ARG A 66 34.79 32.83 24.78
C ARG A 66 33.48 32.14 24.43
N ARG A 67 32.64 31.88 25.42
CA ARG A 67 31.33 31.33 25.10
C ARG A 67 30.43 32.38 24.45
N HIS A 68 30.69 33.65 24.71
CA HIS A 68 30.03 34.77 24.04
C HIS A 68 30.74 35.18 22.76
N LEU A 69 31.91 34.63 22.47
CA LEU A 69 32.82 35.23 21.49
C LEU A 69 32.20 35.35 20.11
N GLU A 70 31.17 34.57 19.81
CA GLU A 70 30.60 34.60 18.48
C GLU A 70 29.18 34.06 18.53
N PHE A 71 28.57 33.98 17.35
CA PHE A 71 27.29 33.30 17.18
C PHE A 71 27.33 31.93 17.83
N PHE A 72 26.15 31.45 18.21
CA PHE A 72 25.85 30.03 18.23
C PHE A 72 24.40 29.95 17.79
N ASN A 73 24.18 29.83 16.49
CA ASN A 73 22.85 29.96 15.92
C ASN A 73 22.48 28.66 15.23
N THR A 74 21.98 27.72 16.02
CA THR A 74 21.46 26.46 15.53
C THR A 74 20.06 26.25 16.09
N GLN A 75 19.51 25.06 15.87
CA GLN A 75 18.21 24.73 16.43
C GLN A 75 18.34 24.46 17.93
N PRO A 76 17.31 24.78 18.71
CA PRO A 76 17.34 24.41 20.14
C PRO A 76 17.42 22.92 20.39
N PHE A 77 16.92 22.07 19.50
CA PHE A 77 16.84 20.65 19.84
C PHE A 77 18.10 19.90 19.41
N VAL A 78 18.63 20.21 18.24
CA VAL A 78 19.97 19.71 17.89
C VAL A 78 20.95 20.75 18.40
N ALA A 79 21.09 20.78 19.71
CA ALA A 79 22.13 21.53 20.40
C ALA A 79 22.65 20.74 21.58
N ALA A 80 22.11 19.57 21.84
CA ALA A 80 22.56 18.67 22.89
C ALA A 80 23.83 17.95 22.49
N PRO A 81 23.96 17.45 21.26
CA PRO A 81 25.29 16.94 20.85
C PRO A 81 26.38 17.97 20.96
N ILE A 82 26.11 19.21 20.57
CA ILE A 82 27.13 20.25 20.66
C ILE A 82 27.46 20.53 22.12
N LEU A 83 26.45 20.56 22.98
CA LEU A 83 26.69 20.76 24.40
C LEU A 83 27.54 19.65 24.99
N GLY A 84 27.23 18.40 24.65
CA GLY A 84 28.03 17.29 25.16
C GLY A 84 29.45 17.29 24.64
N VAL A 85 29.65 17.66 23.38
CA VAL A 85 30.99 17.71 22.83
C VAL A 85 31.80 18.82 23.48
N THR A 86 31.20 19.99 23.64
CA THR A 86 31.93 21.10 24.24
C THR A 86 32.16 20.89 25.74
N LEU A 87 31.29 20.14 26.41
CA LEU A 87 31.58 19.73 27.77
C LEU A 87 32.82 18.85 27.81
N ALA A 88 32.89 17.86 26.93
CA ALA A 88 34.04 16.98 26.88
C ALA A 88 35.32 17.73 26.54
N LEU A 89 35.24 18.77 25.72
CA LEU A 89 36.43 19.55 25.40
C LEU A 89 37.02 20.26 26.62
N GLU A 90 36.23 20.46 27.67
CA GLU A 90 36.73 21.23 28.80
C GLU A 90 37.73 20.47 29.65
N GLU A 91 37.47 19.18 29.91
CA GLU A 91 38.45 18.38 30.66
C GLU A 91 39.80 18.38 29.97
N GLN A 92 39.80 18.19 28.65
CA GLN A 92 41.04 18.21 27.89
C GLN A 92 41.69 19.59 27.91
N ARG A 93 40.95 20.63 28.28
CA ARG A 93 41.53 21.94 28.53
C ARG A 93 41.70 22.24 30.02
N ALA A 94 40.89 21.64 30.87
CA ALA A 94 41.05 21.86 32.30
C ALA A 94 41.94 20.78 32.92
N ASN A 95 41.50 19.52 32.86
CA ASN A 95 42.27 18.45 33.47
C ASN A 95 43.47 18.05 32.62
N GLY A 96 43.20 17.57 31.41
CA GLY A 96 44.28 17.19 30.52
C GLY A 96 45.16 18.34 30.10
N ALA A 97 44.65 19.57 30.18
CA ALA A 97 45.39 20.78 29.85
C ALA A 97 45.96 20.76 28.44
N GLU A 98 45.42 19.91 27.57
CA GLU A 98 45.85 19.88 26.18
C GLU A 98 45.41 21.17 25.51
N ILE A 99 46.39 21.94 25.01
CA ILE A 99 46.15 23.32 24.64
C ILE A 99 45.13 23.39 23.50
N ASP A 100 44.07 24.17 23.71
CA ASP A 100 43.05 24.37 22.69
C ASP A 100 42.27 25.62 23.06
N ASP A 101 42.38 26.67 22.26
CA ASP A 101 41.63 27.91 22.48
C ASP A 101 40.70 28.21 21.33
N GLY A 102 41.21 28.25 20.10
CA GLY A 102 40.38 28.58 18.96
C GLY A 102 39.49 27.44 18.52
N ALA A 103 39.94 26.20 18.68
CA ALA A 103 39.18 25.07 18.16
C ALA A 103 37.93 24.77 18.99
N ILE A 104 37.84 25.27 20.23
CA ILE A 104 36.59 25.12 20.96
C ILE A 104 35.48 25.87 20.26
N ASN A 105 35.75 27.10 19.82
CA ASN A 105 34.81 27.79 18.96
C ASN A 105 34.79 27.22 17.55
N GLY A 106 35.88 26.60 17.12
CA GLY A 106 35.95 26.01 15.80
C GLY A 106 34.92 24.90 15.66
N ILE A 107 34.80 24.07 16.69
CA ILE A 107 33.83 22.99 16.68
C ILE A 107 32.42 23.55 16.74
N LYS A 108 32.19 24.59 17.55
CA LYS A 108 30.88 25.23 17.58
C LYS A 108 30.48 25.71 16.20
N VAL A 109 31.39 26.40 15.51
CA VAL A 109 31.06 26.92 14.18
C VAL A 109 30.91 25.79 13.17
N GLY A 110 31.73 24.74 13.28
CA GLY A 110 31.64 23.63 12.36
C GLY A 110 30.37 22.82 12.49
N LEU A 111 29.82 22.71 13.70
CA LEU A 111 28.56 22.03 13.93
C LEU A 111 27.36 22.97 13.84
N MET A 112 27.60 24.29 13.80
CA MET A 112 26.54 25.23 13.50
C MET A 112 25.92 24.97 12.13
N GLY A 113 26.75 24.80 11.10
CA GLY A 113 26.30 24.77 9.73
C GLY A 113 25.41 23.60 9.40
N PRO A 114 25.97 22.39 9.42
CA PRO A 114 25.15 21.22 9.06
C PRO A 114 23.98 21.00 9.99
N LEU A 115 24.16 21.19 11.29
CA LEU A 115 23.09 20.91 12.24
C LEU A 115 21.97 21.93 12.20
N ALA A 116 22.22 23.13 11.69
CA ALA A 116 21.15 24.08 11.47
C ALA A 116 20.29 23.73 10.27
N GLY A 117 20.85 23.03 9.29
CA GLY A 117 20.13 22.62 8.11
C GLY A 117 19.63 21.20 8.12
N VAL A 118 20.03 20.40 9.10
CA VAL A 118 19.51 19.05 9.24
C VAL A 118 18.51 18.97 10.38
N GLY A 119 18.48 19.98 11.23
CA GLY A 119 17.53 19.98 12.33
C GLY A 119 16.26 20.74 12.01
N ASP A 120 16.38 21.84 11.27
CA ASP A 120 15.19 22.59 10.90
C ASP A 120 14.20 21.79 10.05
N PRO A 121 14.61 21.07 9.01
CA PRO A 121 13.63 20.30 8.24
C PRO A 121 13.18 19.00 8.90
N ILE A 122 13.48 18.78 10.18
CA ILE A 122 12.94 17.65 10.93
C ILE A 122 11.96 18.12 11.99
N PHE A 123 12.44 18.88 12.97
CA PHE A 123 11.57 19.26 14.08
C PHE A 123 10.58 20.33 13.66
N TRP A 124 11.02 21.34 12.92
CA TRP A 124 10.07 22.23 12.27
C TRP A 124 9.57 21.62 10.97
N GLY A 125 10.05 20.43 10.63
CA GLY A 125 9.79 19.73 9.39
C GLY A 125 8.72 18.68 9.61
N THR A 126 9.11 17.44 9.91
CA THR A 126 8.17 16.35 10.02
C THR A 126 7.92 15.93 11.47
N VAL A 127 8.04 16.85 12.41
CA VAL A 127 7.74 16.57 13.81
C VAL A 127 6.71 17.55 14.37
N ARG A 128 7.00 18.85 14.29
CA ARG A 128 6.05 19.84 14.80
C ARG A 128 4.74 19.85 14.02
N PRO A 129 4.74 19.88 12.67
CA PRO A 129 3.45 19.92 11.96
C PRO A 129 2.88 18.54 11.65
N VAL A 130 3.53 17.47 12.08
CA VAL A 130 2.94 16.14 12.00
C VAL A 130 2.21 15.80 13.29
N PHE A 131 2.83 16.05 14.44
CA PHE A 131 2.09 15.96 15.68
C PHE A 131 1.03 17.06 15.79
N ALA A 132 1.32 18.25 15.29
CA ALA A 132 0.34 19.33 15.24
C ALA A 132 -0.80 19.05 14.28
N ALA A 133 -0.64 18.11 13.36
CA ALA A 133 -1.73 17.69 12.51
C ALA A 133 -2.47 16.48 13.06
N LEU A 134 -1.78 15.57 13.72
CA LEU A 134 -2.45 14.46 14.39
C LEU A 134 -3.33 14.97 15.52
N GLY A 135 -2.85 15.95 16.28
CA GLY A 135 -3.61 16.47 17.39
C GLY A 135 -4.46 17.67 17.05
N ALA A 136 -4.72 17.89 15.76
CA ALA A 136 -5.63 18.95 15.34
C ALA A 136 -6.75 18.44 14.46
N GLY A 137 -6.70 17.19 14.01
CA GLY A 137 -7.85 16.60 13.37
C GLY A 137 -8.78 16.05 14.44
N ILE A 138 -8.27 16.01 15.67
CA ILE A 138 -9.04 15.58 16.82
C ILE A 138 -9.54 16.75 17.63
N ALA A 139 -8.76 17.83 17.70
CA ALA A 139 -9.18 19.01 18.44
C ALA A 139 -10.40 19.67 17.82
N MET A 140 -10.70 19.37 16.55
CA MET A 140 -11.94 19.86 15.96
C MET A 140 -13.15 19.18 16.61
N SER A 141 -13.23 17.86 16.48
CA SER A 141 -14.35 17.12 17.05
C SER A 141 -14.14 16.84 18.53
N GLY A 142 -13.08 16.09 18.85
CA GLY A 142 -12.82 15.69 20.22
C GLY A 142 -12.48 16.87 21.11
N SER A 143 -12.10 16.55 22.35
CA SER A 143 -11.77 17.58 23.32
C SER A 143 -10.32 17.51 23.77
N LEU A 144 -9.89 16.40 24.37
CA LEU A 144 -8.58 16.36 25.00
C LEU A 144 -7.69 15.24 24.47
N LEU A 145 -7.95 14.73 23.28
CA LEU A 145 -7.02 13.82 22.63
C LEU A 145 -6.26 14.51 21.52
N GLY A 146 -6.64 15.74 21.18
CA GLY A 146 -5.91 16.53 20.23
C GLY A 146 -4.81 17.35 20.89
N PRO A 147 -5.18 18.23 21.80
CA PRO A 147 -4.18 19.08 22.45
C PRO A 147 -3.44 18.37 23.57
N LEU A 148 -3.58 17.05 23.64
CA LEU A 148 -2.84 16.27 24.60
C LEU A 148 -2.03 15.16 23.97
N LEU A 149 -2.44 14.62 22.82
CA LEU A 149 -1.56 13.80 22.01
C LEU A 149 -0.42 14.62 21.41
N PHE A 150 -0.60 15.93 21.28
CA PHE A 150 0.47 16.84 20.90
C PHE A 150 1.45 17.03 22.04
N PHE A 151 0.95 17.49 23.19
CA PHE A 151 1.83 17.86 24.29
C PHE A 151 2.60 16.68 24.85
N ILE A 152 2.05 15.48 24.79
CA ILE A 152 2.79 14.31 25.27
C ILE A 152 3.76 13.81 24.21
N LEU A 153 3.29 13.67 22.97
CA LEU A 153 4.13 13.06 21.95
C LEU A 153 5.19 13.99 21.40
N PHE A 154 5.04 15.30 21.52
CA PHE A 154 6.08 16.20 21.03
C PHE A 154 7.06 16.63 22.11
N ASN A 155 6.64 16.69 23.37
CA ASN A 155 7.53 17.03 24.45
C ASN A 155 8.27 15.81 24.98
N LEU A 156 8.08 14.64 24.37
CA LEU A 156 8.97 13.51 24.54
C LEU A 156 10.05 13.46 23.47
N VAL A 157 9.66 13.67 22.21
CA VAL A 157 10.63 13.64 21.13
C VAL A 157 11.65 14.76 21.27
N ARG A 158 11.29 15.86 21.93
CA ARG A 158 12.28 16.91 22.15
C ARG A 158 13.17 16.58 23.35
N LEU A 159 12.67 15.76 24.28
CA LEU A 159 13.46 15.39 25.44
C LEU A 159 14.36 14.20 25.18
N ALA A 160 13.90 13.26 24.36
CA ALA A 160 14.79 12.18 23.93
C ALA A 160 15.88 12.70 23.01
N THR A 161 15.68 13.89 22.42
CA THR A 161 16.70 14.53 21.60
C THR A 161 17.64 15.39 22.44
N ARG A 162 17.27 15.68 23.67
CA ARG A 162 18.18 16.46 24.49
C ARG A 162 18.93 15.64 25.51
N TYR A 163 18.26 14.75 26.24
CA TYR A 163 18.98 13.94 27.21
C TYR A 163 19.92 12.95 26.53
N TYR A 164 19.39 12.19 25.57
CA TYR A 164 20.20 11.27 24.77
C TYR A 164 21.13 12.02 23.83
N GLY A 165 20.95 13.32 23.69
CA GLY A 165 21.88 14.12 22.94
C GLY A 165 23.08 14.46 23.79
N VAL A 166 22.83 15.07 24.95
CA VAL A 166 23.92 15.48 25.84
C VAL A 166 24.71 14.29 26.36
N ALA A 167 24.03 13.26 26.87
CA ALA A 167 24.75 12.13 27.42
C ALA A 167 25.61 11.44 26.37
N TYR A 168 25.04 11.18 25.20
CA TYR A 168 25.71 10.44 24.13
C TYR A 168 26.66 11.31 23.32
N GLY A 169 26.63 12.62 23.49
CA GLY A 169 27.59 13.48 22.84
C GLY A 169 28.65 13.96 23.80
N TYR A 170 28.49 13.62 25.09
CA TYR A 170 29.50 13.88 26.08
C TYR A 170 30.50 12.75 26.20
N SER A 171 30.02 11.51 26.32
CA SER A 171 30.92 10.37 26.44
C SER A 171 31.77 10.18 25.19
N LYS A 172 31.31 10.71 24.04
CA LYS A 172 32.04 10.60 22.79
C LYS A 172 32.55 11.98 22.41
N GLY A 173 33.87 12.14 22.39
CA GLY A 173 34.47 13.42 22.09
C GLY A 173 34.43 13.77 20.62
N ILE A 174 35.48 14.42 20.13
CA ILE A 174 35.52 14.84 18.73
C ILE A 174 35.44 13.61 17.82
N ASP A 175 36.07 12.51 18.24
CA ASP A 175 36.35 11.40 17.34
C ASP A 175 35.10 10.87 16.67
N ILE A 176 33.95 10.94 17.33
CA ILE A 176 32.72 10.42 16.76
C ILE A 176 31.76 11.58 16.53
N VAL A 177 32.32 12.74 16.22
CA VAL A 177 31.58 13.80 15.54
C VAL A 177 31.65 13.62 14.03
N LYS A 178 32.85 13.40 13.51
CA LYS A 178 33.04 13.09 12.09
C LYS A 178 32.52 11.71 11.73
N ASP A 179 32.20 10.87 12.70
CA ASP A 179 31.74 9.52 12.42
C ASP A 179 30.23 9.47 12.18
N MET A 180 29.43 9.91 13.13
CA MET A 180 27.98 9.90 12.96
C MET A 180 27.50 11.12 12.19
N GLY A 181 28.39 12.04 11.85
CA GLY A 181 28.08 13.11 10.92
C GLY A 181 28.05 12.66 9.48
N GLY A 182 28.29 11.39 9.20
CA GLY A 182 28.19 10.84 7.87
C GLY A 182 27.38 9.57 7.84
N GLY A 183 26.33 9.56 7.04
CA GLY A 183 25.49 8.38 6.88
C GLY A 183 24.22 8.28 7.70
N PHE A 184 24.30 8.52 9.01
CA PHE A 184 23.11 8.35 9.84
C PHE A 184 22.09 9.46 9.62
N LEU A 185 22.54 10.71 9.54
CA LEU A 185 21.62 11.81 9.37
C LEU A 185 20.98 11.84 7.99
N GLN A 186 21.65 11.31 6.97
CA GLN A 186 20.98 11.12 5.69
C GLN A 186 19.82 10.16 5.81
N LYS A 187 20.00 9.07 6.55
CA LYS A 187 18.89 8.16 6.84
C LYS A 187 17.79 8.89 7.60
N LEU A 188 18.16 9.70 8.58
CA LEU A 188 17.17 10.33 9.45
C LEU A 188 16.38 11.43 8.75
N THR A 189 16.95 12.09 7.74
CA THR A 189 16.23 13.11 7.00
C THR A 189 15.68 12.62 5.68
N GLU A 190 16.01 11.41 5.24
CA GLU A 190 15.26 10.82 4.14
C GLU A 190 14.06 10.05 4.62
N GLY A 191 14.12 9.52 5.84
CA GLY A 191 12.93 8.96 6.46
C GLY A 191 11.97 9.97 7.00
N ALA A 192 12.45 11.13 7.41
CA ALA A 192 11.57 12.19 7.87
C ALA A 192 10.72 12.74 6.74
N SER A 193 11.35 13.11 5.62
CA SER A 193 10.64 13.71 4.51
C SER A 193 9.90 12.70 3.65
N ILE A 194 9.77 11.47 4.12
CA ILE A 194 8.80 10.53 3.58
C ILE A 194 7.52 10.55 4.40
N LEU A 195 7.65 10.51 5.73
CA LEU A 195 6.51 10.67 6.62
C LEU A 195 5.85 12.02 6.43
N GLY A 196 6.63 13.08 6.37
CA GLY A 196 6.06 14.40 6.29
C GLY A 196 5.51 14.73 4.94
N LEU A 197 5.87 13.95 3.91
CA LEU A 197 5.28 14.16 2.59
C LEU A 197 4.01 13.32 2.48
N PHE A 198 4.05 12.11 3.04
CA PHE A 198 2.84 11.29 3.06
C PHE A 198 1.73 11.94 3.84
N VAL A 199 2.04 12.57 4.98
CA VAL A 199 1.00 13.23 5.76
C VAL A 199 0.53 14.53 5.11
N MET A 200 1.45 15.32 4.54
CA MET A 200 1.04 16.56 3.91
C MET A 200 0.25 16.34 2.63
N GLY A 201 0.48 15.22 1.93
CA GLY A 201 -0.39 14.90 0.81
C GLY A 201 -1.80 14.62 1.24
N ALA A 202 -1.99 14.00 2.40
CA ALA A 202 -3.32 13.72 2.91
C ALA A 202 -3.98 14.97 3.46
N LEU A 203 -3.22 15.82 4.13
CA LEU A 203 -3.80 17.05 4.69
C LEU A 203 -4.31 17.98 3.60
N VAL A 204 -3.58 18.11 2.51
CA VAL A 204 -4.02 18.95 1.41
C VAL A 204 -5.33 18.43 0.82
N ASN A 205 -5.49 17.12 0.78
CA ASN A 205 -6.67 16.54 0.16
C ASN A 205 -7.89 16.63 1.07
N LYS A 206 -7.84 15.98 2.24
CA LYS A 206 -9.04 15.85 3.06
C LYS A 206 -9.26 17.06 3.96
N TRP A 207 -8.21 17.56 4.59
CA TRP A 207 -8.41 18.58 5.62
C TRP A 207 -8.43 20.00 5.05
N THR A 208 -8.77 20.13 3.77
CA THR A 208 -9.09 21.41 3.17
C THR A 208 -10.51 21.38 2.60
N HIS A 209 -11.16 22.53 2.62
CA HIS A 209 -12.49 22.66 2.06
C HIS A 209 -12.53 23.64 0.90
N VAL A 210 -12.89 23.17 -0.28
CA VAL A 210 -13.15 24.04 -1.43
C VAL A 210 -14.39 23.51 -2.15
N ASN A 211 -15.35 24.39 -2.41
CA ASN A 211 -16.61 23.98 -3.02
C ASN A 211 -17.02 25.01 -4.07
N ILE A 212 -17.52 24.50 -5.20
CA ILE A 212 -17.94 25.33 -6.32
C ILE A 212 -19.40 25.04 -6.65
N PRO A 213 -20.34 25.89 -6.25
CA PRO A 213 -21.77 25.61 -6.46
C PRO A 213 -22.32 25.97 -7.84
N LEU A 214 -21.47 26.19 -8.84
CA LEU A 214 -21.96 26.49 -10.18
C LEU A 214 -22.67 25.31 -10.80
N VAL A 215 -24.00 25.38 -10.92
CA VAL A 215 -24.77 24.32 -11.56
C VAL A 215 -24.47 24.29 -13.04
N VAL A 216 -24.43 23.10 -13.63
CA VAL A 216 -24.12 22.98 -15.05
C VAL A 216 -25.11 22.03 -15.71
N SER A 217 -26.04 21.47 -14.94
CA SER A 217 -26.95 20.51 -15.56
C SER A 217 -28.35 20.46 -14.95
N ARG A 218 -29.33 20.42 -15.85
CA ARG A 218 -30.75 20.32 -15.53
C ARG A 218 -31.15 18.84 -15.55
N ILE A 219 -32.36 18.47 -16.00
CA ILE A 219 -33.27 17.46 -15.45
C ILE A 219 -32.55 16.31 -14.76
N THR A 220 -32.86 16.03 -13.47
CA THR A 220 -34.09 16.31 -12.66
C THR A 220 -35.23 15.38 -13.08
N ASP A 221 -34.87 14.11 -13.25
CA ASP A 221 -35.84 13.03 -13.40
C ASP A 221 -36.14 12.39 -12.05
N GLN A 222 -36.78 11.22 -12.06
CA GLN A 222 -37.04 10.43 -10.85
C GLN A 222 -37.89 11.20 -9.85
N THR A 223 -39.13 11.50 -10.26
CA THR A 223 -40.18 12.12 -9.44
C THR A 223 -39.67 13.17 -8.47
N GLY A 224 -38.98 14.19 -8.97
CA GLY A 224 -38.57 15.32 -8.16
C GLY A 224 -37.38 15.06 -7.26
N LYS A 225 -36.24 14.69 -7.85
CA LYS A 225 -34.98 14.63 -7.14
C LYS A 225 -34.01 15.73 -7.56
N GLU A 226 -34.24 16.36 -8.71
CA GLU A 226 -33.54 17.53 -9.23
C GLU A 226 -32.14 17.21 -9.74
N HIS A 227 -31.64 16.01 -9.43
CA HIS A 227 -30.40 15.45 -10.00
C HIS A 227 -29.36 16.53 -10.31
N VAL A 228 -29.17 17.41 -9.32
CA VAL A 228 -28.31 18.57 -9.51
C VAL A 228 -26.87 18.10 -9.62
N THR A 229 -26.12 18.64 -10.58
CA THR A 229 -24.72 18.28 -10.73
C THR A 229 -23.91 19.54 -10.94
N THR A 230 -23.41 20.12 -9.86
CA THR A 230 -22.58 21.31 -9.93
C THR A 230 -21.20 20.97 -10.46
N VAL A 231 -20.33 21.97 -10.59
CA VAL A 231 -18.96 21.73 -11.04
C VAL A 231 -18.18 20.85 -10.06
N GLN A 232 -18.51 20.90 -8.77
CA GLN A 232 -17.77 20.10 -7.80
C GLN A 232 -17.95 18.62 -8.04
N THR A 233 -19.12 18.21 -8.55
CA THR A 233 -19.30 16.80 -8.90
C THR A 233 -18.43 16.38 -10.07
N ILE A 234 -18.25 17.25 -11.07
CA ILE A 234 -17.39 16.92 -12.20
C ILE A 234 -15.97 16.68 -11.74
N LEU A 235 -15.44 17.54 -10.87
CA LEU A 235 -14.09 17.36 -10.39
C LEU A 235 -13.97 16.21 -9.39
N ASP A 236 -15.00 15.98 -8.58
CA ASP A 236 -15.01 14.83 -7.70
C ASP A 236 -15.17 13.52 -8.46
N GLN A 237 -15.58 13.58 -9.73
CA GLN A 237 -15.56 12.39 -10.57
C GLN A 237 -14.14 11.99 -10.93
N LEU A 238 -13.24 12.96 -11.08
CA LEU A 238 -11.83 12.65 -11.31
C LEU A 238 -11.11 12.35 -10.00
N MET A 239 -11.04 13.35 -9.11
CA MET A 239 -10.32 13.21 -7.86
C MET A 239 -10.93 14.15 -6.84
N PRO A 240 -11.29 13.65 -5.66
CA PRO A 240 -12.07 14.46 -4.70
C PRO A 240 -11.30 15.57 -3.99
N GLY A 241 -10.07 15.87 -4.41
CA GLY A 241 -9.33 16.95 -3.78
C GLY A 241 -8.53 17.78 -4.74
N LEU A 242 -9.03 17.91 -5.98
CA LEU A 242 -8.20 18.46 -7.04
C LEU A 242 -7.92 19.95 -6.85
N VAL A 243 -8.94 20.75 -6.57
CA VAL A 243 -8.79 22.20 -6.52
C VAL A 243 -7.84 22.64 -5.41
N PRO A 244 -7.95 22.14 -4.18
CA PRO A 244 -6.91 22.44 -3.18
C PRO A 244 -5.53 21.95 -3.58
N LEU A 245 -5.43 20.84 -4.33
CA LEU A 245 -4.13 20.40 -4.82
C LEU A 245 -3.51 21.41 -5.76
N LEU A 246 -4.28 21.94 -6.70
CA LEU A 246 -3.76 22.97 -7.59
C LEU A 246 -3.45 24.27 -6.86
N LEU A 247 -4.29 24.65 -5.90
CA LEU A 247 -4.00 25.83 -5.10
C LEU A 247 -2.71 25.67 -4.31
N THR A 248 -2.42 24.46 -3.85
CA THR A 248 -1.18 24.20 -3.16
C THR A 248 0.03 24.39 -4.05
N PHE A 249 -0.01 23.88 -5.29
CA PHE A 249 1.09 24.10 -6.22
C PHE A 249 1.24 25.55 -6.64
N ALA A 250 0.14 26.30 -6.69
CA ALA A 250 0.27 27.74 -6.93
C ALA A 250 0.96 28.42 -5.76
N CYS A 251 0.47 28.19 -4.54
CA CYS A 251 1.10 28.77 -3.35
C CYS A 251 2.48 28.20 -3.11
N MET A 252 2.71 26.95 -3.49
CA MET A 252 4.02 26.34 -3.32
C MET A 252 5.03 26.92 -4.29
N TRP A 253 4.56 27.40 -5.44
CA TRP A 253 5.39 28.14 -6.38
C TRP A 253 5.63 29.57 -5.95
N LEU A 254 4.63 30.23 -5.36
CA LEU A 254 4.82 31.60 -4.90
C LEU A 254 5.89 31.69 -3.81
N LEU A 255 5.95 30.70 -2.93
CA LEU A 255 6.80 30.82 -1.75
C LEU A 255 8.28 30.75 -2.06
N ARG A 256 8.68 30.11 -3.16
CA ARG A 256 10.09 30.18 -3.55
C ARG A 256 10.49 31.61 -3.90
N LYS A 257 9.55 32.41 -4.40
CA LYS A 257 9.82 33.81 -4.72
C LYS A 257 9.79 34.70 -3.49
N LYS A 258 9.79 34.09 -2.30
CA LYS A 258 9.89 34.80 -1.02
C LYS A 258 8.82 35.88 -0.88
N VAL A 259 7.61 35.59 -1.29
CA VAL A 259 6.47 36.44 -0.99
C VAL A 259 6.04 36.17 0.44
N ASN A 260 5.63 37.21 1.15
CA ASN A 260 5.19 37.03 2.52
C ASN A 260 3.95 36.14 2.56
N PRO A 261 3.95 35.09 3.38
CA PRO A 261 2.73 34.29 3.54
C PRO A 261 1.58 35.08 4.13
N LEU A 262 1.84 36.21 4.77
CA LEU A 262 0.80 37.12 5.19
C LEU A 262 0.32 38.00 4.04
N TRP A 263 0.96 37.91 2.88
CA TRP A 263 0.50 38.56 1.66
C TRP A 263 -0.09 37.57 0.66
N ILE A 264 -0.24 36.31 1.04
CA ILE A 264 -0.93 35.32 0.21
C ILE A 264 -2.22 34.95 0.92
N ILE A 265 -2.22 35.06 2.25
CA ILE A 265 -3.43 34.81 3.02
C ILE A 265 -4.45 35.91 2.75
N VAL A 266 -4.00 37.17 2.66
CA VAL A 266 -4.92 38.25 2.32
C VAL A 266 -5.48 38.08 0.91
N GLY A 267 -4.69 37.55 -0.03
CA GLY A 267 -5.24 37.22 -1.33
C GLY A 267 -6.40 36.25 -1.24
N PHE A 268 -6.25 35.19 -0.44
CA PHE A 268 -7.35 34.27 -0.22
C PHE A 268 -8.53 34.91 0.49
N PHE A 269 -8.29 35.83 1.41
CA PHE A 269 -9.40 36.55 2.04
C PHE A 269 -10.17 37.41 1.04
N VAL A 270 -9.47 37.99 0.08
CA VAL A 270 -10.14 38.70 -1.02
C VAL A 270 -10.93 37.74 -1.89
N ILE A 271 -10.34 36.59 -2.23
CA ILE A 271 -11.01 35.64 -3.11
C ILE A 271 -12.24 35.05 -2.44
N GLY A 272 -12.19 34.79 -1.14
CA GLY A 272 -13.32 34.20 -0.46
C GLY A 272 -14.50 35.14 -0.33
N ILE A 273 -14.26 36.44 -0.50
CA ILE A 273 -15.34 37.42 -0.49
C ILE A 273 -15.83 37.70 -1.90
N ALA A 274 -14.91 37.88 -2.85
CA ALA A 274 -15.28 38.13 -4.23
C ALA A 274 -15.74 36.87 -4.95
N GLY A 275 -15.58 35.70 -4.35
CA GLY A 275 -16.00 34.47 -4.99
C GLY A 275 -17.34 33.97 -4.48
N TYR A 276 -17.64 34.30 -3.22
CA TYR A 276 -18.93 33.93 -2.65
C TYR A 276 -20.02 34.91 -3.05
N ALA A 277 -19.63 36.07 -3.59
CA ALA A 277 -20.59 37.11 -3.95
C ALA A 277 -20.91 37.03 -5.44
N CYS A 278 -20.43 35.94 -6.05
CA CYS A 278 -20.71 35.70 -7.47
C CYS A 278 -21.07 34.24 -7.69
N GLY A 279 -21.16 33.47 -6.61
CA GLY A 279 -21.53 32.08 -6.69
C GLY A 279 -20.42 31.13 -7.04
N LEU A 280 -19.21 31.63 -7.31
CA LEU A 280 -18.09 30.76 -7.65
C LEU A 280 -17.74 29.86 -6.49
N LEU A 281 -17.36 30.43 -5.36
CA LEU A 281 -17.07 29.66 -4.16
C LEU A 281 -18.29 29.69 -3.23
N GLY A 282 -18.49 28.63 -2.47
CA GLY A 282 -19.59 28.60 -1.52
C GLY A 282 -19.70 27.30 -0.76
N LEU A 283 -19.91 27.40 0.54
CA LEU A 283 -20.09 26.21 1.37
C LEU A 283 -21.53 25.74 1.30
N GLU B 2 -19.62 40.20 33.24
CA GLU B 2 -19.24 38.88 32.75
C GLU B 2 -17.91 38.42 33.33
N ILE B 3 -16.81 38.92 32.77
CA ILE B 3 -15.47 38.51 33.21
C ILE B 3 -15.17 39.08 34.58
N THR B 4 -14.79 38.21 35.50
CA THR B 4 -14.54 38.56 36.89
C THR B 4 -13.05 38.72 37.14
N THR B 5 -12.72 39.42 38.23
CA THR B 5 -11.34 39.76 38.52
C THR B 5 -10.45 38.53 38.71
N LEU B 6 -11.02 37.40 39.10
CA LEU B 6 -10.27 36.17 39.25
C LEU B 6 -10.17 35.40 37.94
N GLN B 7 -10.73 35.92 36.86
CA GLN B 7 -10.47 35.42 35.52
C GLN B 7 -9.45 36.26 34.77
N ILE B 8 -9.39 37.56 35.06
CA ILE B 8 -8.39 38.41 34.45
C ILE B 8 -6.98 37.92 34.80
N VAL B 9 -6.77 37.60 36.08
CA VAL B 9 -5.45 37.16 36.50
C VAL B 9 -5.09 35.84 35.84
N LEU B 10 -6.04 34.90 35.75
CA LEU B 10 -5.75 33.64 35.09
C LEU B 10 -5.46 33.82 33.61
N VAL B 11 -6.21 34.69 32.92
CA VAL B 11 -5.90 34.96 31.51
C VAL B 11 -4.53 35.59 31.39
N PHE B 12 -4.18 36.50 32.30
CA PHE B 12 -2.87 37.12 32.30
C PHE B 12 -1.75 36.09 32.48
N ILE B 13 -1.92 35.16 33.42
CA ILE B 13 -0.90 34.14 33.65
C ILE B 13 -0.80 33.18 32.47
N VAL B 14 -1.93 32.81 31.87
CA VAL B 14 -1.89 31.92 30.72
C VAL B 14 -1.24 32.60 29.53
N ALA B 15 -1.51 33.89 29.35
CA ALA B 15 -0.82 34.64 28.31
C ALA B 15 0.67 34.75 28.58
N CYS B 16 1.06 34.95 29.83
CA CYS B 16 2.48 34.98 30.18
C CYS B 16 3.13 33.64 29.85
N ILE B 17 2.47 32.53 30.18
CA ILE B 17 3.01 31.21 29.85
C ILE B 17 3.12 31.05 28.35
N ALA B 18 2.09 31.44 27.61
CA ALA B 18 2.14 31.37 26.15
C ALA B 18 2.89 32.54 25.55
N GLY B 19 3.60 33.32 26.36
CA GLY B 19 4.49 34.35 25.86
C GLY B 19 5.93 33.95 26.11
N MET B 20 6.14 33.14 27.14
CA MET B 20 7.44 32.53 27.33
C MET B 20 7.80 31.65 26.14
N GLY B 21 6.84 30.87 25.66
CA GLY B 21 7.05 29.94 24.59
C GLY B 21 7.27 30.56 23.22
N SER B 22 6.96 31.84 23.04
CA SER B 22 7.06 32.44 21.71
C SER B 22 8.50 32.43 21.21
N ILE B 23 9.46 32.75 22.07
CA ILE B 23 10.85 32.59 21.70
C ILE B 23 11.39 31.25 22.16
N LEU B 24 10.94 30.77 23.31
CA LEU B 24 11.56 29.61 23.93
C LEU B 24 11.43 28.38 23.03
N ASP B 25 10.26 28.18 22.44
CA ASP B 25 10.04 27.19 21.39
C ASP B 25 10.35 25.77 21.83
N GLU B 26 10.11 25.43 23.10
CA GLU B 26 10.37 24.08 23.58
C GLU B 26 9.10 23.35 24.00
N PHE B 27 8.38 23.88 24.98
CA PHE B 27 7.17 23.19 25.43
C PHE B 27 5.97 23.48 24.55
N GLN B 28 6.08 24.44 23.63
CA GLN B 28 5.06 24.74 22.63
C GLN B 28 3.73 25.18 23.27
N PHE B 29 3.82 26.26 24.04
CA PHE B 29 2.68 27.15 24.19
C PHE B 29 2.67 28.22 23.10
N HIS B 30 3.77 28.35 22.37
CA HIS B 30 3.82 29.06 21.09
C HIS B 30 3.13 28.24 20.00
N ARG B 31 1.86 27.94 20.26
CA ARG B 31 1.03 27.12 19.38
C ARG B 31 -0.42 27.47 19.65
N PRO B 32 -1.23 27.57 18.64
CA PRO B 32 -2.62 27.96 18.86
C PRO B 32 -3.47 26.80 19.34
N LEU B 33 -2.84 25.72 19.80
CA LEU B 33 -3.57 24.61 20.37
C LEU B 33 -3.53 24.62 21.89
N ILE B 34 -2.34 24.63 22.50
CA ILE B 34 -2.25 24.67 23.94
C ILE B 34 -2.66 26.04 24.45
N ALA B 35 -2.21 27.10 23.79
CA ALA B 35 -2.56 28.46 24.17
C ALA B 35 -4.05 28.73 24.03
N CYS B 36 -4.78 27.91 23.30
CA CYS B 36 -6.22 28.06 23.15
C CYS B 36 -7.02 27.24 24.15
N THR B 37 -6.65 25.98 24.38
CA THR B 37 -7.33 25.22 25.41
C THR B 37 -7.09 25.84 26.78
N LEU B 38 -5.87 26.33 27.03
CA LEU B 38 -5.58 26.96 28.32
C LEU B 38 -6.41 28.21 28.55
N VAL B 39 -6.75 28.95 27.49
CA VAL B 39 -7.61 30.11 27.68
C VAL B 39 -9.06 29.70 27.77
N GLY B 40 -9.45 28.69 27.00
CA GLY B 40 -10.83 28.22 27.08
C GLY B 40 -11.20 27.67 28.43
N ILE B 41 -10.26 26.98 29.09
CA ILE B 41 -10.54 26.44 30.41
C ILE B 41 -10.79 27.57 31.41
N VAL B 42 -9.92 28.58 31.42
CA VAL B 42 -10.02 29.63 32.43
C VAL B 42 -11.21 30.54 32.16
N LEU B 43 -11.46 30.86 30.88
CA LEU B 43 -12.53 31.80 30.57
C LEU B 43 -13.91 31.19 30.73
N GLY B 44 -14.10 29.95 30.29
CA GLY B 44 -15.45 29.40 30.25
C GLY B 44 -15.52 28.01 29.65
N ASP B 45 -16.45 27.83 28.70
CA ASP B 45 -16.64 26.54 28.07
C ASP B 45 -15.37 26.08 27.36
N MET B 46 -15.09 24.79 27.43
CA MET B 46 -13.82 24.25 26.98
C MET B 46 -13.87 23.76 25.54
N LYS B 47 -14.97 23.14 25.11
CA LYS B 47 -15.05 22.63 23.75
C LYS B 47 -14.94 23.74 22.71
N THR B 48 -15.62 24.86 22.94
CA THR B 48 -15.60 25.95 21.98
C THR B 48 -14.28 26.69 21.95
N GLY B 49 -13.35 26.36 22.85
CA GLY B 49 -12.00 26.88 22.76
C GLY B 49 -11.09 25.86 22.09
N ILE B 50 -11.33 24.58 22.36
CA ILE B 50 -10.55 23.53 21.73
C ILE B 50 -10.79 23.52 20.23
N ILE B 51 -12.02 23.81 19.81
CA ILE B 51 -12.30 23.87 18.37
C ILE B 51 -11.53 25.01 17.71
N ILE B 52 -11.48 26.16 18.37
CA ILE B 52 -10.65 27.26 17.86
C ILE B 52 -9.20 26.82 17.79
N GLY B 53 -8.73 26.13 18.82
CA GLY B 53 -7.36 25.64 18.79
C GLY B 53 -7.08 24.72 17.63
N GLY B 54 -7.95 23.76 17.38
CA GLY B 54 -7.79 22.85 16.27
C GLY B 54 -7.80 23.57 14.94
N THR B 55 -8.70 24.54 14.78
CA THR B 55 -8.79 25.25 13.51
C THR B 55 -7.56 26.13 13.28
N LEU B 56 -7.02 26.73 14.34
CA LEU B 56 -5.97 27.72 14.19
C LEU B 56 -4.60 27.12 13.91
N GLU B 57 -4.32 25.90 14.38
CA GLU B 57 -3.06 25.26 14.00
C GLU B 57 -2.99 24.98 12.52
N MET B 58 -4.09 24.55 11.91
CA MET B 58 -4.05 24.17 10.52
C MET B 58 -3.50 25.31 9.67
N ILE B 59 -3.79 26.55 10.05
CA ILE B 59 -3.11 27.70 9.48
C ILE B 59 -1.67 27.77 9.98
N ALA B 60 -1.46 27.53 11.28
CA ALA B 60 -0.18 27.79 11.92
C ALA B 60 0.79 26.61 11.82
N LEU B 61 0.56 25.69 10.90
CA LEU B 61 1.64 24.85 10.43
C LEU B 61 2.54 25.73 9.56
N GLY B 62 3.83 25.43 9.54
CA GLY B 62 4.71 26.26 8.76
C GLY B 62 4.78 27.69 9.24
N TRP B 63 4.70 27.91 10.53
CA TRP B 63 4.84 29.24 11.10
C TRP B 63 6.04 29.23 12.03
N MET B 64 7.16 28.73 11.52
CA MET B 64 8.39 28.56 12.29
C MET B 64 9.33 29.75 12.13
N ASN B 65 10.33 29.78 13.00
CA ASN B 65 11.44 30.72 12.90
C ASN B 65 12.60 29.99 12.26
N ILE B 66 13.22 30.60 11.26
CA ILE B 66 14.40 30.03 10.60
C ILE B 66 15.42 31.15 10.44
N GLY B 67 16.37 31.24 11.37
CA GLY B 67 17.50 32.13 11.22
C GLY B 67 17.17 33.58 10.98
N ALA B 68 16.64 34.25 12.00
CA ALA B 68 16.29 35.67 11.91
C ALA B 68 15.22 35.93 10.86
N ALA B 69 14.42 34.91 10.54
CA ALA B 69 13.22 35.05 9.72
C ALA B 69 12.06 34.77 10.67
N VAL B 70 11.62 35.80 11.37
CA VAL B 70 10.68 35.62 12.47
C VAL B 70 9.33 35.18 11.94
N ALA B 71 8.72 34.21 12.62
CA ALA B 71 7.41 33.72 12.23
C ALA B 71 6.33 34.74 12.57
N PRO B 72 5.13 34.57 12.01
CA PRO B 72 4.04 35.52 12.31
C PRO B 72 3.43 35.38 13.69
N ASP B 73 4.12 34.72 14.63
CA ASP B 73 3.78 34.80 16.06
C ASP B 73 2.37 34.28 16.33
N ALA B 74 2.21 32.97 16.17
CA ALA B 74 0.97 32.31 16.52
C ALA B 74 0.67 32.33 18.02
N ALA B 75 1.50 32.97 18.84
CA ALA B 75 1.28 33.01 20.28
C ALA B 75 0.43 34.19 20.72
N LEU B 76 0.43 35.29 19.98
CA LEU B 76 -0.47 36.41 20.25
C LEU B 76 -1.75 36.31 19.44
N ALA B 77 -1.71 35.71 18.26
CA ALA B 77 -2.88 35.55 17.43
C ALA B 77 -3.82 34.47 17.94
N SER B 78 -3.44 33.73 18.98
CA SER B 78 -4.27 32.66 19.49
C SER B 78 -4.75 32.90 20.91
N ILE B 79 -4.49 34.07 21.47
CA ILE B 79 -5.01 34.45 22.77
C ILE B 79 -6.00 35.59 22.67
N ILE B 80 -5.70 36.59 21.84
CA ILE B 80 -6.69 37.62 21.56
C ILE B 80 -7.84 37.03 20.74
N SER B 81 -7.55 36.03 19.92
CA SER B 81 -8.54 35.45 19.03
C SER B 81 -9.46 34.44 19.71
N THR B 82 -9.24 34.14 20.98
CA THR B 82 -10.21 33.35 21.74
C THR B 82 -10.95 34.17 22.78
N ILE B 83 -10.34 35.23 23.30
CA ILE B 83 -11.10 36.13 24.16
C ILE B 83 -12.23 36.78 23.37
N LEU B 84 -11.98 37.10 22.10
CA LEU B 84 -13.01 37.65 21.24
C LEU B 84 -13.98 36.60 20.72
N VAL B 85 -13.91 35.36 21.22
CA VAL B 85 -14.90 34.35 20.87
C VAL B 85 -15.49 33.77 22.15
N ILE B 86 -14.64 33.28 23.03
CA ILE B 86 -15.12 32.70 24.28
C ILE B 86 -15.83 33.74 25.12
N ALA B 87 -15.22 34.91 25.28
CA ALA B 87 -15.81 35.94 26.13
C ALA B 87 -16.87 36.71 25.38
N GLY B 88 -16.50 37.41 24.32
CA GLY B 88 -17.52 38.16 23.62
C GLY B 88 -18.15 37.47 22.42
N HIS B 89 -19.19 36.69 22.70
CA HIS B 89 -20.34 36.46 21.84
C HIS B 89 -20.05 36.52 20.33
N GLN B 90 -19.15 35.68 19.83
CA GLN B 90 -18.86 35.68 18.40
C GLN B 90 -18.73 34.25 17.90
N SER B 91 -18.39 34.12 16.62
CA SER B 91 -18.33 32.84 15.93
C SER B 91 -16.89 32.45 15.66
N ILE B 92 -16.69 31.17 15.32
CA ILE B 92 -15.35 30.65 15.12
C ILE B 92 -14.67 31.35 13.95
N GLY B 93 -15.33 31.39 12.80
CA GLY B 93 -14.72 31.94 11.60
C GLY B 93 -14.42 33.41 11.68
N ALA B 94 -15.13 34.16 12.52
CA ALA B 94 -14.80 35.56 12.73
C ALA B 94 -13.46 35.69 13.45
N GLY B 95 -13.27 34.91 14.52
CA GLY B 95 -12.00 34.91 15.21
C GLY B 95 -10.84 34.42 14.36
N ILE B 96 -11.05 33.35 13.59
CA ILE B 96 -9.99 32.87 12.71
C ILE B 96 -9.58 33.93 11.70
N ALA B 97 -10.56 34.66 11.17
CA ALA B 97 -10.25 35.74 10.23
C ALA B 97 -9.57 36.92 10.91
N LEU B 98 -9.95 37.23 12.14
CA LEU B 98 -9.35 38.35 12.85
C LEU B 98 -7.99 38.02 13.42
N ALA B 99 -7.62 36.74 13.47
CA ALA B 99 -6.30 36.37 13.98
C ALA B 99 -5.17 36.88 13.08
N ILE B 100 -5.41 36.93 11.76
CA ILE B 100 -4.33 37.29 10.82
C ILE B 100 -3.76 38.68 11.07
N PRO B 101 -4.56 39.74 11.22
CA PRO B 101 -3.96 41.03 11.61
C PRO B 101 -3.26 40.97 12.96
N LEU B 102 -3.76 40.17 13.90
CA LEU B 102 -3.06 40.01 15.18
C LEU B 102 -1.73 39.31 15.00
N ALA B 103 -1.69 38.29 14.14
CA ALA B 103 -0.41 37.65 13.83
C ALA B 103 0.53 38.62 13.13
N ALA B 104 0.00 39.56 12.35
CA ALA B 104 0.83 40.61 11.80
C ALA B 104 1.36 41.53 12.89
N ALA B 105 0.55 41.84 13.90
CA ALA B 105 1.05 42.56 15.06
C ALA B 105 2.21 41.80 15.69
N GLY B 106 1.93 40.60 16.21
CA GLY B 106 2.82 39.48 16.06
C GLY B 106 4.31 39.72 16.02
N GLN B 107 4.89 39.37 14.86
CA GLN B 107 6.32 39.51 14.68
C GLN B 107 6.79 40.95 14.72
N VAL B 108 5.92 41.93 14.42
CA VAL B 108 6.33 43.32 14.62
C VAL B 108 6.69 43.56 16.08
N LEU B 109 5.86 43.08 17.00
CA LEU B 109 6.18 43.20 18.42
C LEU B 109 7.40 42.36 18.79
N THR B 110 7.40 41.09 18.38
CA THR B 110 8.44 40.19 18.86
C THR B 110 9.78 40.44 18.18
N ILE B 111 9.83 41.31 17.18
CA ILE B 111 11.09 41.76 16.60
C ILE B 111 11.64 42.96 17.37
N ILE B 112 10.77 43.88 17.78
CA ILE B 112 11.22 44.98 18.62
C ILE B 112 11.75 44.43 19.95
N VAL B 113 11.06 43.44 20.52
CA VAL B 113 11.53 42.87 21.78
C VAL B 113 12.89 42.21 21.59
N ARG B 114 13.05 41.41 20.53
CA ARG B 114 14.33 40.76 20.27
C ARG B 114 15.44 41.77 20.02
N THR B 115 15.16 42.84 19.29
CA THR B 115 16.13 43.89 19.07
C THR B 115 16.53 44.62 20.35
N ILE B 116 15.57 44.90 21.23
CA ILE B 116 15.91 45.63 22.45
C ILE B 116 16.52 44.69 23.48
N THR B 117 16.50 43.38 23.21
CA THR B 117 17.17 42.44 24.11
C THR B 117 18.69 42.61 24.13
N VAL B 118 19.27 43.35 23.17
CA VAL B 118 20.73 43.48 23.08
C VAL B 118 21.31 44.02 24.37
N ALA B 119 20.57 44.86 25.08
CA ALA B 119 21.04 45.38 26.34
C ALA B 119 21.22 44.30 27.39
N PHE B 120 20.66 43.11 27.19
CA PHE B 120 20.91 42.01 28.10
C PHE B 120 22.21 41.28 27.83
N GLN B 121 22.81 41.46 26.65
CA GLN B 121 24.13 40.94 26.39
C GLN B 121 25.23 41.97 26.56
N HIS B 122 24.97 43.22 26.18
CA HIS B 122 25.92 44.27 26.54
C HIS B 122 26.05 44.42 28.05
N ALA B 123 25.09 43.92 28.81
CA ALA B 123 25.21 43.79 30.25
C ALA B 123 25.56 42.38 30.67
N ALA B 124 25.85 41.49 29.72
CA ALA B 124 26.34 40.16 30.03
C ALA B 124 27.86 40.07 30.01
N ASP B 125 28.51 40.69 29.02
CA ASP B 125 29.96 40.71 28.99
C ASP B 125 30.52 41.40 30.23
N LYS B 126 29.88 42.47 30.69
CA LYS B 126 30.32 43.10 31.92
C LYS B 126 30.20 42.17 33.12
N ALA B 127 29.42 41.10 33.00
CA ALA B 127 29.35 40.09 34.06
C ALA B 127 30.35 38.97 33.88
N ALA B 128 30.60 38.53 32.64
CA ALA B 128 31.59 37.49 32.42
C ALA B 128 32.99 37.96 32.77
N ASP B 129 33.27 39.26 32.63
CA ASP B 129 34.58 39.78 32.98
C ASP B 129 34.86 39.72 34.48
N ASN B 130 33.86 39.46 35.29
CA ASN B 130 34.07 39.42 36.73
C ASN B 130 33.54 38.16 37.38
N GLY B 131 32.42 37.63 36.91
CA GLY B 131 31.70 36.59 37.63
C GLY B 131 30.94 37.19 38.80
N ASN B 132 30.18 36.33 39.49
CA ASN B 132 30.09 34.90 39.19
C ASN B 132 29.13 34.62 38.05
N LEU B 133 28.79 33.35 37.90
CA LEU B 133 27.82 32.96 36.90
C LEU B 133 26.39 33.28 37.30
N THR B 134 26.11 33.47 38.59
CA THR B 134 24.79 33.92 38.98
C THR B 134 24.43 35.24 38.31
N ALA B 135 25.41 36.11 38.09
CA ALA B 135 25.17 37.31 37.31
C ALA B 135 24.74 36.99 35.89
N ILE B 136 25.02 35.77 35.41
CA ILE B 136 24.53 35.33 34.11
C ILE B 136 23.25 34.53 34.23
N SER B 137 23.14 33.70 35.26
CA SER B 137 21.92 32.91 35.41
C SER B 137 20.72 33.75 35.78
N TRP B 138 20.90 34.96 36.30
CA TRP B 138 19.78 35.88 36.49
C TRP B 138 19.73 36.99 35.43
N ILE B 139 20.60 36.94 34.43
CA ILE B 139 20.44 37.84 33.28
C ILE B 139 19.82 37.12 32.10
N HIS B 140 20.08 35.82 31.96
CA HIS B 140 19.42 35.09 30.89
C HIS B 140 17.92 34.97 31.14
N VAL B 141 17.52 34.68 32.37
CA VAL B 141 16.10 34.59 32.66
C VAL B 141 15.43 35.95 32.65
N SER B 142 16.11 36.98 33.15
CA SER B 142 15.53 38.32 33.19
C SER B 142 15.17 38.86 31.82
N SER B 143 15.77 38.34 30.75
CA SER B 143 15.36 38.72 29.41
C SER B 143 14.17 37.91 28.93
N LEU B 144 13.69 36.98 29.75
CA LEU B 144 12.48 36.24 29.44
C LEU B 144 11.24 36.83 30.09
N PHE B 145 11.40 37.58 31.19
CA PHE B 145 10.30 38.28 31.84
C PHE B 145 9.98 39.61 31.17
N LEU B 146 10.55 39.89 30.01
CA LEU B 146 10.24 41.08 29.26
C LEU B 146 9.53 40.79 27.95
N GLN B 147 9.64 39.56 27.45
CA GLN B 147 8.84 39.19 26.30
C GLN B 147 7.49 38.63 26.71
N ALA B 148 7.42 37.90 27.82
CA ALA B 148 6.13 37.43 28.32
C ALA B 148 5.25 38.58 28.79
N MET B 149 5.81 39.76 29.05
CA MET B 149 5.04 40.93 29.42
C MET B 149 4.72 41.81 28.24
N ARG B 150 4.78 41.27 27.02
CA ARG B 150 4.34 41.97 25.82
C ARG B 150 3.58 41.01 24.91
N VAL B 151 3.04 39.94 25.48
CA VAL B 151 2.06 39.08 24.84
C VAL B 151 0.95 38.87 25.87
N ALA B 152 1.21 39.31 27.10
CA ALA B 152 0.24 39.17 28.18
C ALA B 152 -0.35 40.48 28.64
N ILE B 153 0.23 41.62 28.27
CA ILE B 153 -0.41 42.91 28.50
C ILE B 153 -1.46 43.20 27.43
N PRO B 154 -1.19 42.97 26.13
CA PRO B 154 -2.26 43.15 25.14
C PRO B 154 -3.37 42.12 25.26
N ALA B 155 -3.22 41.15 26.17
CA ALA B 155 -4.28 40.20 26.46
C ALA B 155 -5.04 40.58 27.72
N VAL B 156 -4.72 41.73 28.31
CA VAL B 156 -5.54 42.31 29.36
C VAL B 156 -6.17 43.63 28.93
N ILE B 157 -5.54 44.36 28.02
CA ILE B 157 -6.20 45.50 27.40
C ILE B 157 -7.43 45.05 26.64
N VAL B 158 -7.36 43.89 26.01
CA VAL B 158 -8.51 43.36 25.27
C VAL B 158 -9.58 42.87 26.23
N ALA B 159 -9.22 41.96 27.14
CA ALA B 159 -10.20 41.32 28.00
C ALA B 159 -10.80 42.28 29.03
N LEU B 160 -10.44 43.55 29.03
CA LEU B 160 -11.14 44.57 29.81
C LEU B 160 -11.87 45.58 28.96
N SER B 161 -11.68 45.56 27.65
CA SER B 161 -12.41 46.43 26.74
C SER B 161 -13.41 45.68 25.88
N VAL B 162 -13.32 44.36 25.81
CA VAL B 162 -14.33 43.58 25.10
C VAL B 162 -15.67 43.69 25.81
N GLY B 163 -15.65 43.89 27.12
CA GLY B 163 -16.86 44.01 27.90
C GLY B 163 -17.50 45.37 27.85
N THR B 164 -17.72 45.91 26.65
CA THR B 164 -18.42 47.17 26.50
C THR B 164 -19.19 47.15 25.19
N SER B 165 -20.23 47.97 25.14
CA SER B 165 -21.08 48.06 23.95
C SER B 165 -20.40 48.75 22.78
N GLU B 166 -19.37 49.56 23.04
CA GLU B 166 -18.70 50.26 21.95
C GLU B 166 -18.06 49.29 20.98
N VAL B 167 -17.42 48.24 21.48
CA VAL B 167 -16.82 47.25 20.60
C VAL B 167 -17.83 46.16 20.27
N GLN B 168 -18.62 45.72 21.24
CA GLN B 168 -19.56 44.61 21.01
C GLN B 168 -20.67 44.98 20.04
N ASN B 169 -20.86 46.26 19.74
CA ASN B 169 -21.80 46.69 18.73
C ASN B 169 -21.14 47.13 17.43
N MET B 170 -19.86 47.48 17.47
CA MET B 170 -19.12 47.76 16.25
C MET B 170 -18.63 46.48 15.58
N LEU B 171 -18.78 45.33 16.22
CA LEU B 171 -18.39 44.05 15.64
C LEU B 171 -19.55 43.33 14.98
N ASN B 172 -20.73 43.95 14.90
CA ASN B 172 -21.86 43.35 14.22
C ASN B 172 -22.13 43.94 12.84
N ALA B 173 -21.56 45.10 12.52
CA ALA B 173 -21.70 45.68 11.19
C ALA B 173 -20.57 45.18 10.29
N ILE B 174 -20.52 43.87 10.13
CA ILE B 174 -19.45 43.21 9.38
C ILE B 174 -19.69 43.31 7.87
N PRO B 175 -20.87 42.98 7.34
CA PRO B 175 -22.10 42.35 7.87
C PRO B 175 -22.06 40.83 7.78
N GLU B 176 -23.23 40.19 7.85
CA GLU B 176 -23.31 38.75 7.79
C GLU B 176 -22.94 38.17 6.43
N VAL B 177 -22.94 38.99 5.37
CA VAL B 177 -22.45 38.51 4.08
C VAL B 177 -20.94 38.31 4.13
N VAL B 178 -20.21 39.21 4.81
CA VAL B 178 -18.77 39.07 4.91
C VAL B 178 -18.40 37.88 5.79
N THR B 179 -19.16 37.65 6.87
CA THR B 179 -18.82 36.56 7.78
C THR B 179 -18.82 35.22 7.07
N ASN B 180 -19.87 34.94 6.30
CA ASN B 180 -19.92 33.66 5.59
C ASN B 180 -18.92 33.62 4.44
N GLY B 181 -18.39 34.76 4.03
CA GLY B 181 -17.32 34.78 3.06
C GLY B 181 -15.95 34.57 3.64
N LEU B 182 -15.85 34.52 4.98
CA LEU B 182 -14.59 34.21 5.65
C LEU B 182 -14.55 32.79 6.18
N ASN B 183 -15.70 32.19 6.48
CA ASN B 183 -15.77 30.76 6.73
C ASN B 183 -15.51 29.95 5.48
N ILE B 184 -15.53 30.58 4.31
CA ILE B 184 -15.17 29.91 3.07
C ILE B 184 -13.67 30.04 2.79
N ALA B 185 -13.08 31.19 3.09
CA ALA B 185 -11.63 31.32 3.00
C ALA B 185 -10.92 30.53 4.09
N GLY B 186 -11.66 30.05 5.10
CA GLY B 186 -11.06 29.28 6.16
C GLY B 186 -10.76 27.85 5.78
N GLY B 187 -11.17 27.47 4.57
CA GLY B 187 -10.83 26.18 4.03
C GLY B 187 -9.78 26.30 2.95
N MET B 188 -9.41 27.54 2.62
CA MET B 188 -8.45 27.83 1.58
C MET B 188 -7.13 28.38 2.11
N ILE B 189 -7.18 29.31 3.07
CA ILE B 189 -5.95 29.91 3.60
C ILE B 189 -5.07 28.85 4.22
N VAL B 190 -5.67 27.78 4.76
CA VAL B 190 -4.90 26.70 5.37
C VAL B 190 -3.89 26.13 4.40
N VAL B 191 -4.18 26.16 3.10
CA VAL B 191 -3.28 25.62 2.11
C VAL B 191 -1.92 26.29 2.17
N VAL B 192 -1.89 27.60 2.43
CA VAL B 192 -0.60 28.28 2.55
C VAL B 192 0.24 27.60 3.62
N GLY B 193 -0.35 27.33 4.78
CA GLY B 193 0.37 26.64 5.83
C GLY B 193 0.95 25.31 5.41
N TYR B 194 0.29 24.61 4.49
CA TYR B 194 0.87 23.38 3.98
C TYR B 194 2.01 23.64 3.02
N ALA B 195 1.87 24.63 2.13
CA ALA B 195 2.90 24.84 1.12
C ALA B 195 4.23 25.23 1.72
N MET B 196 4.23 25.98 2.82
CA MET B 196 5.48 26.30 3.49
C MET B 196 6.15 25.07 4.05
N VAL B 197 5.36 24.09 4.50
CA VAL B 197 5.93 22.86 5.03
C VAL B 197 6.52 22.01 3.92
N ILE B 198 5.75 21.77 2.85
CA ILE B 198 6.22 20.94 1.76
C ILE B 198 7.46 21.56 1.10
N ASN B 199 7.58 22.88 1.12
CA ASN B 199 8.76 23.52 0.54
C ASN B 199 10.02 23.18 1.32
N MET B 200 9.90 22.90 2.62
CA MET B 200 11.07 22.52 3.39
C MET B 200 11.52 21.11 3.02
N MET B 201 10.60 20.16 3.12
CA MET B 201 10.89 18.74 2.90
C MET B 201 10.61 18.32 1.47
N ARG B 202 11.09 19.07 0.48
CA ARG B 202 10.83 18.72 -0.90
C ARG B 202 12.10 18.16 -1.52
N ALA B 203 12.04 16.87 -1.85
CA ALA B 203 13.05 16.23 -2.67
C ALA B 203 12.36 15.68 -3.91
N GLY B 204 13.00 15.86 -5.08
CA GLY B 204 12.36 15.47 -6.31
C GLY B 204 12.03 13.99 -6.39
N TYR B 205 12.81 13.14 -5.74
CA TYR B 205 12.57 11.71 -5.77
C TYR B 205 11.63 11.23 -4.68
N LEU B 206 11.27 12.08 -3.73
CA LEU B 206 10.32 11.71 -2.69
C LEU B 206 8.92 12.26 -2.94
N MET B 207 8.75 13.05 -3.99
CA MET B 207 7.43 13.53 -4.37
C MET B 207 6.45 12.41 -4.69
N PRO B 208 6.90 11.23 -5.14
CA PRO B 208 5.95 10.10 -5.22
C PRO B 208 5.25 9.79 -3.93
N PHE B 209 5.87 10.06 -2.77
CA PHE B 209 5.20 9.86 -1.50
C PHE B 209 4.19 10.95 -1.18
N PHE B 210 4.26 12.10 -1.86
CA PHE B 210 3.22 13.11 -1.71
C PHE B 210 1.94 12.65 -2.37
N TYR B 211 1.97 12.44 -3.68
CA TYR B 211 0.80 12.03 -4.45
C TYR B 211 0.28 10.67 -4.03
N LEU B 212 1.08 9.86 -3.35
CA LEU B 212 0.58 8.64 -2.75
C LEU B 212 -0.23 8.91 -1.49
N GLY B 213 0.24 9.79 -0.62
CA GLY B 213 -0.56 10.19 0.52
C GLY B 213 -1.70 11.09 0.18
N PHE B 214 -1.70 11.62 -1.05
CA PHE B 214 -2.83 12.40 -1.53
C PHE B 214 -3.99 11.49 -1.93
N VAL B 215 -3.74 10.57 -2.86
CA VAL B 215 -4.80 9.70 -3.37
C VAL B 215 -5.39 8.85 -2.27
N THR B 216 -4.53 8.27 -1.42
CA THR B 216 -5.04 7.45 -0.33
C THR B 216 -5.89 8.23 0.66
N ALA B 217 -5.84 9.55 0.64
CA ALA B 217 -6.74 10.33 1.45
C ALA B 217 -8.11 10.49 0.80
N ALA B 218 -8.16 10.58 -0.52
CA ALA B 218 -9.42 10.80 -1.21
C ALA B 218 -10.38 9.64 -1.05
N PHE B 219 -9.88 8.41 -1.16
CA PHE B 219 -10.72 7.23 -1.30
C PHE B 219 -10.66 6.28 -0.12
N THR B 220 -10.15 6.69 1.02
CA THR B 220 -10.00 5.83 2.17
C THR B 220 -10.36 6.62 3.42
N ASN B 221 -10.74 5.93 4.48
CA ASN B 221 -11.17 6.56 5.73
C ASN B 221 -10.17 6.36 6.86
N PHE B 222 -8.87 6.46 6.60
CA PHE B 222 -7.90 6.43 7.67
C PHE B 222 -7.98 7.70 8.52
N ASN B 223 -7.45 7.63 9.73
CA ASN B 223 -7.28 8.80 10.58
C ASN B 223 -6.06 9.58 10.11
N LEU B 224 -5.62 10.53 10.91
CA LEU B 224 -4.26 11.03 10.78
C LEU B 224 -3.27 10.27 11.62
N VAL B 225 -3.74 9.55 12.65
CA VAL B 225 -2.85 8.62 13.34
C VAL B 225 -2.50 7.45 12.43
N ALA B 226 -3.49 6.89 11.74
CA ALA B 226 -3.22 5.82 10.79
C ALA B 226 -2.36 6.28 9.63
N LEU B 227 -2.58 7.48 9.11
CA LEU B 227 -1.74 8.03 8.07
C LEU B 227 -0.38 8.47 8.58
N GLY B 228 -0.22 8.62 9.89
CA GLY B 228 1.08 8.95 10.44
C GLY B 228 1.86 7.70 10.79
N VAL B 229 1.16 6.58 10.92
CA VAL B 229 1.79 5.29 11.16
C VAL B 229 2.16 4.60 9.86
N ILE B 230 1.28 4.64 8.86
CA ILE B 230 1.63 4.13 7.54
C ILE B 230 2.81 4.90 6.98
N GLY B 231 2.87 6.21 7.24
CA GLY B 231 4.01 7.00 6.78
C GLY B 231 5.32 6.52 7.37
N THR B 232 5.36 6.29 8.68
CA THR B 232 6.61 5.84 9.30
C THR B 232 6.97 4.43 8.89
N VAL B 233 5.98 3.56 8.70
CA VAL B 233 6.29 2.22 8.22
C VAL B 233 6.88 2.28 6.83
N MET B 234 6.30 3.08 5.94
CA MET B 234 6.84 3.27 4.61
C MET B 234 8.24 3.86 4.64
N ALA B 235 8.48 4.85 5.49
CA ALA B 235 9.81 5.45 5.60
C ALA B 235 10.84 4.44 6.10
N VAL B 236 10.52 3.68 7.15
CA VAL B 236 11.47 2.70 7.66
C VAL B 236 11.78 1.65 6.59
N LEU B 237 10.76 1.17 5.88
CA LEU B 237 11.01 0.16 4.86
C LEU B 237 11.77 0.72 3.67
N TYR B 238 11.54 1.99 3.31
CA TYR B 238 12.33 2.59 2.23
C TYR B 238 13.79 2.72 2.64
N ILE B 239 14.06 3.13 3.89
CA ILE B 239 15.44 3.22 4.34
C ILE B 239 16.06 1.83 4.44
N GLN B 240 15.25 0.82 4.73
CA GLN B 240 15.75 -0.55 4.82
C GLN B 240 16.18 -1.08 3.46
N LEU B 241 15.41 -0.76 2.43
CA LEU B 241 15.77 -0.98 1.03
C LEU B 241 16.62 0.21 0.57
N SER B 242 16.66 0.48 -0.74
CA SER B 242 17.43 1.60 -1.26
C SER B 242 18.91 1.41 -1.03
N PRO B 243 19.58 0.60 -1.85
CA PRO B 243 20.95 0.16 -1.54
C PRO B 243 21.96 1.28 -1.42
N LYS B 244 21.51 2.54 -1.49
CA LYS B 244 22.40 3.64 -1.16
C LYS B 244 22.98 3.48 0.25
N TYR B 245 22.21 2.87 1.15
CA TYR B 245 22.71 2.59 2.50
C TYR B 245 23.29 1.20 2.63
N ASN B 246 23.34 0.42 1.55
CA ASN B 246 23.98 -0.89 1.58
C ASN B 246 25.43 -0.80 1.15
N ARG B 247 25.75 -0.28 -0.03
CA ARG B 247 27.17 -0.35 -0.47
C ARG B 247 28.01 0.86 -0.96
N VAL B 248 29.27 0.57 -1.33
CA VAL B 248 30.25 1.54 -1.78
C VAL B 248 30.43 1.42 -3.29
N LYS C 11 20.86 -51.16 -5.33
CA LYS C 11 20.63 -51.81 -6.61
C LYS C 11 19.56 -51.10 -7.41
N LYS C 12 19.83 -49.83 -7.75
CA LYS C 12 18.96 -49.06 -8.63
C LYS C 12 17.55 -48.97 -8.08
N LEU C 13 17.37 -48.29 -6.95
CA LEU C 13 16.06 -48.07 -6.33
C LEU C 13 15.07 -47.61 -7.41
N THR C 14 14.05 -48.45 -7.62
CA THR C 14 13.05 -48.22 -8.66
C THR C 14 12.34 -46.89 -8.44
N GLN C 15 11.83 -46.29 -9.52
CA GLN C 15 11.13 -45.01 -9.40
C GLN C 15 9.91 -45.18 -8.49
N SER C 16 9.20 -46.29 -8.63
CA SER C 16 8.02 -46.55 -7.82
C SER C 16 8.38 -46.70 -6.35
N ASP C 17 9.65 -47.00 -6.05
CA ASP C 17 10.06 -47.12 -4.66
C ASP C 17 10.04 -45.75 -3.99
N ILE C 18 10.34 -44.70 -4.74
CA ILE C 18 10.26 -43.33 -4.22
C ILE C 18 8.79 -42.98 -3.99
N ARG C 19 7.93 -43.42 -4.89
CA ARG C 19 6.49 -43.25 -4.73
C ARG C 19 6.05 -43.94 -3.44
N GLY C 20 6.65 -45.08 -3.15
CA GLY C 20 6.37 -45.79 -1.92
C GLY C 20 6.85 -45.09 -0.67
N VAL C 21 8.07 -44.52 -0.73
CA VAL C 21 8.59 -43.80 0.43
C VAL C 21 7.77 -42.55 0.70
N PHE C 22 7.33 -41.86 -0.36
CA PHE C 22 6.39 -40.76 -0.17
C PHE C 22 5.13 -41.17 0.56
N LEU C 23 4.45 -42.22 0.10
CA LEU C 23 3.23 -42.66 0.75
C LEU C 23 3.46 -43.18 2.15
N ARG C 24 4.62 -43.76 2.42
CA ARG C 24 4.93 -44.27 3.75
C ARG C 24 5.52 -43.21 4.66
N SER C 25 5.78 -42.01 4.15
CA SER C 25 6.32 -40.93 4.96
C SER C 25 5.22 -39.98 5.42
N ASN C 26 4.02 -40.14 4.89
CA ASN C 26 2.91 -39.30 5.33
C ASN C 26 2.66 -39.46 6.81
N LEU C 27 2.70 -40.69 7.31
CA LEU C 27 2.54 -40.94 8.74
C LEU C 27 3.93 -41.08 9.37
N PHE C 28 4.70 -40.00 9.25
CA PHE C 28 6.07 -39.97 9.74
C PHE C 28 6.12 -39.97 11.26
N GLN C 29 5.63 -38.90 11.93
CA GLN C 29 5.64 -38.74 13.44
C GLN C 29 5.06 -40.00 13.96
N GLY C 30 5.67 -40.53 15.06
CA GLY C 30 5.70 -41.91 15.47
C GLY C 30 4.44 -42.44 16.10
N SER C 31 4.51 -43.17 17.22
CA SER C 31 5.69 -43.51 18.04
C SER C 31 6.67 -42.35 18.30
N TRP C 32 6.12 -41.15 18.48
CA TRP C 32 6.90 -40.00 18.90
C TRP C 32 7.31 -40.17 20.35
N ASN C 33 8.43 -40.81 20.59
CA ASN C 33 8.82 -41.15 21.93
C ASN C 33 9.46 -39.94 22.61
N PHE C 34 9.97 -40.11 23.82
CA PHE C 34 10.86 -39.13 24.41
C PHE C 34 12.29 -39.60 24.47
N GLU C 35 12.54 -40.91 24.40
CA GLU C 35 13.90 -41.42 24.39
C GLU C 35 14.56 -41.20 23.04
N ARG C 36 13.88 -41.57 21.96
CA ARG C 36 14.38 -41.41 20.59
C ARG C 36 13.24 -40.89 19.73
N MET C 37 13.11 -39.57 19.68
CA MET C 37 11.98 -38.94 19.01
C MET C 37 12.01 -39.23 17.52
N GLN C 38 10.88 -39.69 16.99
CA GLN C 38 10.68 -39.95 15.57
C GLN C 38 11.64 -41.00 15.02
N ALA C 39 12.41 -41.65 15.89
CA ALA C 39 13.44 -42.57 15.42
C ALA C 39 12.81 -43.75 14.69
N LEU C 40 11.82 -44.39 15.29
CA LEU C 40 11.17 -45.52 14.63
C LEU C 40 10.45 -45.09 13.36
N GLY C 41 9.93 -43.86 13.33
CA GLY C 41 9.30 -43.35 12.14
C GLY C 41 10.23 -43.22 10.95
N PHE C 42 11.53 -43.04 11.21
CA PHE C 42 12.50 -42.98 10.13
C PHE C 42 12.77 -44.37 9.56
N CYS C 43 12.92 -45.36 10.44
CA CYS C 43 13.06 -46.74 9.96
C CYS C 43 11.83 -47.16 9.18
N PHE C 44 10.65 -46.77 9.66
CA PHE C 44 9.43 -47.12 8.94
C PHE C 44 9.38 -46.45 7.58
N SER C 45 9.89 -45.22 7.46
CA SER C 45 9.87 -44.54 6.17
C SER C 45 10.90 -45.13 5.22
N MET C 46 11.99 -45.69 5.76
CA MET C 46 13.01 -46.28 4.90
C MET C 46 12.83 -47.78 4.70
N VAL C 47 11.82 -48.40 5.30
CA VAL C 47 11.58 -49.82 5.04
C VAL C 47 11.51 -50.16 3.55
N PRO C 48 10.75 -49.45 2.71
CA PRO C 48 10.68 -49.84 1.30
C PRO C 48 12.03 -49.81 0.60
N ALA C 49 12.93 -48.88 0.95
CA ALA C 49 14.26 -48.90 0.36
C ALA C 49 14.99 -50.18 0.72
N ILE C 50 15.05 -50.51 2.02
CA ILE C 50 15.73 -51.71 2.47
C ILE C 50 15.04 -52.99 2.01
N ARG C 51 13.82 -52.89 1.46
CA ARG C 51 13.15 -54.08 0.96
C ARG C 51 13.92 -54.66 -0.23
N ARG C 52 14.07 -53.91 -1.32
CA ARG C 52 14.76 -54.40 -2.49
C ARG C 52 16.25 -54.10 -2.49
N LEU C 53 16.74 -53.30 -1.56
CA LEU C 53 18.16 -53.01 -1.49
C LEU C 53 18.96 -54.19 -0.96
N TYR C 54 18.37 -55.03 -0.11
CA TYR C 54 19.08 -56.06 0.59
C TYR C 54 18.30 -57.37 0.58
N PRO C 55 18.97 -58.51 0.61
CA PRO C 55 18.31 -59.75 1.04
C PRO C 55 18.44 -59.93 2.54
N GLU C 56 17.97 -61.06 3.08
CA GLU C 56 18.15 -61.35 4.50
C GLU C 56 19.60 -61.73 4.75
N ASN C 57 20.30 -60.95 5.57
CA ASN C 57 21.71 -61.20 5.83
C ASN C 57 22.10 -60.55 7.14
N ASN C 58 23.23 -61.01 7.69
CA ASN C 58 23.77 -60.48 8.93
C ASN C 58 24.16 -59.01 8.77
N GLU C 59 25.15 -58.76 7.92
CA GLU C 59 25.64 -57.40 7.73
C GLU C 59 24.69 -56.56 6.89
N ALA C 60 23.96 -57.19 5.97
CA ALA C 60 23.07 -56.43 5.11
C ALA C 60 21.87 -55.88 5.87
N ARG C 61 21.49 -56.54 6.98
CA ARG C 61 20.35 -56.12 7.77
C ARG C 61 20.75 -55.51 9.11
N LYS C 62 21.96 -54.99 9.22
CA LYS C 62 22.32 -54.21 10.40
C LYS C 62 22.09 -52.73 10.20
N GLN C 63 21.65 -52.31 9.01
CA GLN C 63 21.39 -50.89 8.80
C GLN C 63 20.20 -50.40 9.59
N ALA C 64 19.16 -51.24 9.73
CA ALA C 64 18.04 -50.86 10.58
C ALA C 64 18.50 -50.56 12.00
N ILE C 65 19.60 -51.17 12.44
CA ILE C 65 20.16 -50.79 13.73
C ILE C 65 20.65 -49.35 13.71
N ARG C 66 21.32 -48.94 12.63
CA ARG C 66 21.88 -47.59 12.60
C ARG C 66 20.82 -46.53 12.35
N ARG C 67 19.68 -46.91 11.78
CA ARG C 67 18.60 -45.94 11.63
C ARG C 67 17.97 -45.62 12.98
N HIS C 68 18.07 -46.52 13.95
CA HIS C 68 17.66 -46.27 15.33
C HIS C 68 18.77 -45.68 16.17
N LEU C 69 19.99 -45.59 15.65
CA LEU C 69 21.17 -45.39 16.48
C LEU C 69 21.10 -44.12 17.31
N GLU C 70 20.29 -43.14 16.91
CA GLU C 70 20.25 -41.88 17.63
C GLU C 70 18.93 -41.18 17.34
N PHE C 71 18.81 -39.97 17.89
CA PHE C 71 17.71 -39.08 17.54
C PHE C 71 17.55 -38.96 16.04
N PHE C 72 16.34 -38.65 15.62
CA PHE C 72 16.11 -37.89 14.40
C PHE C 72 14.93 -37.00 14.73
N ASN C 73 15.21 -35.81 15.26
CA ASN C 73 14.17 -34.96 15.82
C ASN C 73 14.14 -33.65 15.04
N THR C 74 13.42 -33.68 13.93
CA THR C 74 13.17 -32.49 13.12
C THR C 74 11.67 -32.37 12.89
N GLN C 75 11.28 -31.45 12.02
CA GLN C 75 9.89 -31.30 11.67
C GLN C 75 9.46 -32.43 10.72
N PRO C 76 8.20 -32.86 10.80
CA PRO C 76 7.72 -33.85 9.83
C PRO C 76 7.75 -33.38 8.39
N PHE C 77 7.65 -32.08 8.11
CA PHE C 77 7.51 -31.65 6.73
C PHE C 77 8.86 -31.38 6.08
N VAL C 78 9.78 -30.75 6.80
CA VAL C 78 11.17 -30.69 6.34
C VAL C 78 11.85 -31.94 6.88
N ALA C 79 11.49 -33.07 6.28
CA ALA C 79 12.18 -34.34 6.48
C ALA C 79 12.25 -35.10 5.18
N ALA C 80 11.70 -34.57 4.10
CA ALA C 80 11.76 -35.15 2.78
C ALA C 80 13.12 -34.92 2.14
N PRO C 81 13.72 -33.72 2.24
CA PRO C 81 15.12 -33.60 1.78
C PRO C 81 16.05 -34.56 2.49
N ILE C 82 15.90 -34.74 3.79
CA ILE C 82 16.77 -35.66 4.51
C ILE C 82 16.53 -37.08 4.05
N LEU C 83 15.27 -37.45 3.84
CA LEU C 83 14.96 -38.78 3.34
C LEU C 83 15.58 -39.02 1.97
N GLY C 84 15.46 -38.04 1.06
CA GLY C 84 16.05 -38.21 -0.25
C GLY C 84 17.57 -38.27 -0.23
N VAL C 85 18.21 -37.48 0.64
CA VAL C 85 19.66 -37.51 0.74
C VAL C 85 20.12 -38.85 1.30
N THR C 86 19.46 -39.34 2.35
CA THR C 86 19.88 -40.61 2.94
C THR C 86 19.54 -41.80 2.05
N LEU C 87 18.51 -41.69 1.21
CA LEU C 87 18.29 -42.70 0.18
C LEU C 87 19.47 -42.74 -0.78
N ALA C 88 19.89 -41.57 -1.27
CA ALA C 88 21.02 -41.51 -2.19
C ALA C 88 22.30 -42.04 -1.55
N LEU C 89 22.49 -41.83 -0.26
CA LEU C 89 23.68 -42.35 0.40
C LEU C 89 23.74 -43.87 0.40
N GLU C 90 22.62 -44.56 0.20
CA GLU C 90 22.62 -46.01 0.30
C GLU C 90 23.27 -46.67 -0.91
N GLU C 91 23.00 -46.19 -2.12
CA GLU C 91 23.65 -46.75 -3.30
C GLU C 91 25.16 -46.65 -3.18
N GLN C 92 25.66 -45.49 -2.75
CA GLN C 92 27.09 -45.31 -2.56
C GLN C 92 27.63 -46.20 -1.45
N ARG C 93 26.77 -46.75 -0.60
CA ARG C 93 27.17 -47.77 0.35
C ARG C 93 26.77 -49.17 -0.09
N ALA C 94 25.71 -49.30 -0.88
CA ALA C 94 25.33 -50.63 -1.37
C ALA C 94 25.97 -50.93 -2.72
N ASN C 95 25.63 -50.12 -3.74
CA ASN C 95 26.16 -50.38 -5.08
C ASN C 95 27.60 -49.90 -5.21
N GLY C 96 27.82 -48.60 -5.04
CA GLY C 96 29.16 -48.06 -5.13
C GLY C 96 30.10 -48.57 -4.05
N ALA C 97 29.54 -49.05 -2.93
CA ALA C 97 30.31 -49.61 -1.82
C ALA C 97 31.36 -48.65 -1.28
N GLU C 98 31.21 -47.35 -1.56
CA GLU C 98 32.13 -46.36 -1.01
C GLU C 98 31.92 -46.28 0.48
N ILE C 99 32.98 -46.57 1.24
CA ILE C 99 32.84 -46.85 2.67
C ILE C 99 32.31 -45.61 3.39
N ASP C 100 31.23 -45.79 4.13
CA ASP C 100 30.64 -44.71 4.92
C ASP C 100 29.73 -45.34 5.96
N ASP C 101 30.10 -45.22 7.23
CA ASP C 101 29.27 -45.73 8.33
C ASP C 101 28.82 -44.62 9.26
N GLY C 102 29.75 -43.82 9.77
CA GLY C 102 29.39 -42.76 10.70
C GLY C 102 28.76 -41.56 10.02
N ALA C 103 29.17 -41.26 8.79
CA ALA C 103 28.70 -40.04 8.15
C ALA C 103 27.25 -40.14 7.69
N ILE C 104 26.69 -41.34 7.58
CA ILE C 104 25.26 -41.46 7.30
C ILE C 104 24.46 -40.85 8.43
N ASN C 105 24.82 -41.18 9.68
CA ASN C 105 24.24 -40.48 10.81
C ASN C 105 24.77 -39.06 10.95
N GLY C 106 25.97 -38.79 10.44
CA GLY C 106 26.52 -37.47 10.51
C GLY C 106 25.68 -36.48 9.75
N ILE C 107 25.22 -36.88 8.57
CA ILE C 107 24.36 -36.03 7.77
C ILE C 107 23.00 -35.85 8.43
N LYS C 108 22.46 -36.92 9.02
CA LYS C 108 21.20 -36.81 9.76
C LYS C 108 21.32 -35.77 10.86
N VAL C 109 22.39 -35.85 11.65
CA VAL C 109 22.56 -34.92 12.75
C VAL C 109 22.83 -33.50 12.24
N GLY C 110 23.60 -33.38 11.15
CA GLY C 110 23.89 -32.07 10.61
C GLY C 110 22.69 -31.36 10.02
N LEU C 111 21.75 -32.11 9.45
CA LEU C 111 20.52 -31.53 8.93
C LEU C 111 19.40 -31.50 9.96
N MET C 112 19.59 -32.17 11.11
CA MET C 112 18.68 -32.00 12.23
C MET C 112 18.62 -30.56 12.71
N GLY C 113 19.77 -29.93 12.91
CA GLY C 113 19.87 -28.66 13.56
C GLY C 113 19.21 -27.52 12.82
N PRO C 114 19.78 -27.15 11.66
CA PRO C 114 19.19 -26.03 10.91
C PRO C 114 17.76 -26.28 10.47
N LEU C 115 17.44 -27.50 10.01
CA LEU C 115 16.11 -27.75 9.49
C LEU C 115 15.04 -27.83 10.58
N ALA C 116 15.42 -28.06 11.83
CA ALA C 116 14.47 -27.98 12.92
C ALA C 116 14.13 -26.54 13.27
N GLY C 117 15.04 -25.60 13.02
CA GLY C 117 14.83 -24.20 13.31
C GLY C 117 14.41 -23.37 12.13
N VAL C 118 14.45 -23.92 10.92
CA VAL C 118 13.97 -23.21 9.74
C VAL C 118 12.62 -23.75 9.30
N GLY C 119 12.24 -24.93 9.81
CA GLY C 119 10.95 -25.49 9.44
C GLY C 119 9.86 -25.16 10.44
N ASP C 120 10.20 -25.11 11.73
CA ASP C 120 9.21 -24.76 12.74
C ASP C 120 8.64 -23.35 12.55
N PRO C 121 9.42 -22.30 12.32
CA PRO C 121 8.83 -20.98 12.13
C PRO C 121 8.22 -20.74 10.77
N ILE C 122 8.03 -21.78 9.95
CA ILE C 122 7.30 -21.67 8.70
C ILE C 122 5.98 -22.42 8.77
N PHE C 123 6.03 -23.74 8.91
CA PHE C 123 4.80 -24.52 8.88
C PHE C 123 3.99 -24.35 10.15
N TRP C 124 4.64 -24.39 11.32
CA TRP C 124 3.96 -23.94 12.52
C TRP C 124 4.00 -22.43 12.66
N GLY C 125 4.62 -21.75 11.69
CA GLY C 125 4.86 -20.34 11.68
C GLY C 125 3.83 -19.64 10.81
N THR C 126 4.13 -19.43 9.54
CA THR C 126 3.26 -18.68 8.65
C THR C 126 2.50 -19.56 7.66
N VAL C 127 2.23 -20.82 8.03
CA VAL C 127 1.44 -21.71 7.19
C VAL C 127 0.25 -22.27 7.95
N ARG C 128 0.50 -22.93 9.08
CA ARG C 128 -0.62 -23.48 9.85
C ARG C 128 -1.54 -22.41 10.41
N PRO C 129 -1.05 -21.33 11.04
CA PRO C 129 -1.99 -20.34 11.58
C PRO C 129 -2.34 -19.23 10.60
N VAL C 130 -1.86 -19.29 9.38
CA VAL C 130 -2.33 -18.39 8.32
C VAL C 130 -3.46 -19.04 7.54
N PHE C 131 -3.32 -20.29 7.16
CA PHE C 131 -4.47 -21.01 6.62
C PHE C 131 -5.54 -21.24 7.69
N ALA C 132 -5.12 -21.51 8.93
CA ALA C 132 -6.06 -21.65 10.04
C ALA C 132 -6.75 -20.35 10.39
N ALA C 133 -6.23 -19.21 9.95
CA ALA C 133 -6.91 -17.94 10.13
C ALA C 133 -7.75 -17.56 8.93
N LEU C 134 -7.32 -17.91 7.72
CA LEU C 134 -8.15 -17.69 6.54
C LEU C 134 -9.40 -18.55 6.59
N GLY C 135 -9.28 -19.79 7.06
CA GLY C 135 -10.41 -20.68 7.11
C GLY C 135 -11.12 -20.67 8.45
N ALA C 136 -10.89 -19.65 9.26
CA ALA C 136 -11.62 -19.51 10.52
C ALA C 136 -12.32 -18.16 10.63
N GLY C 137 -12.05 -17.22 9.73
CA GLY C 137 -12.87 -16.04 9.65
C GLY C 137 -14.10 -16.32 8.83
N ILE C 138 -14.09 -17.47 8.17
CA ILE C 138 -15.20 -17.93 7.37
C ILE C 138 -16.02 -18.98 8.11
N ALA C 139 -15.36 -19.81 8.91
CA ALA C 139 -16.07 -20.83 9.67
C ALA C 139 -17.00 -20.22 10.72
N MET C 140 -16.80 -18.96 11.07
CA MET C 140 -17.75 -18.27 11.95
C MET C 140 -19.08 -18.06 11.24
N SER C 141 -19.06 -17.31 10.14
CA SER C 141 -20.28 -17.03 9.40
C SER C 141 -20.62 -18.17 8.44
N GLY C 142 -19.73 -18.44 7.48
CA GLY C 142 -19.98 -19.45 6.47
C GLY C 142 -20.04 -20.85 7.06
N SER C 143 -20.13 -21.82 6.16
CA SER C 143 -20.22 -23.22 6.57
C SER C 143 -19.04 -24.05 6.10
N LEU C 144 -18.81 -24.16 4.80
CA LEU C 144 -17.83 -25.09 4.28
C LEU C 144 -16.78 -24.45 3.41
N LEU C 145 -16.55 -23.15 3.54
CA LEU C 145 -15.41 -22.51 2.90
C LEU C 145 -14.33 -22.19 3.90
N GLY C 146 -14.60 -22.37 5.19
CA GLY C 146 -13.60 -22.23 6.21
C GLY C 146 -12.85 -23.51 6.46
N PRO C 147 -13.57 -24.56 6.89
CA PRO C 147 -12.91 -25.83 7.19
C PRO C 147 -12.61 -26.64 5.96
N LEU C 148 -12.71 -26.03 4.79
CA LEU C 148 -12.36 -26.70 3.54
C LEU C 148 -11.32 -25.93 2.75
N LEU C 149 -11.26 -24.60 2.85
CA LEU C 149 -10.11 -23.86 2.37
C LEU C 149 -8.86 -24.15 3.21
N PHE C 150 -9.04 -24.61 4.44
CA PHE C 150 -7.93 -25.09 5.25
C PHE C 150 -7.45 -26.45 4.77
N PHE C 151 -8.36 -27.43 4.72
CA PHE C 151 -7.96 -28.79 4.42
C PHE C 151 -7.42 -28.96 3.01
N ILE C 152 -7.86 -28.15 2.06
CA ILE C 152 -7.30 -28.23 0.71
C ILE C 152 -5.99 -27.48 0.62
N LEU C 153 -5.96 -26.25 1.12
CA LEU C 153 -4.79 -25.41 0.93
C LEU C 153 -3.62 -25.76 1.85
N PHE C 154 -3.86 -26.45 2.96
CA PHE C 154 -2.75 -26.83 3.82
C PHE C 154 -2.26 -28.24 3.57
N ASN C 155 -3.12 -29.14 3.11
CA ASN C 155 -2.70 -30.49 2.78
C ASN C 155 -2.16 -30.59 1.38
N LEU C 156 -2.07 -29.48 0.65
CA LEU C 156 -1.26 -29.38 -0.55
C LEU C 156 0.13 -28.86 -0.27
N VAL C 157 0.24 -27.81 0.55
CA VAL C 157 1.54 -27.24 0.87
C VAL C 157 2.39 -28.24 1.65
N ARG C 158 1.76 -29.17 2.37
CA ARG C 158 2.56 -30.20 3.04
C ARG C 158 2.96 -31.30 2.09
N LEU C 159 2.18 -31.51 1.02
CA LEU C 159 2.50 -32.55 0.05
C LEU C 159 3.48 -32.08 -1.01
N ALA C 160 3.39 -30.80 -1.41
CA ALA C 160 4.41 -30.25 -2.28
C ALA C 160 5.75 -30.12 -1.56
N THR C 161 5.74 -30.14 -0.23
CA THR C 161 6.96 -30.13 0.56
C THR C 161 7.49 -31.53 0.81
N ARG C 162 6.69 -32.55 0.55
CA ARG C 162 7.20 -33.89 0.74
C ARG C 162 7.54 -34.59 -0.56
N TYR C 163 6.69 -34.53 -1.57
CA TYR C 163 7.03 -35.18 -2.83
C TYR C 163 8.19 -34.47 -3.52
N TYR C 164 8.09 -33.16 -3.69
CA TYR C 164 9.16 -32.36 -4.24
C TYR C 164 10.34 -32.26 -3.30
N GLY C 165 10.18 -32.70 -2.06
CA GLY C 165 11.30 -32.79 -1.16
C GLY C 165 12.08 -34.06 -1.41
N VAL C 166 11.40 -35.20 -1.37
CA VAL C 166 12.06 -36.49 -1.56
C VAL C 166 12.65 -36.61 -2.96
N ALA C 167 11.86 -36.30 -4.00
CA ALA C 167 12.38 -36.46 -5.36
C ALA C 167 13.59 -35.58 -5.60
N TYR C 168 13.50 -34.31 -5.21
CA TYR C 168 14.54 -33.33 -5.48
C TYR C 168 15.70 -33.41 -4.49
N GLY C 169 15.56 -34.16 -3.41
CA GLY C 169 16.66 -34.36 -2.50
C GLY C 169 17.26 -35.74 -2.66
N TYR C 170 16.65 -36.55 -3.52
CA TYR C 170 17.21 -37.84 -3.89
C TYR C 170 18.14 -37.74 -5.08
N SER C 171 17.69 -37.09 -6.16
CA SER C 171 18.53 -36.95 -7.34
C SER C 171 19.79 -36.13 -7.05
N LYS C 172 19.77 -35.30 -6.02
CA LYS C 172 20.91 -34.47 -5.65
C LYS C 172 21.47 -35.01 -4.34
N GLY C 173 22.70 -35.52 -4.37
CA GLY C 173 23.32 -36.09 -3.19
C GLY C 173 23.81 -35.05 -2.22
N ILE C 174 24.94 -35.32 -1.58
CA ILE C 174 25.48 -34.39 -0.59
C ILE C 174 25.79 -33.05 -1.23
N ASP C 175 26.27 -33.08 -2.48
CA ASP C 175 26.90 -31.92 -3.09
C ASP C 175 26.01 -30.69 -3.07
N ILE C 176 24.69 -30.87 -3.14
CA ILE C 176 23.78 -29.73 -3.16
C ILE C 176 22.93 -29.77 -1.91
N VAL C 177 23.52 -30.26 -0.82
CA VAL C 177 23.04 -29.96 0.53
C VAL C 177 23.68 -28.68 1.04
N LYS C 178 24.99 -28.56 0.92
CA LYS C 178 25.70 -27.34 1.26
C LYS C 178 25.41 -26.20 0.28
N ASP C 179 24.78 -26.48 -0.86
CA ASP C 179 24.51 -25.46 -1.85
C ASP C 179 23.20 -24.71 -1.56
N MET C 180 22.09 -25.43 -1.49
CA MET C 180 20.81 -24.80 -1.21
C MET C 180 20.60 -24.57 0.28
N GLY C 181 21.52 -25.05 1.11
CA GLY C 181 21.53 -24.70 2.52
C GLY C 181 22.05 -23.30 2.78
N GLY C 182 22.42 -22.56 1.74
CA GLY C 182 22.85 -21.19 1.89
C GLY C 182 22.16 -20.27 0.91
N GLY C 183 21.47 -19.26 1.42
CA GLY C 183 20.80 -18.28 0.57
C GLY C 183 19.32 -18.46 0.29
N PHE C 184 18.90 -19.67 -0.10
CA PHE C 184 17.50 -19.86 -0.45
C PHE C 184 16.59 -19.85 0.76
N LEU C 185 16.99 -20.54 1.83
CA LEU C 185 16.15 -20.61 3.01
C LEU C 185 16.07 -19.29 3.75
N GLN C 186 17.09 -18.44 3.66
CA GLN C 186 16.95 -17.07 4.17
C GLN C 186 15.87 -16.32 3.43
N LYS C 187 15.80 -16.47 2.11
CA LYS C 187 14.70 -15.89 1.35
C LYS C 187 13.37 -16.48 1.81
N LEU C 188 13.31 -17.78 2.02
CA LEU C 188 12.05 -18.44 2.32
C LEU C 188 11.54 -18.12 3.72
N THR C 189 12.41 -17.82 4.67
CA THR C 189 11.98 -17.45 6.01
C THR C 189 11.97 -15.96 6.26
N GLU C 190 12.49 -15.15 5.34
CA GLU C 190 12.23 -13.72 5.44
C GLU C 190 10.96 -13.33 4.70
N GLY C 191 10.58 -14.09 3.69
CA GLY C 191 9.28 -13.91 3.08
C GLY C 191 8.14 -14.50 3.86
N ALA C 192 8.39 -15.56 4.63
CA ALA C 192 7.36 -16.13 5.48
C ALA C 192 6.97 -15.18 6.59
N SER C 193 7.95 -14.67 7.33
CA SER C 193 7.69 -13.82 8.47
C SER C 193 7.36 -12.39 8.08
N ILE C 194 7.11 -12.12 6.81
CA ILE C 194 6.45 -10.91 6.37
C ILE C 194 4.95 -11.15 6.19
N LEU C 195 4.58 -12.25 5.54
CA LEU C 195 3.19 -12.65 5.43
C LEU C 195 2.59 -12.93 6.81
N GLY C 196 3.30 -13.63 7.66
CA GLY C 196 2.75 -14.02 8.93
C GLY C 196 2.73 -12.87 9.93
N LEU C 197 3.46 -11.80 9.65
CA LEU C 197 3.40 -10.63 10.51
C LEU C 197 2.30 -9.70 10.01
N PHE C 198 2.17 -9.60 8.68
CA PHE C 198 1.08 -8.80 8.13
C PHE C 198 -0.27 -9.37 8.50
N VAL C 199 -0.43 -10.70 8.51
CA VAL C 199 -1.71 -11.30 8.87
C VAL C 199 -1.95 -11.22 10.38
N MET C 200 -0.92 -11.44 11.20
CA MET C 200 -1.12 -11.38 12.64
C MET C 200 -1.36 -9.96 13.13
N GLY C 201 -0.85 -8.96 12.44
CA GLY C 201 -1.23 -7.60 12.79
C GLY C 201 -2.69 -7.32 12.55
N ALA C 202 -3.27 -7.91 11.51
CA ALA C 202 -4.69 -7.73 11.24
C ALA C 202 -5.55 -8.55 12.17
N LEU C 203 -5.12 -9.76 12.51
CA LEU C 203 -5.91 -10.59 13.41
C LEU C 203 -6.03 -9.98 14.79
N VAL C 204 -4.94 -9.40 15.31
CA VAL C 204 -4.98 -8.76 16.61
C VAL C 204 -5.95 -7.59 16.60
N ASN C 205 -6.04 -6.87 15.50
CA ASN C 205 -6.89 -5.69 15.43
C ASN C 205 -8.36 -6.06 15.27
N LYS C 206 -8.71 -6.71 14.17
CA LYS C 206 -10.13 -6.91 13.86
C LYS C 206 -10.71 -8.13 14.55
N TRP C 207 -9.99 -9.25 14.55
CA TRP C 207 -10.60 -10.50 15.00
C TRP C 207 -10.47 -10.70 16.50
N THR C 208 -10.31 -9.60 17.25
CA THR C 208 -10.43 -9.62 18.70
C THR C 208 -11.53 -8.65 19.13
N HIS C 209 -12.19 -9.00 20.25
CA HIS C 209 -13.23 -8.15 20.79
C HIS C 209 -12.87 -7.67 22.19
N VAL C 210 -12.75 -6.35 22.37
CA VAL C 210 -12.60 -5.74 23.68
C VAL C 210 -13.46 -4.49 23.71
N ASN C 211 -14.29 -4.36 24.76
CA ASN C 211 -15.22 -3.25 24.86
C ASN C 211 -15.25 -2.73 26.30
N ILE C 212 -15.28 -1.41 26.42
CA ILE C 212 -15.29 -0.76 27.73
C ILE C 212 -16.51 0.16 27.84
N PRO C 213 -17.56 -0.25 28.54
CA PRO C 213 -18.80 0.54 28.59
C PRO C 213 -18.81 1.67 29.62
N LEU C 214 -17.67 2.09 30.14
CA LEU C 214 -17.64 3.20 31.09
C LEU C 214 -18.02 4.52 30.42
N VAL C 215 -19.21 5.03 30.74
CA VAL C 215 -19.66 6.31 30.20
C VAL C 215 -18.83 7.42 30.81
N VAL C 216 -18.52 8.45 30.02
CA VAL C 216 -17.71 9.55 30.51
C VAL C 216 -18.35 10.88 30.12
N SER C 217 -19.47 10.85 29.42
CA SER C 217 -20.06 12.12 28.98
C SER C 217 -21.57 12.12 28.87
N ARG C 218 -22.15 13.21 29.38
CA ARG C 218 -23.58 13.48 29.36
C ARG C 218 -23.89 14.34 28.13
N ILE C 219 -24.84 15.29 28.18
CA ILE C 219 -25.84 15.64 27.17
C ILE C 219 -25.38 15.37 25.74
N THR C 220 -26.14 14.57 24.96
CA THR C 220 -27.60 14.19 25.01
C THR C 220 -28.46 15.38 24.54
N ASP C 221 -28.02 16.00 23.45
CA ASP C 221 -28.82 16.96 22.71
C ASP C 221 -29.57 16.26 21.58
N GLN C 222 -30.11 17.05 20.66
CA GLN C 222 -30.78 16.54 19.45
C GLN C 222 -31.96 15.64 19.79
N THR C 223 -32.97 16.26 20.42
CA THR C 223 -34.28 15.67 20.75
C THR C 223 -34.20 14.19 21.15
N GLY C 224 -33.41 13.90 22.17
CA GLY C 224 -33.38 12.56 22.74
C GLY C 224 -32.59 11.54 21.94
N LYS C 225 -31.31 11.81 21.71
CA LYS C 225 -30.39 10.82 21.16
C LYS C 225 -29.38 10.31 22.17
N GLU C 226 -29.19 11.03 23.28
CA GLU C 226 -28.40 10.65 24.44
C GLU C 226 -26.89 10.74 24.19
N HIS C 227 -26.50 10.88 22.94
CA HIS C 227 -25.12 11.19 22.51
C HIS C 227 -24.08 10.56 23.44
N VAL C 228 -24.30 9.29 23.75
CA VAL C 228 -23.48 8.60 24.73
C VAL C 228 -22.09 8.41 24.15
N THR C 229 -21.05 8.68 24.96
CA THR C 229 -19.68 8.49 24.52
C THR C 229 -18.90 7.79 25.60
N THR C 230 -18.86 6.46 25.55
CA THR C 230 -18.11 5.66 26.51
C THR C 230 -16.62 5.79 26.24
N VAL C 231 -15.80 5.12 27.06
CA VAL C 231 -14.35 5.13 26.86
C VAL C 231 -13.96 4.50 25.53
N GLN C 232 -14.74 3.53 25.03
CA GLN C 232 -14.39 2.87 23.79
C GLN C 232 -14.41 3.83 22.61
N THR C 233 -15.29 4.84 22.65
CA THR C 233 -15.27 5.86 21.59
C THR C 233 -14.02 6.71 21.64
N ILE C 234 -13.51 7.04 22.83
CA ILE C 234 -12.28 7.82 22.93
C ILE C 234 -11.12 7.08 22.30
N LEU C 235 -10.99 5.78 22.58
CA LEU C 235 -9.90 4.99 22.02
C LEU C 235 -10.11 4.70 20.54
N ASP C 236 -11.36 4.51 20.11
CA ASP C 236 -11.65 4.35 18.69
C ASP C 236 -11.48 5.64 17.91
N GLN C 237 -11.39 6.77 18.60
CA GLN C 237 -11.01 8.01 17.93
C GLN C 237 -9.55 8.02 17.55
N LEU C 238 -8.69 7.37 18.34
CA LEU C 238 -7.28 7.22 17.96
C LEU C 238 -7.09 6.04 17.00
N MET C 239 -7.39 4.83 17.46
CA MET C 239 -7.18 3.64 16.67
C MET C 239 -8.17 2.57 17.12
N PRO C 240 -8.91 1.97 16.20
CA PRO C 240 -10.02 1.08 16.59
C PRO C 240 -9.61 -0.28 17.13
N GLY C 241 -8.33 -0.50 17.41
CA GLY C 241 -7.92 -1.78 17.96
C GLY C 241 -6.84 -1.67 19.02
N LEU C 242 -6.86 -0.57 19.76
CA LEU C 242 -5.72 -0.25 20.61
C LEU C 242 -5.58 -1.20 21.80
N VAL C 243 -6.67 -1.46 22.52
CA VAL C 243 -6.60 -2.24 23.75
C VAL C 243 -6.14 -3.68 23.49
N PRO C 244 -6.68 -4.40 22.50
CA PRO C 244 -6.09 -5.70 22.18
C PRO C 244 -4.65 -5.62 21.72
N LEU C 245 -4.24 -4.53 21.08
CA LEU C 245 -2.83 -4.36 20.72
C LEU C 245 -1.95 -4.28 21.95
N LEU C 246 -2.34 -3.51 22.96
CA LEU C 246 -1.56 -3.46 24.19
C LEU C 246 -1.60 -4.78 24.94
N LEU C 247 -2.75 -5.45 24.98
CA LEU C 247 -2.82 -6.75 25.60
C LEU C 247 -1.91 -7.76 24.92
N THR C 248 -1.76 -7.66 23.60
CA THR C 248 -0.85 -8.52 22.88
C THR C 248 0.59 -8.29 23.28
N PHE C 249 1.03 -7.05 23.41
CA PHE C 249 2.39 -6.77 23.85
C PHE C 249 2.62 -7.16 25.30
N ALA C 250 1.60 -7.11 26.14
CA ALA C 250 1.75 -7.64 27.50
C ALA C 250 1.93 -9.15 27.47
N CYS C 251 1.04 -9.86 26.78
CA CYS C 251 1.15 -11.31 26.66
C CYS C 251 2.37 -11.72 25.85
N MET C 252 2.77 -10.89 24.89
CA MET C 252 3.95 -11.19 24.09
C MET C 252 5.23 -11.03 24.90
N TRP C 253 5.19 -10.16 25.90
CA TRP C 253 6.29 -10.03 26.86
C TRP C 253 6.29 -11.14 27.89
N LEU C 254 5.13 -11.58 28.34
CA LEU C 254 5.07 -12.67 29.32
C LEU C 254 5.65 -13.96 28.75
N LEU C 255 5.43 -14.23 27.47
CA LEU C 255 5.78 -15.53 26.91
C LEU C 255 7.27 -15.77 26.78
N ARG C 256 8.08 -14.70 26.66
CA ARG C 256 9.52 -14.90 26.71
C ARG C 256 9.97 -15.43 28.05
N LYS C 257 9.25 -15.09 29.12
CA LYS C 257 9.56 -15.58 30.45
C LYS C 257 9.05 -17.00 30.68
N LYS C 258 8.63 -17.68 29.61
CA LYS C 258 8.22 -19.08 29.64
C LYS C 258 7.13 -19.35 30.68
N VAL C 259 6.18 -18.44 30.78
CA VAL C 259 4.97 -18.72 31.57
C VAL C 259 4.05 -19.60 30.74
N ASN C 260 3.38 -20.52 31.39
CA ASN C 260 2.46 -21.39 30.66
C ASN C 260 1.33 -20.59 30.05
N PRO C 261 1.08 -20.74 28.75
CA PRO C 261 -0.09 -20.08 28.15
C PRO C 261 -1.40 -20.53 28.75
N LEU C 262 -1.44 -21.69 29.41
CA LEU C 262 -2.61 -22.10 30.18
C LEU C 262 -2.65 -21.42 31.53
N TRP C 263 -1.62 -20.65 31.89
CA TRP C 263 -1.63 -19.82 33.08
C TRP C 263 -1.77 -18.34 32.75
N ILE C 264 -2.00 -17.99 31.48
CA ILE C 264 -2.29 -16.61 31.10
C ILE C 264 -3.74 -16.58 30.64
N ILE C 265 -4.23 -17.71 30.13
CA ILE C 265 -5.64 -17.80 29.74
C ILE C 265 -6.53 -17.75 30.97
N VAL C 266 -6.12 -18.42 32.05
CA VAL C 266 -6.88 -18.34 33.29
C VAL C 266 -6.89 -16.93 33.86
N GLY C 267 -5.79 -16.20 33.71
CA GLY C 267 -5.80 -14.79 34.09
C GLY C 267 -6.87 -14.01 33.36
N PHE C 268 -6.99 -14.20 32.05
CA PHE C 268 -8.05 -13.56 31.29
C PHE C 268 -9.44 -14.04 31.70
N PHE C 269 -9.60 -15.32 32.07
CA PHE C 269 -10.88 -15.78 32.57
C PHE C 269 -11.26 -15.12 33.89
N VAL C 270 -10.28 -14.84 34.74
CA VAL C 270 -10.52 -14.07 35.95
C VAL C 270 -10.89 -12.64 35.62
N ILE C 271 -10.18 -12.01 34.68
CA ILE C 271 -10.43 -10.63 34.34
C ILE C 271 -11.81 -10.46 33.70
N GLY C 272 -12.23 -11.42 32.87
CA GLY C 272 -13.51 -11.29 32.20
C GLY C 272 -14.69 -11.44 33.14
N ILE C 273 -14.45 -12.01 34.32
CA ILE C 273 -15.50 -12.10 35.34
C ILE C 273 -15.44 -10.93 36.30
N ALA C 274 -14.24 -10.56 36.76
CA ALA C 274 -14.09 -9.43 37.65
C ALA C 274 -14.21 -8.09 36.95
N GLY C 275 -14.22 -8.07 35.62
CA GLY C 275 -14.34 -6.82 34.88
C GLY C 275 -15.74 -6.55 34.41
N TYR C 276 -16.50 -7.63 34.17
CA TYR C 276 -17.89 -7.47 33.77
C TYR C 276 -18.79 -7.24 34.97
N ALA C 277 -18.28 -7.49 36.18
CA ALA C 277 -19.09 -7.36 37.39
C ALA C 277 -18.82 -5.99 38.04
N CYS C 278 -18.11 -5.15 37.31
CA CYS C 278 -17.83 -3.80 37.77
C CYS C 278 -18.02 -2.79 36.64
N GLY C 279 -18.48 -3.28 35.48
CA GLY C 279 -18.75 -2.43 34.36
C GLY C 279 -17.55 -2.06 33.52
N LEU C 280 -16.35 -2.50 33.90
CA LEU C 280 -15.15 -2.20 33.14
C LEU C 280 -15.22 -2.83 31.75
N LEU C 281 -15.30 -4.16 31.70
CA LEU C 281 -15.45 -4.85 30.44
C LEU C 281 -16.92 -5.21 30.21
N GLY C 282 -17.34 -5.25 28.96
CA GLY C 282 -18.72 -5.64 28.68
C GLY C 282 -19.05 -5.60 27.20
N LEU C 283 -19.73 -6.62 26.72
CA LEU C 283 -20.16 -6.66 25.32
C LEU C 283 -21.46 -5.90 25.16
N GLU D 2 -32.04 -39.32 23.09
CA GLU D 2 -31.46 -38.41 22.11
C GLU D 2 -30.42 -39.13 21.25
N ILE D 3 -29.21 -39.28 21.77
CA ILE D 3 -28.11 -39.90 21.03
C ILE D 3 -28.36 -41.39 20.87
N THR D 4 -28.32 -41.85 19.63
CA THR D 4 -28.61 -43.24 19.27
C THR D 4 -27.33 -44.02 19.08
N THR D 5 -27.45 -45.35 19.15
CA THR D 5 -26.29 -46.22 19.12
C THR D 5 -25.49 -46.10 17.83
N LEU D 6 -26.12 -45.68 16.74
CA LEU D 6 -25.43 -45.47 15.48
C LEU D 6 -24.82 -44.08 15.37
N GLN D 7 -24.97 -43.26 16.41
CA GLN D 7 -24.21 -42.03 16.54
C GLN D 7 -23.02 -42.16 17.48
N ILE D 8 -23.12 -43.04 18.48
CA ILE D 8 -21.99 -43.29 19.36
C ILE D 8 -20.81 -43.83 18.57
N VAL D 9 -21.06 -44.79 17.67
CA VAL D 9 -19.98 -45.37 16.89
C VAL D 9 -19.35 -44.33 15.98
N LEU D 10 -20.16 -43.50 15.34
CA LEU D 10 -19.60 -42.45 14.49
C LEU D 10 -18.79 -41.44 15.28
N VAL D 11 -19.26 -41.02 16.46
CA VAL D 11 -18.48 -40.13 17.29
C VAL D 11 -17.17 -40.80 17.70
N PHE D 12 -17.22 -42.08 18.04
CA PHE D 12 -16.03 -42.83 18.40
C PHE D 12 -15.02 -42.86 17.25
N ILE D 13 -15.49 -43.12 16.03
CA ILE D 13 -14.58 -43.17 14.88
C ILE D 13 -14.02 -41.80 14.56
N VAL D 14 -14.83 -40.76 14.67
CA VAL D 14 -14.33 -39.41 14.39
C VAL D 14 -13.32 -38.99 15.45
N ALA D 15 -13.55 -39.36 16.70
CA ALA D 15 -12.56 -39.11 17.74
C ALA D 15 -11.28 -39.89 17.49
N CYS D 16 -11.38 -41.15 17.04
CA CYS D 16 -10.19 -41.91 16.71
C CYS D 16 -9.41 -41.24 15.58
N ILE D 17 -10.12 -40.75 14.55
CA ILE D 17 -9.44 -40.04 13.47
C ILE D 17 -8.77 -38.79 13.99
N ALA D 18 -9.47 -38.02 14.81
CA ALA D 18 -8.89 -36.83 15.41
C ALA D 18 -8.01 -37.14 16.61
N GLY D 19 -7.69 -38.41 16.82
CA GLY D 19 -6.72 -38.80 17.82
C GLY D 19 -5.45 -39.32 17.16
N MET D 20 -5.61 -39.84 15.95
CA MET D 20 -4.44 -40.14 15.13
C MET D 20 -3.64 -38.89 14.85
N GLY D 21 -4.32 -37.80 14.52
CA GLY D 21 -3.69 -36.56 14.16
C GLY D 21 -3.01 -35.82 15.28
N SER D 22 -3.28 -36.17 16.54
CA SER D 22 -2.72 -35.43 17.66
C SER D 22 -1.19 -35.50 17.66
N ILE D 23 -0.64 -36.68 17.41
CA ILE D 23 0.80 -36.78 17.24
C ILE D 23 1.19 -36.69 15.78
N LEU D 24 0.36 -37.25 14.90
CA LEU D 24 0.75 -37.42 13.51
C LEU D 24 1.00 -36.06 12.85
N ASP D 25 0.14 -35.09 13.12
CA ASP D 25 0.37 -33.68 12.76
C ASP D 25 0.55 -33.47 11.25
N GLU D 26 -0.13 -34.26 10.42
CA GLU D 26 -0.01 -34.10 8.98
C GLU D 26 -1.32 -33.66 8.32
N PHE D 27 -2.37 -34.45 8.46
CA PHE D 27 -3.64 -34.08 7.82
C PHE D 27 -4.43 -33.09 8.65
N GLN D 28 -4.03 -32.85 9.89
CA GLN D 28 -4.62 -31.83 10.75
C GLN D 28 -6.10 -32.10 11.04
N PHE D 29 -6.34 -33.25 11.64
CA PHE D 29 -7.50 -33.41 12.51
C PHE D 29 -7.15 -33.04 13.95
N HIS D 30 -5.86 -32.88 14.23
CA HIS D 30 -5.37 -32.20 15.43
C HIS D 30 -5.58 -30.69 15.30
N ARG D 31 -6.83 -30.32 15.11
CA ARG D 31 -7.25 -28.94 14.91
C ARG D 31 -8.70 -28.83 15.30
N PRO D 32 -9.10 -27.78 15.97
CA PRO D 32 -10.48 -27.67 16.40
C PRO D 32 -11.40 -27.21 15.29
N LEU D 33 -10.94 -27.29 14.04
CA LEU D 33 -11.79 -26.98 12.90
C LEU D 33 -12.31 -28.23 12.23
N ILE D 34 -11.43 -29.12 11.78
CA ILE D 34 -11.88 -30.35 11.16
C ILE D 34 -12.51 -31.27 12.19
N ALA D 35 -11.88 -31.40 13.36
CA ALA D 35 -12.41 -32.23 14.42
C ALA D 35 -13.74 -31.74 14.95
N CYS D 36 -14.12 -30.50 14.66
CA CYS D 36 -15.41 -29.96 15.07
C CYS D 36 -16.48 -30.10 14.01
N THR D 37 -16.18 -29.81 12.74
CA THR D 37 -17.17 -30.06 11.70
C THR D 37 -17.47 -31.55 11.59
N LEU D 38 -16.45 -32.40 11.74
CA LEU D 38 -16.68 -33.84 11.66
C LEU D 38 -17.59 -34.34 12.78
N VAL D 39 -17.54 -33.72 13.96
CA VAL D 39 -18.44 -34.13 15.03
C VAL D 39 -19.81 -33.51 14.83
N GLY D 40 -19.86 -32.27 14.33
CA GLY D 40 -21.14 -31.63 14.09
C GLY D 40 -21.97 -32.35 13.05
N ILE D 41 -21.31 -32.88 12.01
CA ILE D 41 -22.05 -33.60 10.97
C ILE D 41 -22.68 -34.86 11.54
N VAL D 42 -21.92 -35.64 12.31
CA VAL D 42 -22.43 -36.92 12.78
C VAL D 42 -23.46 -36.73 13.89
N LEU D 43 -23.24 -35.77 14.78
CA LEU D 43 -24.15 -35.59 15.90
C LEU D 43 -25.47 -34.95 15.49
N GLY D 44 -25.44 -33.94 14.63
CA GLY D 44 -26.65 -33.19 14.35
C GLY D 44 -26.45 -32.01 13.42
N ASP D 45 -26.94 -30.84 13.82
CA ASP D 45 -26.84 -29.65 13.00
C ASP D 45 -25.39 -29.30 12.74
N MET D 46 -25.10 -28.84 11.52
CA MET D 46 -23.73 -28.65 11.07
C MET D 46 -23.23 -27.23 11.31
N LYS D 47 -24.07 -26.21 11.11
CA LYS D 47 -23.62 -24.84 11.29
C LYS D 47 -23.18 -24.57 12.72
N THR D 48 -23.94 -25.04 13.71
CA THR D 48 -23.60 -24.79 15.10
C THR D 48 -22.39 -25.58 15.57
N GLY D 49 -21.85 -26.46 14.75
CA GLY D 49 -20.58 -27.10 15.04
C GLY D 49 -19.46 -26.39 14.32
N ILE D 50 -19.73 -25.92 13.11
CA ILE D 50 -18.73 -25.18 12.36
C ILE D 50 -18.39 -23.87 13.06
N ILE D 51 -19.40 -23.24 13.69
CA ILE D 51 -19.13 -22.01 14.43
C ILE D 51 -18.21 -22.27 15.61
N ILE D 52 -18.45 -23.38 16.33
CA ILE D 52 -17.54 -23.77 17.40
C ILE D 52 -16.14 -24.00 16.84
N GLY D 53 -16.06 -24.66 15.69
CA GLY D 53 -14.76 -24.88 15.08
C GLY D 53 -14.04 -23.60 14.76
N GLY D 54 -14.71 -22.65 14.16
CA GLY D 54 -14.12 -21.37 13.84
C GLY D 54 -13.67 -20.64 15.07
N THR D 55 -14.48 -20.65 16.13
CA THR D 55 -14.12 -19.94 17.35
C THR D 55 -12.93 -20.58 18.05
N LEU D 56 -12.85 -21.91 18.01
CA LEU D 56 -11.86 -22.62 18.80
C LEU D 56 -10.45 -22.56 18.20
N GLU D 57 -10.32 -22.47 16.87
CA GLU D 57 -8.98 -22.30 16.30
C GLU D 57 -8.36 -20.98 16.72
N MET D 58 -9.15 -19.91 16.77
CA MET D 58 -8.57 -18.61 17.06
C MET D 58 -7.80 -18.65 18.38
N ILE D 59 -8.25 -19.45 19.33
CA ILE D 59 -7.45 -19.76 20.51
C ILE D 59 -6.31 -20.70 20.13
N ALA D 60 -6.58 -21.71 19.30
CA ALA D 60 -5.63 -22.79 19.04
C ALA D 60 -4.67 -22.48 17.93
N LEU D 61 -4.49 -21.21 17.57
CA LEU D 61 -3.28 -20.80 16.89
C LEU D 61 -2.16 -20.83 17.92
N GLY D 62 -0.95 -21.12 17.47
CA GLY D 62 0.13 -21.18 18.43
C GLY D 62 -0.04 -22.26 19.46
N TRP D 63 -0.60 -23.40 19.08
CA TRP D 63 -0.73 -24.54 19.98
C TRP D 63 0.04 -25.69 19.38
N MET D 64 1.29 -25.43 19.00
CA MET D 64 2.15 -26.39 18.32
C MET D 64 3.03 -27.15 19.31
N ASN D 65 3.64 -28.22 18.80
CA ASN D 65 4.67 -28.96 19.51
C ASN D 65 6.02 -28.49 18.99
N ILE D 66 6.94 -28.18 19.89
CA ILE D 66 8.30 -27.79 19.52
C ILE D 66 9.25 -28.53 20.44
N GLY D 67 9.78 -29.65 19.95
CA GLY D 67 10.87 -30.34 20.62
C GLY D 67 10.60 -30.73 22.07
N ALA D 68 9.69 -31.68 22.28
CA ALA D 68 9.35 -32.16 23.61
C ALA D 68 8.73 -31.06 24.47
N ALA D 69 8.15 -30.05 23.83
CA ALA D 69 7.33 -29.06 24.51
C ALA D 69 5.92 -29.28 23.99
N VAL D 70 5.21 -30.19 24.64
CA VAL D 70 3.94 -30.67 24.12
C VAL D 70 2.89 -29.58 24.18
N ALA D 71 2.12 -29.45 23.11
CA ALA D 71 1.06 -28.45 23.03
C ALA D 71 -0.10 -28.85 23.93
N PRO D 72 -1.00 -27.90 24.21
CA PRO D 72 -2.16 -28.23 25.06
C PRO D 72 -3.23 -29.07 24.40
N ASP D 73 -2.92 -29.75 23.30
CA ASP D 73 -3.76 -30.82 22.77
C ASP D 73 -5.16 -30.33 22.39
N ALA D 74 -5.19 -29.52 21.34
CA ALA D 74 -6.45 -29.06 20.78
C ALA D 74 -7.28 -30.19 20.16
N ALA D 75 -6.83 -31.44 20.22
CA ALA D 75 -7.58 -32.55 19.64
C ALA D 75 -8.57 -33.17 20.60
N LEU D 76 -8.34 -33.10 21.91
CA LEU D 76 -9.31 -33.53 22.89
C LEU D 76 -10.22 -32.40 23.37
N ALA D 77 -9.71 -31.18 23.36
CA ALA D 77 -10.48 -30.02 23.77
C ALA D 77 -11.49 -29.59 22.73
N SER D 78 -11.50 -30.22 21.55
CA SER D 78 -12.42 -29.84 20.49
C SER D 78 -13.40 -30.94 20.13
N ILE D 79 -13.42 -32.05 20.87
CA ILE D 79 -14.40 -33.09 20.68
C ILE D 79 -15.32 -33.22 21.88
N ILE D 80 -14.77 -33.12 23.09
CA ILE D 80 -15.63 -33.03 24.27
C ILE D 80 -16.36 -31.71 24.29
N SER D 81 -15.75 -30.66 23.74
CA SER D 81 -16.32 -29.32 23.77
C SER D 81 -17.39 -29.09 22.71
N THR D 82 -17.64 -30.05 21.82
CA THR D 82 -18.79 -29.96 20.95
C THR D 82 -19.89 -30.94 21.29
N ILE D 83 -19.58 -32.07 21.91
CA ILE D 83 -20.63 -32.93 22.41
C ILE D 83 -21.40 -32.22 23.51
N LEU D 84 -20.72 -31.42 24.32
CA LEU D 84 -21.37 -30.64 25.35
C LEU D 84 -22.04 -29.38 24.79
N VAL D 85 -22.11 -29.22 23.47
CA VAL D 85 -22.86 -28.13 22.89
C VAL D 85 -23.86 -28.68 21.89
N ILE D 86 -23.38 -29.45 20.92
CA ILE D 86 -24.26 -30.03 19.91
C ILE D 86 -25.28 -30.97 20.56
N ALA D 87 -24.81 -31.86 21.43
CA ALA D 87 -25.71 -32.83 22.03
C ALA D 87 -26.46 -32.23 23.20
N GLY D 88 -25.74 -31.82 24.24
CA GLY D 88 -26.46 -31.26 25.36
C GLY D 88 -26.57 -29.75 25.39
N HIS D 89 -27.62 -29.25 24.73
CA HIS D 89 -28.35 -28.04 25.09
C HIS D 89 -27.53 -26.95 25.78
N GLN D 90 -26.47 -26.45 25.14
CA GLN D 90 -25.68 -25.39 25.75
C GLN D 90 -25.32 -24.34 24.70
N SER D 91 -24.52 -23.37 25.12
CA SER D 91 -24.17 -22.22 24.29
C SER D 91 -22.71 -22.31 23.87
N ILE D 92 -22.36 -21.50 22.87
CA ILE D 92 -21.01 -21.55 22.31
C ILE D 92 -19.97 -21.16 23.36
N GLY D 93 -20.16 -20.01 24.01
CA GLY D 93 -19.19 -19.52 24.95
C GLY D 93 -18.99 -20.39 26.17
N ALA D 94 -20.00 -21.18 26.54
CA ALA D 94 -19.80 -22.13 27.63
C ALA D 94 -18.83 -23.24 27.23
N GLY D 95 -19.02 -23.79 26.03
CA GLY D 95 -18.10 -24.79 25.53
C GLY D 95 -16.69 -24.27 25.31
N ILE D 96 -16.56 -23.06 24.76
CA ILE D 96 -15.24 -22.48 24.57
C ILE D 96 -14.53 -22.31 25.92
N ALA D 97 -15.26 -21.89 26.95
CA ALA D 97 -14.67 -21.74 28.26
C ALA D 97 -14.33 -23.08 28.90
N LEU D 98 -15.15 -24.10 28.66
CA LEU D 98 -14.91 -25.42 29.24
C LEU D 98 -13.84 -26.19 28.50
N ALA D 99 -13.46 -25.74 27.31
CA ALA D 99 -12.41 -26.44 26.55
C ALA D 99 -11.06 -26.33 27.24
N ILE D 100 -10.80 -25.21 27.92
CA ILE D 100 -9.46 -24.99 28.50
C ILE D 100 -9.08 -26.04 29.53
N PRO D 101 -9.90 -26.40 30.51
CA PRO D 101 -9.54 -27.53 31.38
C PRO D 101 -9.39 -28.84 30.62
N LEU D 102 -10.17 -29.05 29.56
CA LEU D 102 -9.99 -30.25 28.75
C LEU D 102 -8.66 -30.22 28.01
N ALA D 103 -8.26 -29.06 27.50
CA ALA D 103 -6.94 -28.94 26.89
C ALA D 103 -5.84 -29.16 27.93
N ALA D 104 -6.09 -28.79 29.18
CA ALA D 104 -5.15 -29.13 30.24
C ALA D 104 -5.09 -30.63 30.47
N ALA D 105 -6.23 -31.31 30.41
CA ALA D 105 -6.23 -32.77 30.44
C ALA D 105 -5.35 -33.31 29.32
N GLY D 106 -5.76 -33.08 28.07
CA GLY D 106 -4.83 -32.73 27.02
C GLY D 106 -3.44 -33.31 27.03
N GLN D 107 -2.46 -32.41 27.17
CA GLN D 107 -1.07 -32.82 27.17
C GLN D 107 -0.71 -33.70 28.36
N VAL D 108 -1.44 -33.63 29.47
CA VAL D 108 -1.19 -34.58 30.54
C VAL D 108 -1.40 -36.00 30.05
N LEU D 109 -2.49 -36.24 29.32
CA LEU D 109 -2.73 -37.55 28.73
C LEU D 109 -1.70 -37.87 27.65
N THR D 110 -1.49 -36.93 26.73
CA THR D 110 -0.67 -37.25 25.57
C THR D 110 0.81 -37.28 25.90
N ILE D 111 1.19 -36.90 27.11
CA ILE D 111 2.55 -37.08 27.58
C ILE D 111 2.74 -38.46 28.21
N ILE D 112 1.75 -38.93 28.97
CA ILE D 112 1.80 -40.29 29.47
C ILE D 112 1.83 -41.29 28.33
N VAL D 113 1.02 -41.04 27.29
CA VAL D 113 1.01 -41.95 26.15
C VAL D 113 2.37 -41.95 25.46
N ARG D 114 2.94 -40.77 25.21
CA ARG D 114 4.24 -40.69 24.58
C ARG D 114 5.32 -41.34 25.41
N THR D 115 5.30 -41.16 26.73
CA THR D 115 6.24 -41.82 27.61
C THR D 115 6.10 -43.33 27.62
N ILE D 116 4.88 -43.86 27.60
CA ILE D 116 4.73 -45.31 27.64
C ILE D 116 4.94 -45.91 26.26
N THR D 117 5.07 -45.07 25.23
CA THR D 117 5.40 -45.58 23.90
C THR D 117 6.80 -46.19 23.83
N VAL D 118 7.67 -45.96 24.82
CA VAL D 118 9.05 -46.45 24.76
C VAL D 118 9.09 -47.95 24.57
N ALA D 119 8.10 -48.66 25.10
CA ALA D 119 8.06 -50.10 24.92
C ALA D 119 7.87 -50.50 23.46
N PHE D 120 7.48 -49.58 22.60
CA PHE D 120 7.41 -49.88 21.17
C PHE D 120 8.76 -49.75 20.47
N GLN D 121 9.73 -49.10 21.08
CA GLN D 121 11.08 -49.09 20.54
C GLN D 121 12.00 -50.10 21.21
N HIS D 122 11.85 -50.30 22.51
CA HIS D 122 12.55 -51.41 23.14
C HIS D 122 12.12 -52.75 22.57
N ALA D 123 10.96 -52.79 21.92
CA ALA D 123 10.54 -53.95 21.14
C ALA D 123 10.76 -53.73 19.65
N ALA D 124 11.41 -52.64 19.26
CA ALA D 124 11.82 -52.43 17.88
C ALA D 124 13.23 -52.88 17.60
N ASP D 125 14.18 -52.60 18.50
CA ASP D 125 15.54 -53.09 18.31
C ASP D 125 15.57 -54.61 18.28
N LYS D 126 14.76 -55.28 19.09
CA LYS D 126 14.69 -56.72 19.04
C LYS D 126 14.18 -57.21 17.69
N ALA D 127 13.54 -56.34 16.91
CA ALA D 127 13.12 -56.69 15.57
C ALA D 127 14.16 -56.35 14.51
N ALA D 128 14.86 -55.23 14.65
CA ALA D 128 15.91 -54.90 13.69
C ALA D 128 17.06 -55.89 13.75
N ASP D 129 17.32 -56.49 14.91
CA ASP D 129 18.39 -57.47 15.02
C ASP D 129 18.09 -58.75 14.26
N ASN D 130 16.87 -58.94 13.79
CA ASN D 130 16.54 -60.16 13.07
C ASN D 130 15.85 -59.90 11.74
N GLY D 131 15.01 -58.88 11.66
CA GLY D 131 14.12 -58.74 10.52
C GLY D 131 12.95 -59.70 10.62
N ASN D 132 12.03 -59.59 9.67
CA ASN D 132 12.11 -58.65 8.56
C ASN D 132 11.65 -57.27 8.97
N LEU D 133 11.44 -56.42 7.98
CA LEU D 133 10.92 -55.08 8.23
C LEU D 133 9.43 -55.08 8.53
N THR D 134 8.69 -56.12 8.15
CA THR D 134 7.30 -56.20 8.56
C THR D 134 7.17 -56.15 10.07
N ALA D 135 8.12 -56.72 10.79
CA ALA D 135 8.15 -56.58 12.24
C ALA D 135 8.29 -55.12 12.67
N ILE D 136 8.75 -54.25 11.78
CA ILE D 136 8.81 -52.82 12.05
C ILE D 136 7.59 -52.10 11.49
N SER D 137 7.15 -52.51 10.29
CA SER D 137 6.00 -51.84 9.70
C SER D 137 4.70 -52.13 10.45
N TRP D 138 4.64 -53.19 11.25
CA TRP D 138 3.50 -53.40 12.15
C TRP D 138 3.80 -53.04 13.60
N ILE D 139 4.98 -52.50 13.89
CA ILE D 139 5.22 -51.95 15.22
C ILE D 139 5.11 -50.44 15.22
N HIS D 140 5.45 -49.79 14.10
CA HIS D 140 5.27 -48.35 14.04
C HIS D 140 3.79 -47.99 14.04
N VAL D 141 2.97 -48.70 13.27
CA VAL D 141 1.54 -48.42 13.26
C VAL D 141 0.88 -48.82 14.58
N SER D 142 1.29 -49.95 15.16
CA SER D 142 0.68 -50.42 16.40
C SER D 142 0.83 -49.44 17.55
N SER D 143 1.80 -48.54 17.48
CA SER D 143 1.91 -47.48 18.48
C SER D 143 1.00 -46.30 18.17
N LEU D 144 0.29 -46.36 17.05
CA LEU D 144 -0.69 -45.34 16.71
C LEU D 144 -2.10 -45.72 17.11
N PHE D 145 -2.38 -47.03 17.25
CA PHE D 145 -3.68 -47.52 17.73
C PHE D 145 -3.78 -47.49 19.25
N LEU D 146 -2.82 -46.88 19.93
CA LEU D 146 -2.89 -46.73 21.37
C LEU D 146 -3.05 -45.29 21.81
N GLN D 147 -2.72 -44.33 20.94
CA GLN D 147 -3.02 -42.95 21.24
C GLN D 147 -4.40 -42.55 20.77
N ALA D 148 -4.85 -43.08 19.63
CA ALA D 148 -6.21 -42.83 19.19
C ALA D 148 -7.25 -43.46 20.10
N MET D 149 -6.86 -44.41 20.95
CA MET D 149 -7.76 -45.01 21.91
C MET D 149 -7.66 -44.36 23.28
N ARG D 150 -7.14 -43.13 23.34
CA ARG D 150 -7.13 -42.34 24.56
C ARG D 150 -7.46 -40.89 24.25
N VAL D 151 -8.12 -40.66 23.12
CA VAL D 151 -8.77 -39.40 22.80
C VAL D 151 -10.17 -39.76 22.31
N ALA D 152 -10.40 -41.05 22.09
CA ALA D 152 -11.69 -41.52 21.62
C ALA D 152 -12.47 -42.32 22.65
N ILE D 153 -11.84 -42.75 23.73
CA ILE D 153 -12.56 -43.34 24.86
C ILE D 153 -13.15 -42.24 25.74
N PRO D 154 -12.41 -41.17 26.09
CA PRO D 154 -13.04 -40.10 26.86
C PRO D 154 -14.08 -39.33 26.06
N ALA D 155 -14.24 -39.64 24.78
CA ALA D 155 -15.29 -39.07 23.96
C ALA D 155 -16.48 -40.01 23.85
N VAL D 156 -16.45 -41.14 24.53
CA VAL D 156 -17.62 -41.99 24.68
C VAL D 156 -18.10 -42.05 26.12
N ILE D 157 -17.20 -41.88 27.10
CA ILE D 157 -17.63 -41.69 28.48
C ILE D 157 -18.48 -40.43 28.60
N VAL D 158 -18.13 -39.40 27.86
CA VAL D 158 -18.91 -38.15 27.89
C VAL D 158 -20.24 -38.33 27.18
N ALA D 159 -20.20 -38.76 25.92
CA ALA D 159 -21.42 -38.82 25.11
C ALA D 159 -22.39 -39.90 25.57
N LEU D 160 -22.09 -40.63 26.63
CA LEU D 160 -23.07 -41.50 27.26
C LEU D 160 -23.47 -41.04 28.65
N SER D 161 -22.81 -40.04 29.20
CA SER D 161 -23.19 -39.47 30.49
C SER D 161 -23.76 -38.07 30.36
N VAL D 162 -23.61 -37.42 29.22
CA VAL D 162 -24.25 -36.12 29.00
C VAL D 162 -25.76 -36.29 28.97
N GLY D 163 -26.23 -37.47 28.56
CA GLY D 163 -27.65 -37.72 28.47
C GLY D 163 -28.28 -38.13 29.79
N THR D 164 -28.06 -37.33 30.83
CA THR D 164 -28.70 -37.57 32.11
C THR D 164 -28.94 -36.23 32.80
N SER D 165 -29.92 -36.22 33.70
CA SER D 165 -30.27 -35.02 34.44
C SER D 165 -29.23 -34.63 35.47
N GLU D 166 -28.40 -35.57 35.93
CA GLU D 166 -27.41 -35.25 36.94
C GLU D 166 -26.41 -34.22 36.43
N VAL D 167 -25.96 -34.35 35.19
CA VAL D 167 -25.04 -33.37 34.63
C VAL D 167 -25.81 -32.23 33.97
N GLN D 168 -26.89 -32.55 33.25
CA GLN D 168 -27.63 -31.52 32.53
C GLN D 168 -28.32 -30.52 33.45
N ASN D 169 -28.44 -30.82 34.73
CA ASN D 169 -28.95 -29.87 35.70
C ASN D 169 -27.88 -29.26 36.58
N MET D 170 -26.71 -29.90 36.69
CA MET D 170 -25.58 -29.29 37.37
C MET D 170 -24.83 -28.31 36.50
N LEU D 171 -25.17 -28.23 35.21
CA LEU D 171 -24.55 -27.29 34.29
C LEU D 171 -25.34 -26.01 34.13
N ASN D 172 -26.43 -25.84 34.88
CA ASN D 172 -27.21 -24.61 34.83
C ASN D 172 -26.98 -23.69 36.01
N ALA D 173 -26.38 -24.18 37.09
CA ALA D 173 -26.03 -23.32 38.23
C ALA D 173 -24.63 -22.74 38.04
N ILE D 174 -24.47 -21.99 36.94
CA ILE D 174 -23.18 -21.46 36.54
C ILE D 174 -22.85 -20.20 37.35
N PRO D 175 -23.74 -19.20 37.47
CA PRO D 175 -25.05 -18.91 36.86
C PRO D 175 -24.91 -18.13 35.56
N GLU D 176 -26.01 -17.49 35.14
CA GLU D 176 -26.02 -16.71 33.90
C GLU D 176 -25.13 -15.48 33.97
N VAL D 177 -24.78 -15.01 35.16
CA VAL D 177 -23.82 -13.91 35.26
C VAL D 177 -22.43 -14.36 34.84
N VAL D 178 -22.04 -15.58 35.21
CA VAL D 178 -20.74 -16.10 34.84
C VAL D 178 -20.67 -16.38 33.34
N THR D 179 -21.77 -16.88 32.76
CA THR D 179 -21.75 -17.22 31.34
C THR D 179 -21.43 -16.00 30.49
N ASN D 180 -22.11 -14.89 30.73
CA ASN D 180 -21.85 -13.69 29.95
C ASN D 180 -20.50 -13.08 30.28
N GLY D 181 -19.90 -13.47 31.40
CA GLY D 181 -18.55 -13.05 31.69
C GLY D 181 -17.48 -13.90 31.05
N LEU D 182 -17.87 -15.00 30.39
CA LEU D 182 -16.95 -15.82 29.63
C LEU D 182 -17.05 -15.59 28.14
N ASN D 183 -18.21 -15.15 27.64
CA ASN D 183 -18.30 -14.65 26.27
C ASN D 183 -17.57 -13.34 26.08
N ILE D 184 -17.18 -12.69 27.17
CA ILE D 184 -16.36 -11.49 27.10
C ILE D 184 -14.88 -11.84 27.12
N ALA D 185 -14.48 -12.83 27.91
CA ALA D 185 -13.11 -13.31 27.86
C ALA D 185 -12.82 -14.06 26.56
N GLY D 186 -13.86 -14.40 25.79
CA GLY D 186 -13.66 -15.11 24.55
C GLY D 186 -13.19 -14.21 23.42
N GLY D 187 -13.11 -12.91 23.70
CA GLY D 187 -12.55 -11.98 22.75
C GLY D 187 -11.18 -11.52 23.19
N MET D 188 -10.77 -11.98 24.38
CA MET D 188 -9.49 -11.60 24.98
C MET D 188 -8.49 -12.74 25.03
N ILE D 189 -8.92 -13.94 25.42
CA ILE D 189 -8.00 -15.07 25.52
C ILE D 189 -7.37 -15.38 24.18
N VAL D 190 -8.08 -15.10 23.09
CA VAL D 190 -7.57 -15.35 21.76
C VAL D 190 -6.24 -14.64 21.54
N VAL D 191 -6.04 -13.50 22.20
CA VAL D 191 -4.80 -12.74 22.03
C VAL D 191 -3.60 -13.58 22.41
N VAL D 192 -3.72 -14.42 23.45
CA VAL D 192 -2.58 -15.28 23.79
C VAL D 192 -2.17 -16.11 22.59
N GLY D 193 -3.14 -16.73 21.91
CA GLY D 193 -2.83 -17.50 20.73
C GLY D 193 -2.09 -16.73 19.67
N TYR D 194 -2.34 -15.42 19.56
CA TYR D 194 -1.56 -14.62 18.63
C TYR D 194 -0.15 -14.35 19.12
N ALA D 195 0.01 -14.06 20.41
CA ALA D 195 1.32 -13.68 20.92
C ALA D 195 2.32 -14.81 20.80
N MET D 196 1.89 -16.06 20.95
CA MET D 196 2.79 -17.19 20.76
C MET D 196 3.25 -17.28 19.31
N VAL D 197 2.39 -16.92 18.37
CA VAL D 197 2.77 -16.96 16.97
C VAL D 197 3.76 -15.86 16.64
N ILE D 198 3.45 -14.61 17.03
CA ILE D 198 4.33 -13.49 16.72
C ILE D 198 5.69 -13.68 17.37
N ASN D 199 5.74 -14.36 18.52
CA ASN D 199 7.03 -14.60 19.17
C ASN D 199 7.93 -15.50 18.33
N MET D 200 7.35 -16.39 17.53
CA MET D 200 8.17 -17.22 16.67
C MET D 200 8.77 -16.41 15.53
N MET D 201 7.91 -15.73 14.78
CA MET D 201 8.32 -14.98 13.60
C MET D 201 8.60 -13.51 13.91
N ARG D 202 9.39 -13.24 14.95
CA ARG D 202 9.67 -11.86 15.31
C ARG D 202 11.10 -11.52 14.91
N ALA D 203 11.22 -10.63 13.95
CA ALA D 203 12.48 -10.01 13.60
C ALA D 203 12.32 -8.50 13.77
N GLY D 204 13.33 -7.87 14.37
CA GLY D 204 13.22 -6.45 14.68
C GLY D 204 13.00 -5.58 13.47
N TYR D 205 13.51 -5.98 12.31
CA TYR D 205 13.36 -5.18 11.10
C TYR D 205 12.10 -5.51 10.32
N LEU D 206 11.38 -6.57 10.68
CA LEU D 206 10.13 -6.91 10.03
C LEU D 206 8.90 -6.49 10.83
N MET D 207 9.10 -5.96 12.01
CA MET D 207 8.00 -5.43 12.80
C MET D 207 7.24 -4.30 12.11
N PRO D 208 7.87 -3.52 11.21
CA PRO D 208 7.07 -2.60 10.40
C PRO D 208 5.95 -3.27 9.63
N PHE D 209 6.08 -4.54 9.26
CA PHE D 209 5.00 -5.25 8.60
C PHE D 209 3.91 -5.68 9.56
N PHE D 210 4.18 -5.70 10.86
CA PHE D 210 3.12 -5.94 11.84
C PHE D 210 2.19 -4.74 11.92
N TYR D 211 2.71 -3.59 12.33
CA TYR D 211 1.93 -2.38 12.48
C TYR D 211 1.34 -1.88 11.17
N LEU D 212 1.86 -2.33 10.04
CA LEU D 212 1.22 -2.07 8.77
C LEU D 212 0.00 -2.94 8.55
N GLY D 213 0.08 -4.22 8.87
CA GLY D 213 -1.10 -5.06 8.80
C GLY D 213 -2.06 -4.82 9.92
N PHE D 214 -1.64 -4.08 10.94
CA PHE D 214 -2.54 -3.67 12.01
C PHE D 214 -3.43 -2.52 11.55
N VAL D 215 -2.81 -1.41 11.13
CA VAL D 215 -3.57 -0.22 10.76
C VAL D 215 -4.50 -0.52 9.59
N THR D 216 -4.00 -1.23 8.57
CA THR D 216 -4.84 -1.54 7.42
C THR D 216 -6.02 -2.42 7.78
N ALA D 217 -6.02 -3.04 8.95
CA ALA D 217 -7.19 -3.76 9.40
C ALA D 217 -8.23 -2.85 10.03
N ALA D 218 -7.79 -1.80 10.72
CA ALA D 218 -8.72 -0.92 11.41
C ALA D 218 -9.62 -0.16 10.45
N PHE D 219 -9.06 0.33 9.34
CA PHE D 219 -9.74 1.30 8.50
C PHE D 219 -10.09 0.78 7.12
N THR D 220 -10.05 -0.53 6.89
CA THR D 220 -10.31 -1.09 5.58
C THR D 220 -11.13 -2.36 5.77
N ASN D 221 -11.86 -2.77 4.73
CA ASN D 221 -12.74 -3.93 4.78
C ASN D 221 -12.23 -5.10 3.94
N PHE D 222 -10.92 -5.37 3.97
CA PHE D 222 -10.41 -6.58 3.31
C PHE D 222 -10.86 -7.83 4.06
N ASN D 223 -10.80 -8.95 3.37
CA ASN D 223 -11.01 -10.26 3.99
C ASN D 223 -9.73 -10.66 4.71
N LEU D 224 -9.66 -11.93 5.11
CA LEU D 224 -8.37 -12.52 5.43
C LEU D 224 -7.73 -13.17 4.23
N VAL D 225 -8.51 -13.50 3.20
CA VAL D 225 -7.91 -13.93 1.93
C VAL D 225 -7.20 -12.76 1.27
N ALA D 226 -7.84 -11.60 1.23
CA ALA D 226 -7.21 -10.41 0.69
C ALA D 226 -5.99 -9.98 1.49
N LEU D 227 -6.05 -10.05 2.81
CA LEU D 227 -4.90 -9.75 3.66
C LEU D 227 -3.85 -10.84 3.61
N GLY D 228 -4.19 -12.04 3.12
CA GLY D 228 -3.19 -13.07 2.97
C GLY D 228 -2.56 -13.05 1.61
N VAL D 229 -3.21 -12.37 0.66
CA VAL D 229 -2.67 -12.17 -0.67
C VAL D 229 -1.81 -10.91 -0.74
N ILE D 230 -2.26 -9.82 -0.13
CA ILE D 230 -1.43 -8.64 -0.02
C ILE D 230 -0.16 -8.96 0.73
N GLY D 231 -0.25 -9.80 1.77
CA GLY D 231 0.95 -10.19 2.49
C GLY D 231 1.97 -10.89 1.63
N THR D 232 1.53 -11.86 0.81
CA THR D 232 2.48 -12.58 -0.04
C THR D 232 3.01 -11.70 -1.15
N VAL D 233 2.19 -10.79 -1.68
CA VAL D 233 2.71 -9.87 -2.68
C VAL D 233 3.78 -8.97 -2.08
N MET D 234 3.53 -8.43 -0.89
CA MET D 234 4.52 -7.64 -0.20
C MET D 234 5.78 -8.42 0.09
N ALA D 235 5.66 -9.67 0.55
CA ALA D 235 6.83 -10.48 0.83
C ALA D 235 7.64 -10.77 -0.42
N VAL D 236 6.98 -11.14 -1.52
CA VAL D 236 7.72 -11.41 -2.76
C VAL D 236 8.43 -10.17 -3.24
N LEU D 237 7.77 -9.00 -3.19
CA LEU D 237 8.42 -7.79 -3.65
C LEU D 237 9.55 -7.35 -2.72
N TYR D 238 9.41 -7.58 -1.42
CA TYR D 238 10.52 -7.27 -0.52
C TYR D 238 11.72 -8.16 -0.79
N ILE D 239 11.50 -9.45 -1.04
CA ILE D 239 12.60 -10.34 -1.37
C ILE D 239 13.19 -9.97 -2.73
N GLN D 240 12.38 -9.44 -3.63
CA GLN D 240 12.86 -9.04 -4.95
C GLN D 240 13.78 -7.83 -4.86
N LEU D 241 13.44 -6.88 -4.00
CA LEU D 241 14.29 -5.77 -3.60
C LEU D 241 15.21 -6.25 -2.48
N SER D 242 15.72 -5.33 -1.65
CA SER D 242 16.59 -5.70 -0.54
C SER D 242 17.88 -6.32 -1.03
N PRO D 243 18.84 -5.49 -1.46
CA PRO D 243 20.01 -6.00 -2.19
C PRO D 243 20.86 -6.98 -1.40
N LYS D 244 20.42 -7.36 -0.20
CA LYS D 244 21.09 -8.46 0.49
C LYS D 244 21.11 -9.72 -0.37
N TYR D 245 20.09 -9.91 -1.20
CA TYR D 245 20.06 -11.02 -2.13
C TYR D 245 20.60 -10.68 -3.51
N ASN D 246 21.08 -9.45 -3.70
CA ASN D 246 21.71 -9.07 -4.97
C ASN D 246 23.22 -9.26 -4.90
N ARG D 247 23.79 -8.38 -4.09
CA ARG D 247 25.21 -8.20 -3.92
C ARG D 247 25.99 -9.34 -3.38
N VAL D 248 27.29 -9.17 -3.49
CA VAL D 248 28.26 -10.19 -3.07
C VAL D 248 29.55 -9.52 -2.60
N LYS E 11 23.30 21.46 -45.58
CA LYS E 11 23.58 22.89 -45.54
C LYS E 11 22.85 23.56 -44.39
N LYS E 12 23.18 23.15 -43.17
CA LYS E 12 22.67 23.78 -41.96
C LYS E 12 21.15 23.79 -41.93
N LEU E 13 20.54 22.61 -41.81
CA LEU E 13 19.10 22.45 -41.72
C LEU E 13 18.55 23.44 -40.69
N THR E 14 17.72 24.36 -41.17
CA THR E 14 17.17 25.43 -40.35
C THR E 14 16.37 24.87 -39.19
N GLN E 15 16.28 25.63 -38.10
CA GLN E 15 15.53 25.17 -36.92
C GLN E 15 14.07 24.92 -37.30
N SER E 16 13.50 25.81 -38.11
CA SER E 16 12.11 25.68 -38.55
C SER E 16 11.92 24.44 -39.40
N ASP E 17 12.99 23.91 -39.97
CA ASP E 17 12.87 22.69 -40.76
C ASP E 17 12.55 21.51 -39.87
N ILE E 18 13.07 21.52 -38.65
CA ILE E 18 12.75 20.48 -37.67
C ILE E 18 11.29 20.61 -37.26
N ARG E 19 10.83 21.86 -37.10
CA ARG E 19 9.43 22.13 -36.83
C ARG E 19 8.57 21.57 -37.94
N GLY E 20 9.06 21.67 -39.17
CA GLY E 20 8.38 21.11 -40.32
C GLY E 20 8.34 19.60 -40.33
N VAL E 21 9.46 18.96 -39.98
CA VAL E 21 9.49 17.51 -39.96
C VAL E 21 8.58 16.98 -38.85
N PHE E 22 8.54 17.64 -37.70
CA PHE E 22 7.56 17.30 -36.69
C PHE E 22 6.13 17.34 -37.20
N LEU E 23 5.71 18.43 -37.82
CA LEU E 23 4.36 18.54 -38.32
C LEU E 23 4.07 17.57 -39.45
N ARG E 24 5.07 17.22 -40.24
CA ARG E 24 4.89 16.29 -41.34
C ARG E 24 5.06 14.83 -40.91
N SER E 25 5.45 14.60 -39.66
CA SER E 25 5.60 13.24 -39.15
C SER E 25 4.38 12.79 -38.37
N ASN E 26 3.46 13.71 -38.09
CA ASN E 26 2.23 13.34 -37.40
C ASN E 26 1.47 12.29 -38.18
N LEU E 27 1.36 12.47 -39.49
CA LEU E 27 0.71 11.48 -40.34
C LEU E 27 1.75 10.55 -40.95
N PHE E 28 2.48 9.88 -40.05
CA PHE E 28 3.56 9.00 -40.44
C PHE E 28 3.05 7.74 -41.14
N GLN E 29 2.31 6.87 -40.44
CA GLN E 29 1.73 5.58 -40.97
C GLN E 29 1.07 5.93 -42.24
N GLY E 30 1.25 5.09 -43.29
CA GLY E 30 1.19 5.40 -44.70
C GLY E 30 -0.20 5.58 -45.28
N SER E 31 -0.53 4.99 -46.43
CA SER E 31 0.29 4.07 -47.27
C SER E 31 1.05 2.97 -46.51
N TRP E 32 0.43 2.45 -45.46
CA TRP E 32 0.95 1.30 -44.75
C TRP E 32 0.80 0.07 -45.61
N ASN E 33 1.78 -0.21 -46.45
CA ASN E 33 1.66 -1.27 -47.41
C ASN E 33 1.97 -2.61 -46.75
N PHE E 34 1.98 -3.70 -47.53
CA PHE E 34 2.56 -4.94 -47.06
C PHE E 34 3.89 -5.25 -47.70
N GLU E 35 4.19 -4.66 -48.85
CA GLU E 35 5.48 -4.88 -49.49
C GLU E 35 6.58 -4.11 -48.78
N ARG E 36 6.36 -2.82 -48.52
CA ARG E 36 7.32 -1.97 -47.83
C ARG E 36 6.57 -1.12 -46.82
N MET E 37 6.41 -1.66 -45.62
CA MET E 37 5.58 -1.03 -44.60
C MET E 37 6.17 0.31 -44.18
N GLN E 38 5.34 1.34 -44.18
CA GLN E 38 5.70 2.69 -43.73
C GLN E 38 6.82 3.29 -44.55
N ALA E 39 7.25 2.63 -45.62
CA ALA E 39 8.40 3.10 -46.37
C ALA E 39 8.15 4.47 -46.98
N LEU E 40 7.02 4.63 -47.68
CA LEU E 40 6.70 5.92 -48.27
C LEU E 40 6.49 6.99 -47.22
N GLY E 41 5.98 6.61 -46.05
CA GLY E 41 5.81 7.56 -44.97
C GLY E 41 7.11 8.13 -44.46
N PHE E 42 8.21 7.39 -44.60
CA PHE E 42 9.51 7.90 -44.20
C PHE E 42 10.03 8.94 -45.20
N CYS E 43 9.88 8.65 -46.49
CA CYS E 43 10.23 9.63 -47.51
C CYS E 43 9.40 10.89 -47.34
N PHE E 44 8.11 10.72 -47.05
CA PHE E 44 7.25 11.89 -46.85
C PHE E 44 7.68 12.69 -45.63
N SER E 45 8.15 12.03 -44.58
CA SER E 45 8.59 12.76 -43.40
C SER E 45 9.92 13.46 -43.62
N MET E 46 10.75 12.92 -44.52
CA MET E 46 12.03 13.54 -44.81
C MET E 46 12.01 14.47 -46.00
N VAL E 47 10.87 14.63 -46.67
CA VAL E 47 10.79 15.60 -47.77
C VAL E 47 11.29 16.98 -47.38
N PRO E 48 10.87 17.59 -46.26
CA PRO E 48 11.36 18.94 -45.96
C PRO E 48 12.86 19.03 -45.80
N ALA E 49 13.53 18.00 -45.29
CA ALA E 49 14.99 18.03 -45.23
C ALA E 49 15.57 18.09 -46.63
N ILE E 50 15.16 17.19 -47.51
CA ILE E 50 15.68 17.15 -48.87
C ILE E 50 15.24 18.37 -49.67
N ARG E 51 14.32 19.18 -49.16
CA ARG E 51 13.94 20.39 -49.89
C ARG E 51 15.11 21.36 -49.98
N ARG E 52 15.61 21.84 -48.84
CA ARG E 52 16.71 22.79 -48.84
C ARG E 52 18.08 22.13 -48.79
N LEU E 53 18.16 20.82 -48.58
CA LEU E 53 19.44 20.16 -48.57
C LEU E 53 20.03 20.01 -49.96
N TYR E 54 19.20 19.92 -50.99
CA TYR E 54 19.65 19.59 -52.32
C TYR E 54 18.98 20.49 -53.35
N PRO E 55 19.62 20.78 -54.47
CA PRO E 55 18.90 21.25 -55.65
C PRO E 55 18.47 20.07 -56.52
N GLU E 56 17.90 20.33 -57.69
CA GLU E 56 17.54 19.25 -58.61
C GLU E 56 18.80 18.73 -59.28
N ASN E 57 19.12 17.46 -59.05
CA ASN E 57 20.34 16.89 -59.59
C ASN E 57 20.21 15.38 -59.68
N ASN E 58 21.05 14.76 -60.51
CA ASN E 58 21.08 13.32 -60.67
C ASN E 58 21.46 12.62 -59.36
N GLU E 59 22.68 12.86 -58.89
CA GLU E 59 23.15 12.20 -57.69
C GLU E 59 22.54 12.81 -56.43
N ALA E 60 22.24 14.10 -56.46
CA ALA E 60 21.69 14.74 -55.27
C ALA E 60 20.27 14.27 -54.97
N ARG E 61 19.55 13.81 -55.98
CA ARG E 61 18.17 13.37 -55.81
C ARG E 61 18.02 11.86 -55.95
N LYS E 62 19.09 11.10 -55.71
CA LYS E 62 18.97 9.66 -55.61
C LYS E 62 18.76 9.19 -54.19
N GLN E 63 18.77 10.10 -53.22
CA GLN E 63 18.56 9.69 -51.83
C GLN E 63 17.13 9.23 -51.59
N ALA E 64 16.15 9.87 -52.23
CA ALA E 64 14.78 9.38 -52.13
C ALA E 64 14.67 7.93 -52.57
N ILE E 65 15.56 7.49 -53.47
CA ILE E 65 15.60 6.07 -53.81
C ILE E 65 15.99 5.24 -52.59
N ARG E 66 17.00 5.69 -51.83
CA ARG E 66 17.48 4.88 -50.73
C ARG E 66 16.55 4.94 -49.53
N ARG E 67 15.71 5.97 -49.44
CA ARG E 67 14.73 6.00 -48.37
C ARG E 67 13.63 4.97 -48.59
N HIS E 68 13.40 4.59 -49.85
CA HIS E 68 12.50 3.49 -50.20
C HIS E 68 13.20 2.13 -50.22
N LEU E 69 14.52 2.10 -50.08
CA LEU E 69 15.30 0.92 -50.45
C LEU E 69 14.88 -0.32 -49.70
N GLU E 70 14.24 -0.18 -48.54
CA GLU E 70 13.88 -1.35 -47.75
C GLU E 70 12.75 -0.99 -46.82
N PHE E 71 12.38 -1.96 -45.99
CA PHE E 71 11.45 -1.73 -44.88
C PHE E 71 11.86 -0.53 -44.08
N PHE E 72 10.88 0.08 -43.43
CA PHE E 72 11.08 0.80 -42.18
C PHE E 72 9.83 0.50 -41.37
N ASN E 73 9.85 -0.59 -40.62
CA ASN E 73 8.65 -1.10 -39.97
C ASN E 73 8.85 -1.06 -38.45
N THR E 74 8.60 0.10 -37.87
CA THR E 74 8.62 0.28 -36.42
C THR E 74 7.31 0.92 -35.99
N GLN E 75 7.24 1.31 -34.73
CA GLN E 75 6.07 2.01 -34.24
C GLN E 75 6.06 3.45 -34.75
N PRO E 76 4.88 4.03 -34.97
CA PRO E 76 4.83 5.45 -35.34
C PRO E 76 5.38 6.39 -34.28
N PHE E 77 5.33 6.03 -32.99
CA PHE E 77 5.69 7.00 -31.97
C PHE E 77 7.18 6.93 -31.63
N VAL E 78 7.74 5.73 -31.54
CA VAL E 78 9.21 5.60 -31.48
C VAL E 78 9.68 5.52 -32.92
N ALA E 79 9.61 6.67 -33.59
CA ALA E 79 10.23 6.88 -34.89
C ALA E 79 10.80 8.27 -34.98
N ALA E 80 10.67 9.07 -33.95
CA ALA E 80 11.24 10.41 -33.86
C ALA E 80 12.74 10.34 -33.57
N PRO E 81 13.20 9.50 -32.65
CA PRO E 81 14.67 9.33 -32.53
C PRO E 81 15.32 8.89 -33.83
N ILE E 82 14.69 7.97 -34.57
CA ILE E 82 15.27 7.53 -35.83
C ILE E 82 15.28 8.66 -36.84
N LEU E 83 14.20 9.44 -36.87
CA LEU E 83 14.14 10.58 -37.78
C LEU E 83 15.23 11.59 -37.45
N GLY E 84 15.43 11.91 -36.17
CA GLY E 84 16.46 12.84 -35.80
C GLY E 84 17.86 12.34 -36.09
N VAL E 85 18.10 11.04 -35.88
CA VAL E 85 19.41 10.48 -36.17
C VAL E 85 19.69 10.50 -37.67
N THR E 86 18.70 10.10 -38.47
CA THR E 86 18.92 10.08 -39.91
C THR E 86 18.98 11.48 -40.51
N LEU E 87 18.33 12.46 -39.88
CA LEU E 87 18.55 13.84 -40.27
C LEU E 87 19.99 14.25 -40.04
N ALA E 88 20.53 13.95 -38.85
CA ALA E 88 21.91 14.27 -38.55
C ALA E 88 22.89 13.58 -39.48
N LEU E 89 22.57 12.35 -39.91
CA LEU E 89 23.45 11.66 -40.85
C LEU E 89 23.58 12.36 -42.19
N GLU E 90 22.64 13.23 -42.55
CA GLU E 90 22.67 13.85 -43.87
C GLU E 90 23.74 14.91 -43.99
N GLU E 91 23.90 15.76 -42.98
CA GLU E 91 24.97 16.77 -43.03
C GLU E 91 26.32 16.10 -43.22
N GLN E 92 26.58 15.04 -42.46
CA GLN E 92 27.84 14.31 -42.59
C GLN E 92 27.96 13.65 -43.96
N ARG E 93 26.87 13.51 -44.69
CA ARG E 93 26.92 13.08 -46.10
C ARG E 93 26.76 14.24 -47.07
N ALA E 94 26.09 15.32 -46.67
CA ALA E 94 25.97 16.46 -47.55
C ALA E 94 27.06 17.48 -47.30
N ASN E 95 27.11 18.04 -46.09
CA ASN E 95 28.09 19.06 -45.77
C ASN E 95 29.46 18.45 -45.50
N GLY E 96 29.55 17.61 -44.46
CA GLY E 96 30.81 16.98 -44.16
C GLY E 96 31.30 16.04 -45.23
N ALA E 97 30.40 15.53 -46.06
CA ALA E 97 30.71 14.64 -47.18
C ALA E 97 31.45 13.39 -46.73
N GLU E 98 31.37 13.05 -45.44
CA GLU E 98 31.98 11.83 -44.95
C GLU E 98 31.22 10.63 -45.52
N ILE E 99 31.94 9.80 -46.28
CA ILE E 99 31.29 8.83 -47.15
C ILE E 99 30.49 7.84 -46.31
N ASP E 100 29.21 7.69 -46.65
CA ASP E 100 28.34 6.74 -45.97
C ASP E 100 27.13 6.51 -46.87
N ASP E 101 27.00 5.30 -47.40
CA ASP E 101 25.85 4.93 -48.21
C ASP E 101 25.04 3.80 -47.60
N GLY E 102 25.68 2.69 -47.26
CA GLY E 102 24.98 1.56 -46.70
C GLY E 102 24.59 1.75 -45.25
N ALA E 103 25.41 2.47 -44.48
CA ALA E 103 25.16 2.58 -43.05
C ALA E 103 23.99 3.48 -42.73
N ILE E 104 23.57 4.33 -43.65
CA ILE E 104 22.34 5.11 -43.41
C ILE E 104 21.15 4.18 -43.28
N ASN E 105 21.05 3.20 -44.19
CA ASN E 105 20.06 2.15 -44.01
C ASN E 105 20.45 1.18 -42.90
N GLY E 106 21.73 1.05 -42.61
CA GLY E 106 22.18 0.17 -41.55
C GLY E 106 21.63 0.62 -40.21
N ILE E 107 21.67 1.92 -39.96
CA ILE E 107 21.12 2.47 -38.71
C ILE E 107 19.61 2.30 -38.67
N LYS E 108 18.93 2.53 -39.80
CA LYS E 108 17.48 2.30 -39.85
C LYS E 108 17.15 0.87 -39.47
N VAL E 109 17.86 -0.10 -40.04
CA VAL E 109 17.57 -1.50 -39.75
C VAL E 109 17.96 -1.84 -38.31
N GLY E 110 19.06 -1.28 -37.82
CA GLY E 110 19.50 -1.56 -36.46
C GLY E 110 18.57 -1.01 -35.40
N LEU E 111 17.93 0.13 -35.66
CA LEU E 111 16.96 0.70 -34.74
C LEU E 111 15.55 0.23 -35.02
N MET E 112 15.31 -0.46 -36.16
CA MET E 112 14.05 -1.13 -36.39
C MET E 112 13.76 -2.17 -35.33
N GLY E 113 14.74 -3.02 -35.03
CA GLY E 113 14.53 -4.20 -34.22
C GLY E 113 14.15 -3.91 -32.79
N PRO E 114 15.09 -3.34 -32.03
CA PRO E 114 14.77 -3.06 -30.61
C PRO E 114 13.62 -2.10 -30.43
N LEU E 115 13.55 -1.04 -31.24
CA LEU E 115 12.51 -0.04 -31.04
C LEU E 115 11.12 -0.52 -31.43
N ALA E 116 11.02 -1.55 -32.27
CA ALA E 116 9.73 -2.15 -32.55
C ALA E 116 9.23 -3.01 -31.40
N GLY E 117 10.13 -3.56 -30.59
CA GLY E 117 9.77 -4.38 -29.46
C GLY E 117 9.79 -3.68 -28.13
N VAL E 118 10.29 -2.45 -28.08
CA VAL E 118 10.26 -1.66 -26.85
C VAL E 118 9.19 -0.59 -26.93
N GLY E 119 8.69 -0.31 -28.14
CA GLY E 119 7.65 0.69 -28.28
C GLY E 119 6.26 0.10 -28.28
N ASP E 120 6.10 -1.08 -28.87
CA ASP E 120 4.79 -1.73 -28.88
C ASP E 120 4.27 -2.05 -27.48
N PRO E 121 5.04 -2.64 -26.56
CA PRO E 121 4.51 -2.91 -25.22
C PRO E 121 4.45 -1.70 -24.31
N ILE E 122 4.61 -0.48 -24.83
CA ILE E 122 4.39 0.74 -24.05
C ILE E 122 3.17 1.49 -24.56
N PHE E 123 3.21 1.97 -25.79
CA PHE E 123 2.11 2.79 -26.28
C PHE E 123 0.89 1.95 -26.60
N TRP E 124 1.06 0.81 -27.24
CA TRP E 124 -0.04 -0.15 -27.31
C TRP E 124 -0.11 -0.99 -26.05
N GLY E 125 0.80 -0.74 -25.10
CA GLY E 125 0.98 -1.48 -23.88
C GLY E 125 0.31 -0.76 -22.73
N THR E 126 1.05 0.08 -22.01
CA THR E 126 0.54 0.74 -20.82
C THR E 126 0.24 2.22 -21.05
N VAL E 127 -0.10 2.61 -22.27
CA VAL E 127 -0.49 3.99 -22.57
C VAL E 127 -1.86 4.05 -23.23
N ARG E 128 -2.02 3.36 -24.36
CA ARG E 128 -3.32 3.37 -25.03
C ARG E 128 -4.42 2.72 -24.20
N PRO E 129 -4.24 1.52 -23.62
CA PRO E 129 -5.35 0.94 -22.85
C PRO E 129 -5.36 1.33 -21.38
N VAL E 130 -4.45 2.19 -20.95
CA VAL E 130 -4.53 2.78 -19.62
C VAL E 130 -5.27 4.10 -19.66
N PHE E 131 -4.95 4.97 -20.62
CA PHE E 131 -5.79 6.14 -20.83
C PHE E 131 -7.17 5.74 -21.37
N ALA E 132 -7.23 4.72 -22.23
CA ALA E 132 -8.50 4.22 -22.71
C ALA E 132 -9.33 3.55 -21.63
N ALA E 133 -8.73 3.18 -20.51
CA ALA E 133 -9.47 2.68 -19.37
C ALA E 133 -9.82 3.76 -18.37
N LEU E 134 -8.96 4.74 -18.19
CA LEU E 134 -9.31 5.88 -17.35
C LEU E 134 -10.46 6.68 -17.95
N GLY E 135 -10.46 6.85 -19.27
CA GLY E 135 -11.50 7.61 -19.91
C GLY E 135 -12.66 6.77 -20.41
N ALA E 136 -12.78 5.55 -19.91
CA ALA E 136 -13.93 4.72 -20.25
C ALA E 136 -14.67 4.22 -19.01
N GLY E 137 -14.13 4.42 -17.82
CA GLY E 137 -14.90 4.19 -16.62
C GLY E 137 -15.73 5.42 -16.33
N ILE E 138 -15.43 6.50 -17.04
CA ILE E 138 -16.15 7.74 -16.92
C ILE E 138 -17.15 7.92 -18.06
N ALA E 139 -16.80 7.45 -19.25
CA ALA E 139 -17.70 7.54 -20.39
C ALA E 139 -18.97 6.73 -20.19
N MET E 140 -18.96 5.77 -19.26
CA MET E 140 -20.19 5.06 -18.93
C MET E 140 -21.17 6.01 -18.23
N SER E 141 -20.78 6.52 -17.07
CA SER E 141 -21.65 7.41 -16.32
C SER E 141 -21.57 8.84 -16.84
N GLY E 142 -20.38 9.44 -16.76
CA GLY E 142 -20.19 10.83 -17.16
C GLY E 142 -20.41 11.03 -18.65
N SER E 143 -20.13 12.26 -19.08
CA SER E 143 -20.32 12.62 -20.48
C SER E 143 -19.01 12.99 -21.17
N LEU E 144 -18.32 14.02 -20.71
CA LEU E 144 -17.17 14.55 -21.44
C LEU E 144 -15.89 14.58 -20.62
N LEU E 145 -15.79 13.78 -19.57
CA LEU E 145 -14.52 13.62 -18.88
C LEU E 145 -13.89 12.28 -19.21
N GLY E 146 -14.62 11.41 -19.91
CA GLY E 146 -14.07 10.17 -20.40
C GLY E 146 -13.42 10.32 -21.76
N PRO E 147 -14.21 10.71 -22.76
CA PRO E 147 -13.65 10.84 -24.11
C PRO E 147 -12.88 12.14 -24.32
N LEU E 148 -12.57 12.82 -23.22
CA LEU E 148 -11.76 14.03 -23.29
C LEU E 148 -10.53 13.96 -22.41
N LEU E 149 -10.57 13.22 -21.30
CA LEU E 149 -9.34 12.86 -20.60
C LEU E 149 -8.49 11.90 -21.41
N PHE E 150 -9.09 11.17 -22.35
CA PHE E 150 -8.35 10.37 -23.31
C PHE E 150 -7.67 11.24 -24.35
N PHE E 151 -8.46 12.05 -25.06
CA PHE E 151 -7.92 12.81 -26.18
C PHE E 151 -6.89 13.83 -25.76
N ILE E 152 -6.98 14.37 -24.55
CA ILE E 152 -5.96 15.32 -24.09
C ILE E 152 -4.73 14.59 -23.57
N LEU E 153 -4.94 13.59 -22.73
CA LEU E 153 -3.81 12.94 -22.08
C LEU E 153 -3.06 11.97 -22.98
N PHE E 154 -3.67 11.47 -24.04
CA PHE E 154 -2.94 10.58 -24.93
C PHE E 154 -2.34 11.28 -26.13
N ASN E 155 -2.93 12.37 -26.58
CA ASN E 155 -2.37 13.13 -27.68
C ASN E 155 -1.33 14.15 -27.22
N LEU E 156 -1.03 14.16 -25.92
CA LEU E 156 0.16 14.82 -25.40
C LEU E 156 1.33 13.87 -25.27
N VAL E 157 1.08 12.68 -24.74
CA VAL E 157 2.15 11.70 -24.57
C VAL E 157 2.70 11.25 -25.92
N ARG E 158 1.88 11.32 -26.99
CA ARG E 158 2.41 10.99 -28.30
C ARG E 158 3.17 12.16 -28.91
N LEU E 159 2.86 13.39 -28.48
CA LEU E 159 3.55 14.55 -29.01
C LEU E 159 4.84 14.85 -28.25
N ALA E 160 4.85 14.60 -26.94
CA ALA E 160 6.10 14.68 -26.20
C ALA E 160 7.07 13.59 -26.61
N THR E 161 6.57 12.52 -27.23
CA THR E 161 7.41 11.46 -27.75
C THR E 161 7.87 11.76 -29.18
N ARG E 162 7.25 12.71 -29.83
CA ARG E 162 7.70 13.02 -31.18
C ARG E 162 8.55 14.29 -31.26
N TYR E 163 8.11 15.38 -30.62
CA TYR E 163 8.92 16.59 -30.67
C TYR E 163 10.22 16.41 -29.90
N TYR E 164 10.14 15.96 -28.65
CA TYR E 164 11.31 15.66 -27.85
C TYR E 164 12.06 14.45 -28.37
N GLY E 165 11.47 13.71 -29.29
CA GLY E 165 12.17 12.63 -29.94
C GLY E 165 13.04 13.18 -31.06
N VAL E 166 12.44 13.92 -31.98
CA VAL E 166 13.17 14.46 -33.13
C VAL E 166 14.23 15.44 -32.68
N ALA E 167 13.88 16.41 -31.82
CA ALA E 167 14.87 17.41 -31.42
C ALA E 167 16.05 16.78 -30.71
N TYR E 168 15.77 15.89 -29.76
CA TYR E 168 16.81 15.29 -28.92
C TYR E 168 17.51 14.12 -29.60
N GLY E 169 17.01 13.65 -30.74
CA GLY E 169 17.70 12.63 -31.49
C GLY E 169 18.38 13.21 -32.71
N TYR E 170 18.16 14.50 -32.96
CA TYR E 170 18.87 15.22 -34.00
C TYR E 170 20.17 15.82 -33.50
N SER E 171 20.12 16.54 -32.37
CA SER E 171 21.33 17.13 -31.83
C SER E 171 22.36 16.09 -31.43
N LYS E 172 21.93 14.87 -31.16
CA LYS E 172 22.82 13.78 -30.78
C LYS E 172 22.88 12.77 -31.92
N GLY E 173 24.05 12.62 -32.52
CA GLY E 173 24.21 11.74 -33.65
C GLY E 173 24.26 10.28 -33.25
N ILE E 174 25.09 9.49 -33.94
CA ILE E 174 25.19 8.07 -33.66
C ILE E 174 25.66 7.85 -32.23
N ASP E 175 26.57 8.72 -31.76
CA ASP E 175 27.34 8.45 -30.55
C ASP E 175 26.46 8.14 -29.34
N ILE E 176 25.27 8.74 -29.29
CA ILE E 176 24.39 8.53 -28.14
C ILE E 176 23.13 7.82 -28.63
N VAL E 177 23.30 6.97 -29.63
CA VAL E 177 22.35 5.90 -29.91
C VAL E 177 22.69 4.66 -29.12
N LYS E 178 23.96 4.26 -29.14
CA LYS E 178 24.44 3.15 -28.31
C LYS E 178 24.49 3.51 -26.83
N ASP E 179 24.34 4.78 -26.48
CA ASP E 179 24.41 5.18 -25.08
C ASP E 179 23.07 5.06 -24.37
N MET E 180 22.03 5.71 -24.87
CA MET E 180 20.71 5.63 -24.27
C MET E 180 19.96 4.38 -24.71
N GLY E 181 20.53 3.62 -25.64
CA GLY E 181 20.00 2.30 -25.96
C GLY E 181 20.33 1.25 -24.94
N GLY E 182 21.04 1.61 -23.87
CA GLY E 182 21.32 0.69 -22.79
C GLY E 182 21.01 1.30 -21.44
N GLY E 183 20.15 0.65 -20.68
CA GLY E 183 19.80 1.09 -19.34
C GLY E 183 18.53 1.91 -19.16
N PHE E 184 18.34 2.94 -19.97
CA PHE E 184 17.18 3.81 -19.78
C PHE E 184 15.88 3.12 -20.20
N LEU E 185 15.88 2.44 -21.35
CA LEU E 185 14.67 1.81 -21.82
C LEU E 185 14.27 0.61 -20.98
N GLN E 186 15.22 -0.07 -20.33
CA GLN E 186 14.85 -1.08 -19.36
C GLN E 186 14.08 -0.47 -18.20
N LYS E 187 14.52 0.70 -17.72
CA LYS E 187 13.75 1.41 -16.72
C LYS E 187 12.37 1.78 -17.23
N LEU E 188 12.30 2.25 -18.48
CA LEU E 188 11.04 2.75 -19.01
C LEU E 188 10.03 1.64 -19.29
N THR E 189 10.48 0.41 -19.57
CA THR E 189 9.56 -0.68 -19.81
C THR E 189 9.41 -1.60 -18.60
N GLU E 190 10.20 -1.42 -17.55
CA GLU E 190 9.87 -2.08 -16.30
C GLU E 190 8.94 -1.24 -15.44
N GLY E 191 9.00 0.08 -15.59
CA GLY E 191 8.01 0.93 -14.97
C GLY E 191 6.68 0.96 -15.68
N ALA E 192 6.68 0.77 -16.99
CA ALA E 192 5.43 0.70 -17.74
C ALA E 192 4.62 -0.52 -17.35
N SER E 193 5.24 -1.70 -17.37
CA SER E 193 4.53 -2.95 -17.10
C SER E 193 4.32 -3.19 -15.62
N ILE E 194 4.55 -2.20 -14.77
CA ILE E 194 4.05 -2.18 -13.42
C ILE E 194 2.73 -1.42 -13.33
N LEU E 195 2.67 -0.25 -13.95
CA LEU E 195 1.43 0.50 -14.05
C LEU E 195 0.38 -0.27 -14.83
N GLY E 196 0.76 -0.86 -15.95
CA GLY E 196 -0.21 -1.54 -16.77
C GLY E 196 -0.65 -2.86 -16.22
N LEU E 197 0.10 -3.41 -15.26
CA LEU E 197 -0.32 -4.63 -14.60
C LEU E 197 -1.19 -4.29 -13.41
N PHE E 198 -0.83 -3.23 -12.70
CA PHE E 198 -1.67 -2.78 -11.59
C PHE E 198 -3.04 -2.35 -12.06
N VAL E 199 -3.13 -1.67 -13.20
CA VAL E 199 -4.44 -1.25 -13.72
C VAL E 199 -5.22 -2.42 -14.30
N MET E 200 -4.56 -3.33 -15.02
CA MET E 200 -5.27 -4.46 -15.58
C MET E 200 -5.74 -5.45 -14.53
N GLY E 201 -5.04 -5.54 -13.39
CA GLY E 201 -5.58 -6.35 -12.30
C GLY E 201 -6.86 -5.78 -11.75
N ALA E 202 -6.98 -4.46 -11.71
CA ALA E 202 -8.21 -3.83 -11.22
C ALA E 202 -9.32 -3.91 -12.23
N LEU E 203 -9.01 -3.75 -13.51
CA LEU E 203 -10.04 -3.82 -14.55
C LEU E 203 -10.68 -5.19 -14.61
N VAL E 204 -9.89 -6.25 -14.49
CA VAL E 204 -10.43 -7.60 -14.52
C VAL E 204 -11.38 -7.82 -13.35
N ASN E 205 -11.07 -7.23 -12.20
CA ASN E 205 -11.88 -7.45 -11.01
C ASN E 205 -13.17 -6.64 -11.05
N LYS E 206 -13.07 -5.32 -11.07
CA LYS E 206 -14.26 -4.48 -10.91
C LYS E 206 -15.01 -4.26 -12.20
N TRP E 207 -14.30 -3.98 -13.30
CA TRP E 207 -14.98 -3.56 -14.51
C TRP E 207 -15.41 -4.73 -15.38
N THR E 208 -15.58 -5.90 -14.79
CA THR E 208 -16.23 -7.03 -15.44
C THR E 208 -17.45 -7.46 -14.63
N HIS E 209 -18.45 -7.96 -15.34
CA HIS E 209 -19.65 -8.46 -14.69
C HIS E 209 -19.86 -9.94 -14.95
N VAL E 210 -19.86 -10.75 -13.90
CA VAL E 210 -20.23 -12.16 -13.97
C VAL E 210 -21.10 -12.49 -12.77
N ASN E 211 -22.26 -13.10 -13.00
CA ASN E 211 -23.20 -13.40 -11.94
C ASN E 211 -23.78 -14.80 -12.13
N ILE E 212 -23.90 -15.53 -11.02
CA ILE E 212 -24.42 -16.90 -11.04
C ILE E 212 -25.62 -16.98 -10.11
N PRO E 213 -26.85 -17.01 -10.64
CA PRO E 213 -28.05 -17.00 -9.78
C PRO E 213 -28.48 -18.36 -9.25
N LEU E 214 -27.63 -19.38 -9.28
CA LEU E 214 -27.99 -20.69 -8.74
C LEU E 214 -28.15 -20.64 -7.23
N VAL E 215 -29.39 -20.73 -6.75
CA VAL E 215 -29.66 -20.75 -5.31
C VAL E 215 -29.15 -22.06 -4.73
N VAL E 216 -28.62 -22.01 -3.51
CA VAL E 216 -28.08 -23.21 -2.89
C VAL E 216 -28.59 -23.31 -1.45
N SER E 217 -29.37 -22.33 -1.00
CA SER E 217 -29.80 -22.38 0.40
C SER E 217 -31.17 -21.77 0.67
N ARG E 218 -31.93 -22.50 1.48
CA ARG E 218 -33.26 -22.12 1.94
C ARG E 218 -33.13 -21.42 3.29
N ILE E 219 -34.07 -21.60 4.24
CA ILE E 219 -34.63 -20.60 5.15
C ILE E 219 -33.67 -19.48 5.49
N THR E 220 -34.05 -18.20 5.26
CA THR E 220 -35.41 -17.57 5.12
C THR E 220 -36.08 -17.45 6.49
N ASP E 221 -35.29 -17.01 7.47
CA ASP E 221 -35.80 -16.59 8.77
C ASP E 221 -36.05 -15.09 8.78
N GLN E 222 -36.24 -14.53 9.97
CA GLN E 222 -36.39 -13.07 10.16
C GLN E 222 -37.59 -12.52 9.39
N THR E 223 -38.79 -12.98 9.79
CA THR E 223 -40.09 -12.52 9.31
C THR E 223 -40.12 -12.17 7.83
N GLY E 224 -39.75 -13.13 6.98
CA GLY E 224 -39.87 -12.97 5.55
C GLY E 224 -38.81 -12.10 4.89
N LYS E 225 -37.54 -12.48 5.06
CA LYS E 225 -36.45 -11.88 4.31
C LYS E 225 -35.87 -12.80 3.26
N GLU E 226 -36.13 -14.11 3.35
CA GLU E 226 -35.81 -15.15 2.38
C GLU E 226 -34.32 -15.51 2.35
N HIS E 227 -33.49 -14.68 2.99
CA HIS E 227 -32.07 -14.96 3.25
C HIS E 227 -31.43 -15.78 2.12
N VAL E 228 -31.69 -15.35 0.90
CA VAL E 228 -31.27 -16.09 -0.28
C VAL E 228 -29.76 -16.01 -0.37
N THR E 229 -29.11 -17.15 -0.65
CA THR E 229 -27.66 -17.17 -0.82
C THR E 229 -27.31 -17.98 -2.04
N THR E 230 -27.20 -17.32 -3.19
CA THR E 230 -26.82 -17.98 -4.44
C THR E 230 -25.35 -18.34 -4.42
N VAL E 231 -24.87 -18.96 -5.50
CA VAL E 231 -23.45 -19.29 -5.60
C VAL E 231 -22.57 -18.06 -5.62
N GLN E 232 -23.07 -16.93 -6.12
CA GLN E 232 -22.26 -15.73 -6.19
C GLN E 232 -21.88 -15.22 -4.81
N THR E 233 -22.75 -15.42 -3.81
CA THR E 233 -22.39 -15.05 -2.45
C THR E 233 -21.27 -15.93 -1.90
N ILE E 234 -21.25 -17.22 -2.22
CA ILE E 234 -20.18 -18.09 -1.75
C ILE E 234 -18.84 -17.63 -2.29
N LEU E 235 -18.77 -17.29 -3.58
CA LEU E 235 -17.52 -16.83 -4.16
C LEU E 235 -17.16 -15.41 -3.72
N ASP E 236 -18.16 -14.55 -3.52
CA ASP E 236 -17.90 -13.23 -2.98
C ASP E 236 -17.49 -13.27 -1.51
N GLN E 237 -17.71 -14.40 -0.84
CA GLN E 237 -17.16 -14.57 0.50
C GLN E 237 -15.66 -14.77 0.46
N LEU E 238 -15.13 -15.38 -0.59
CA LEU E 238 -13.68 -15.50 -0.75
C LEU E 238 -13.10 -14.22 -1.37
N MET E 239 -13.50 -13.93 -2.61
CA MET E 239 -12.97 -12.78 -3.32
C MET E 239 -14.01 -12.30 -4.33
N PRO E 240 -14.34 -11.02 -4.33
CA PRO E 240 -15.47 -10.54 -5.13
C PRO E 240 -15.24 -10.47 -6.63
N GLY E 241 -14.15 -11.02 -7.14
CA GLY E 241 -13.92 -11.00 -8.57
C GLY E 241 -13.32 -12.28 -9.11
N LEU E 242 -13.65 -13.41 -8.47
CA LEU E 242 -12.92 -14.64 -8.75
C LEU E 242 -13.19 -15.19 -10.14
N VAL E 243 -14.46 -15.28 -10.54
CA VAL E 243 -14.82 -15.93 -11.80
C VAL E 243 -14.24 -15.20 -13.01
N PRO E 244 -14.35 -13.87 -13.12
CA PRO E 244 -13.64 -13.18 -14.19
C PRO E 244 -12.13 -13.35 -14.12
N LEU E 245 -11.55 -13.49 -12.93
CA LEU E 245 -10.13 -13.76 -12.83
C LEU E 245 -9.76 -15.10 -13.45
N LEU E 246 -10.53 -16.15 -13.16
CA LEU E 246 -10.26 -17.44 -13.79
C LEU E 246 -10.52 -17.41 -15.29
N LEU E 247 -11.57 -16.72 -15.72
CA LEU E 247 -11.82 -16.58 -17.15
C LEU E 247 -10.69 -15.88 -17.85
N THR E 248 -10.07 -14.89 -17.19
CA THR E 248 -8.92 -14.21 -17.75
C THR E 248 -7.74 -15.14 -17.94
N PHE E 249 -7.43 -15.99 -16.96
CA PHE E 249 -6.34 -16.94 -17.12
C PHE E 249 -6.64 -18.01 -18.16
N ALA E 250 -7.91 -18.37 -18.34
CA ALA E 250 -8.25 -19.27 -19.44
C ALA E 250 -8.01 -18.59 -20.79
N CYS E 251 -8.56 -17.38 -20.97
CA CYS E 251 -8.35 -16.65 -22.21
C CYS E 251 -6.90 -16.21 -22.37
N MET E 252 -6.21 -15.96 -21.27
CA MET E 252 -4.81 -15.57 -21.33
C MET E 252 -3.93 -16.74 -21.75
N TRP E 253 -4.37 -17.96 -21.44
CA TRP E 253 -3.71 -19.17 -21.91
C TRP E 253 -4.04 -19.49 -23.36
N LEU E 254 -5.28 -19.24 -23.79
CA LEU E 254 -5.64 -19.50 -25.18
C LEU E 254 -4.84 -18.62 -26.14
N LEU E 255 -4.56 -17.37 -25.76
CA LEU E 255 -3.99 -16.42 -26.71
C LEU E 255 -2.55 -16.72 -27.06
N ARG E 256 -1.79 -17.40 -26.19
CA ARG E 256 -0.46 -17.84 -26.59
C ARG E 256 -0.52 -18.83 -27.73
N LYS E 257 -1.60 -19.61 -27.81
CA LYS E 257 -1.78 -20.57 -28.89
C LYS E 257 -2.29 -19.91 -30.17
N LYS E 258 -2.26 -18.58 -30.22
CA LYS E 258 -2.59 -17.80 -31.41
C LYS E 258 -3.98 -18.13 -31.96
N VAL E 259 -4.94 -18.32 -31.08
CA VAL E 259 -6.33 -18.41 -31.50
C VAL E 259 -6.84 -17.00 -31.76
N ASN E 260 -7.69 -16.86 -32.78
CA ASN E 260 -8.23 -15.55 -33.08
C ASN E 260 -9.08 -15.05 -31.93
N PRO E 261 -8.83 -13.83 -31.44
CA PRO E 261 -9.72 -13.26 -30.42
C PRO E 261 -11.15 -13.08 -30.89
N LEU E 262 -11.38 -13.06 -32.21
CA LEU E 262 -12.72 -13.09 -32.75
C LEU E 262 -13.30 -14.50 -32.77
N TRP E 263 -12.51 -15.50 -32.40
CA TRP E 263 -12.98 -16.85 -32.20
C TRP E 263 -13.04 -17.25 -30.73
N ILE E 264 -12.81 -16.31 -29.82
CA ILE E 264 -12.99 -16.54 -28.39
C ILE E 264 -14.17 -15.69 -27.93
N ILE E 265 -14.39 -14.57 -28.63
CA ILE E 265 -15.55 -13.74 -28.33
C ILE E 265 -16.83 -14.46 -28.71
N VAL E 266 -16.83 -15.15 -29.86
CA VAL E 266 -18.00 -15.93 -30.24
C VAL E 266 -18.26 -17.06 -29.26
N GLY E 267 -17.21 -17.67 -28.71
CA GLY E 267 -17.42 -18.63 -27.64
C GLY E 267 -18.17 -18.05 -26.46
N PHE E 268 -17.79 -16.85 -26.02
CA PHE E 268 -18.53 -16.18 -24.96
C PHE E 268 -19.94 -15.81 -25.38
N PHE E 269 -20.17 -15.44 -26.63
CA PHE E 269 -21.54 -15.19 -27.08
C PHE E 269 -22.40 -16.45 -27.05
N VAL E 270 -21.82 -17.60 -27.33
CA VAL E 270 -22.52 -18.87 -27.17
C VAL E 270 -22.80 -19.16 -25.70
N ILE E 271 -21.81 -18.93 -24.83
CA ILE E 271 -21.97 -19.22 -23.42
C ILE E 271 -23.02 -18.32 -22.78
N GLY E 272 -23.07 -17.05 -23.19
CA GLY E 272 -24.01 -16.12 -22.59
C GLY E 272 -25.44 -16.41 -22.98
N ILE E 273 -25.65 -17.18 -24.04
CA ILE E 273 -26.98 -17.60 -24.44
C ILE E 273 -27.33 -18.96 -23.85
N ALA E 274 -26.41 -19.91 -23.91
CA ALA E 274 -26.64 -21.22 -23.35
C ALA E 274 -26.53 -21.26 -21.83
N GLY E 275 -26.06 -20.18 -21.20
CA GLY E 275 -25.94 -20.14 -19.76
C GLY E 275 -27.08 -19.40 -19.11
N TYR E 276 -27.66 -18.44 -19.83
CA TYR E 276 -28.81 -17.71 -19.30
C TYR E 276 -30.10 -18.48 -19.53
N ALA E 277 -30.06 -19.52 -20.36
CA ALA E 277 -31.26 -20.30 -20.68
C ALA E 277 -31.31 -21.56 -19.82
N CYS E 278 -30.40 -21.61 -18.84
CA CYS E 278 -30.37 -22.71 -17.90
C CYS E 278 -30.17 -22.21 -16.48
N GLY E 279 -30.15 -20.89 -16.31
CA GLY E 279 -30.01 -20.28 -15.01
C GLY E 279 -28.60 -20.19 -14.49
N LEU E 280 -27.61 -20.71 -15.22
CA LEU E 280 -26.22 -20.64 -14.78
C LEU E 280 -25.76 -19.19 -14.70
N LEU E 281 -25.77 -18.49 -15.83
CA LEU E 281 -25.41 -17.08 -15.85
C LEU E 281 -26.68 -16.23 -15.85
N GLY E 282 -26.61 -15.05 -15.25
CA GLY E 282 -27.76 -14.17 -15.26
C GLY E 282 -27.53 -12.88 -14.51
N LEU E 283 -27.95 -11.76 -15.10
CA LEU E 283 -27.82 -10.47 -14.44
C LEU E 283 -28.99 -10.24 -13.50
N GLU F 2 -36.78 10.92 -40.43
CA GLU F 2 -35.91 11.08 -39.27
C GLU F 2 -34.60 11.77 -39.65
N ILE F 3 -33.66 11.00 -40.21
CA ILE F 3 -32.35 11.52 -40.57
C ILE F 3 -32.46 12.44 -41.77
N THR F 4 -31.95 13.65 -41.62
CA THR F 4 -32.03 14.69 -42.63
C THR F 4 -30.74 14.78 -43.42
N THR F 5 -30.83 15.39 -44.61
CA THR F 5 -29.71 15.43 -45.52
C THR F 5 -28.49 16.15 -44.94
N LEU F 6 -28.69 17.05 -43.99
CA LEU F 6 -27.59 17.74 -43.34
C LEU F 6 -27.04 16.96 -42.16
N GLN F 7 -27.59 15.78 -41.88
CA GLN F 7 -26.98 14.83 -40.96
C GLN F 7 -26.22 13.73 -41.69
N ILE F 8 -26.65 13.36 -42.89
CA ILE F 8 -25.91 12.38 -43.68
C ILE F 8 -24.50 12.87 -43.96
N VAL F 9 -24.37 14.14 -44.36
CA VAL F 9 -23.05 14.68 -44.67
C VAL F 9 -22.17 14.71 -43.43
N LEU F 10 -22.72 15.11 -42.29
CA LEU F 10 -21.93 15.12 -41.07
C LEU F 10 -21.50 13.71 -40.65
N VAL F 11 -22.39 12.72 -40.76
CA VAL F 11 -22.00 11.35 -40.46
C VAL F 11 -20.92 10.89 -41.43
N PHE F 12 -21.04 11.25 -42.70
CA PHE F 12 -20.04 10.90 -43.69
C PHE F 12 -18.68 11.50 -43.34
N ILE F 13 -18.65 12.77 -42.95
CA ILE F 13 -17.39 13.42 -42.62
C ILE F 13 -16.80 12.84 -41.35
N VAL F 14 -17.63 12.53 -40.36
CA VAL F 14 -17.12 11.94 -39.12
C VAL F 14 -16.58 10.54 -39.37
N ALA F 15 -17.25 9.78 -40.23
CA ALA F 15 -16.71 8.48 -40.62
C ALA F 15 -15.40 8.61 -41.39
N CYS F 16 -15.29 9.61 -42.27
CA CYS F 16 -14.03 9.85 -42.96
C CYS F 16 -12.92 10.17 -41.98
N ILE F 17 -13.20 11.01 -40.98
CA ILE F 17 -12.21 11.32 -39.97
C ILE F 17 -11.83 10.07 -39.19
N ALA F 18 -12.81 9.28 -38.78
CA ALA F 18 -12.54 8.03 -38.09
C ALA F 18 -12.15 6.91 -39.04
N GLY F 19 -11.87 7.23 -40.30
CA GLY F 19 -11.33 6.27 -41.24
C GLY F 19 -9.90 6.62 -41.56
N MET F 20 -9.57 7.91 -41.46
CA MET F 20 -8.18 8.31 -41.53
C MET F 20 -7.38 7.66 -40.41
N GLY F 21 -7.93 7.65 -39.21
CA GLY F 21 -7.26 7.14 -38.03
C GLY F 21 -7.07 5.64 -38.00
N SER F 22 -7.77 4.88 -38.84
CA SER F 22 -7.69 3.43 -38.77
C SER F 22 -6.28 2.93 -39.05
N ILE F 23 -5.63 3.50 -40.07
CA ILE F 23 -4.21 3.20 -40.29
C ILE F 23 -3.33 4.22 -39.60
N LEU F 24 -3.75 5.48 -39.57
CA LEU F 24 -2.86 6.55 -39.14
C LEU F 24 -2.43 6.35 -37.70
N ASP F 25 -3.37 5.97 -36.82
CA ASP F 25 -3.08 5.52 -35.46
C ASP F 25 -2.37 6.57 -34.62
N GLU F 26 -2.66 7.86 -34.84
CA GLU F 26 -2.02 8.91 -34.05
C GLU F 26 -3.00 9.68 -33.20
N PHE F 27 -4.01 10.31 -33.79
CA PHE F 27 -4.96 11.08 -33.00
C PHE F 27 -6.04 10.21 -32.38
N GLN F 28 -6.14 8.95 -32.79
CA GLN F 28 -7.05 7.97 -32.19
C GLN F 28 -8.51 8.37 -32.36
N PHE F 29 -8.92 8.52 -33.60
CA PHE F 29 -10.30 8.28 -33.98
C PHE F 29 -10.52 6.82 -34.36
N HIS F 30 -9.44 6.07 -34.53
CA HIS F 30 -9.45 4.61 -34.54
C HIS F 30 -9.65 4.07 -33.13
N ARG F 31 -10.77 4.49 -32.54
CA ARG F 31 -11.13 4.13 -31.17
C ARG F 31 -12.63 4.26 -31.03
N PRO F 32 -13.28 3.35 -30.36
CA PRO F 32 -14.74 3.41 -30.26
C PRO F 32 -15.19 4.42 -29.22
N LEU F 33 -14.30 5.31 -28.79
CA LEU F 33 -14.68 6.38 -27.88
C LEU F 33 -14.87 7.71 -28.59
N ILE F 34 -13.85 8.18 -29.31
CA ILE F 34 -14.00 9.43 -30.03
C ILE F 34 -14.92 9.24 -31.23
N ALA F 35 -14.77 8.14 -31.95
CA ALA F 35 -15.62 7.85 -33.09
C ALA F 35 -17.07 7.64 -32.71
N CYS F 36 -17.36 7.43 -31.43
CA CYS F 36 -18.73 7.28 -30.96
C CYS F 36 -19.33 8.58 -30.45
N THR F 37 -18.59 9.36 -29.66
CA THR F 37 -19.12 10.66 -29.27
C THR F 37 -19.29 11.57 -30.48
N LEU F 38 -18.37 11.50 -31.44
CA LEU F 38 -18.51 12.32 -32.64
C LEU F 38 -19.74 11.96 -33.46
N VAL F 39 -20.14 10.69 -33.46
CA VAL F 39 -21.36 10.33 -34.17
C VAL F 39 -22.59 10.67 -33.33
N GLY F 40 -22.50 10.50 -32.02
CA GLY F 40 -23.62 10.83 -31.16
C GLY F 40 -23.98 12.30 -31.19
N ILE F 41 -22.97 13.17 -31.28
CA ILE F 41 -23.24 14.60 -31.34
C ILE F 41 -23.99 14.95 -32.61
N VAL F 42 -23.54 14.44 -33.76
CA VAL F 42 -24.13 14.84 -35.03
C VAL F 42 -25.51 14.22 -35.21
N LEU F 43 -25.67 12.95 -34.80
CA LEU F 43 -26.94 12.27 -35.02
C LEU F 43 -28.03 12.75 -34.09
N GLY F 44 -27.73 12.96 -32.81
CA GLY F 44 -28.78 13.25 -31.85
C GLY F 44 -28.29 13.37 -30.42
N ASP F 45 -28.94 12.65 -29.50
CA ASP F 45 -28.59 12.72 -28.09
C ASP F 45 -27.16 12.26 -27.88
N MET F 46 -26.46 12.94 -26.97
CA MET F 46 -25.03 12.75 -26.78
C MET F 46 -24.70 11.71 -25.72
N LYS F 47 -25.45 11.68 -24.62
CA LYS F 47 -25.15 10.72 -23.55
C LYS F 47 -25.28 9.28 -24.02
N THR F 48 -26.33 8.97 -24.78
CA THR F 48 -26.54 7.61 -25.23
C THR F 48 -25.57 7.18 -26.33
N GLY F 49 -24.72 8.09 -26.81
CA GLY F 49 -23.63 7.71 -27.68
C GLY F 49 -22.34 7.57 -26.90
N ILE F 50 -22.17 8.44 -25.90
CA ILE F 50 -20.98 8.33 -25.04
C ILE F 50 -20.99 7.04 -24.26
N ILE F 51 -22.18 6.57 -23.84
CA ILE F 51 -22.25 5.30 -23.14
C ILE F 51 -21.83 4.16 -24.05
N ILE F 52 -22.27 4.17 -25.30
CA ILE F 52 -21.80 3.18 -26.26
C ILE F 52 -20.30 3.26 -26.42
N GLY F 53 -19.77 4.48 -26.49
CA GLY F 53 -18.33 4.64 -26.59
C GLY F 53 -17.58 4.04 -25.43
N GLY F 54 -18.03 4.32 -24.22
CA GLY F 54 -17.41 3.76 -23.03
C GLY F 54 -17.47 2.25 -23.01
N THR F 55 -18.62 1.68 -23.39
CA THR F 55 -18.75 0.23 -23.35
C THR F 55 -17.89 -0.44 -24.42
N LEU F 56 -17.74 0.20 -25.58
CA LEU F 56 -17.08 -0.46 -26.71
C LEU F 56 -15.57 -0.47 -26.59
N GLU F 57 -14.96 0.51 -25.93
CA GLU F 57 -13.51 0.44 -25.71
C GLU F 57 -13.14 -0.74 -24.82
N MET F 58 -13.93 -1.02 -23.79
CA MET F 58 -13.55 -2.07 -22.87
C MET F 58 -13.32 -3.37 -23.61
N ILE F 59 -14.06 -3.61 -24.69
CA ILE F 59 -13.74 -4.69 -25.61
C ILE F 59 -12.51 -4.34 -26.43
N ALA F 60 -12.41 -3.09 -26.90
CA ALA F 60 -11.40 -2.70 -27.87
C ALA F 60 -10.09 -2.26 -27.23
N LEU F 61 -9.85 -2.63 -25.97
CA LEU F 61 -8.49 -2.69 -25.48
C LEU F 61 -7.84 -3.90 -26.14
N GLY F 62 -6.53 -3.83 -26.36
CA GLY F 62 -5.89 -4.94 -27.01
C GLY F 62 -6.38 -5.20 -28.41
N TRP F 63 -6.71 -4.16 -29.15
CA TRP F 63 -7.12 -4.30 -30.53
C TRP F 63 -6.14 -3.53 -31.39
N MET F 64 -4.85 -3.78 -31.18
CA MET F 64 -3.77 -3.07 -31.83
C MET F 64 -3.28 -3.80 -33.07
N ASN F 65 -2.49 -3.10 -33.87
CA ASN F 65 -1.77 -3.67 -34.99
C ASN F 65 -0.34 -3.93 -34.54
N ILE F 66 0.17 -5.13 -34.80
CA ILE F 66 1.55 -5.48 -34.48
C ILE F 66 2.14 -6.20 -35.70
N GLY F 67 2.85 -5.46 -36.55
CA GLY F 67 3.63 -6.04 -37.62
C GLY F 67 2.85 -6.94 -38.56
N ALA F 68 1.98 -6.34 -39.36
CA ALA F 68 1.18 -7.09 -40.34
C ALA F 68 0.25 -8.09 -39.69
N ALA F 69 -0.09 -7.85 -38.42
CA ALA F 69 -1.14 -8.59 -37.73
C ALA F 69 -2.25 -7.58 -37.49
N VAL F 70 -3.12 -7.44 -38.48
CA VAL F 70 -4.08 -6.34 -38.49
C VAL F 70 -5.11 -6.56 -37.39
N ALA F 71 -5.45 -5.49 -36.69
CA ALA F 71 -6.43 -5.53 -35.63
C ALA F 71 -7.84 -5.68 -36.21
N PRO F 72 -8.81 -6.04 -35.39
CA PRO F 72 -10.18 -6.19 -35.88
C PRO F 72 -10.91 -4.88 -36.17
N ASP F 73 -10.18 -3.77 -36.31
CA ASP F 73 -10.73 -2.54 -36.89
C ASP F 73 -11.90 -2.00 -36.09
N ALA F 74 -11.57 -1.52 -34.88
CA ALA F 74 -12.55 -0.84 -34.05
C ALA F 74 -13.06 0.48 -34.63
N ALA F 75 -12.62 0.87 -35.84
CA ALA F 75 -13.05 2.12 -36.44
C ALA F 75 -14.30 1.98 -37.28
N LEU F 76 -14.57 0.80 -37.83
CA LEU F 76 -15.83 0.55 -38.53
C LEU F 76 -16.87 -0.07 -37.62
N ALA F 77 -16.45 -0.82 -36.61
CA ALA F 77 -17.37 -1.44 -35.67
C ALA F 77 -17.93 -0.45 -34.67
N SER F 78 -17.49 0.80 -34.70
CA SER F 78 -17.96 1.81 -33.74
C SER F 78 -18.70 2.96 -34.41
N ILE F 79 -18.94 2.88 -35.71
CA ILE F 79 -19.74 3.87 -36.41
C ILE F 79 -21.04 3.27 -36.93
N ILE F 80 -20.98 2.05 -37.47
CA ILE F 80 -22.21 1.35 -37.80
C ILE F 80 -22.96 0.97 -36.54
N SER F 81 -22.22 0.71 -35.46
CA SER F 81 -22.82 0.24 -34.21
C SER F 81 -23.42 1.34 -33.38
N THR F 82 -23.30 2.61 -33.78
CA THR F 82 -24.04 3.68 -33.13
C THR F 82 -25.16 4.24 -33.99
N ILE F 83 -25.03 4.17 -35.31
CA ILE F 83 -26.17 4.53 -36.15
C ILE F 83 -27.32 3.57 -35.91
N LEU F 84 -27.01 2.29 -35.67
CA LEU F 84 -28.03 1.31 -35.35
C LEU F 84 -28.50 1.39 -33.91
N VAL F 85 -28.09 2.40 -33.16
CA VAL F 85 -28.61 2.62 -31.82
C VAL F 85 -29.15 4.04 -31.70
N ILE F 86 -28.31 5.02 -32.02
CA ILE F 86 -28.74 6.42 -31.93
C ILE F 86 -29.88 6.68 -32.90
N ALA F 87 -29.73 6.25 -34.16
CA ALA F 87 -30.76 6.53 -35.15
C ALA F 87 -31.90 5.55 -35.04
N GLY F 88 -31.64 4.26 -35.26
CA GLY F 88 -32.74 3.34 -35.18
C GLY F 88 -32.92 2.64 -33.84
N HIS F 89 -33.66 3.28 -32.95
CA HIS F 89 -34.53 2.67 -31.95
C HIS F 89 -34.05 1.32 -31.43
N GLN F 90 -32.86 1.23 -30.85
CA GLN F 90 -32.39 -0.03 -30.31
C GLN F 90 -31.71 0.20 -28.97
N SER F 91 -31.16 -0.88 -28.41
CA SER F 91 -30.57 -0.87 -27.07
C SER F 91 -29.05 -0.99 -27.17
N ILE F 92 -28.38 -0.68 -26.06
CA ILE F 92 -26.93 -0.67 -26.04
C ILE F 92 -26.37 -2.05 -26.32
N GLY F 93 -26.83 -3.06 -25.58
CA GLY F 93 -26.28 -4.40 -25.72
C GLY F 93 -26.52 -5.04 -27.06
N ALA F 94 -27.55 -4.61 -27.78
CA ALA F 94 -27.75 -5.11 -29.14
C ALA F 94 -26.66 -4.60 -30.07
N GLY F 95 -26.37 -3.29 -29.99
CA GLY F 95 -25.28 -2.74 -30.78
C GLY F 95 -23.93 -3.29 -30.41
N ILE F 96 -23.65 -3.46 -29.12
CA ILE F 96 -22.37 -4.04 -28.72
C ILE F 96 -22.21 -5.45 -29.28
N ALA F 97 -23.29 -6.23 -29.27
CA ALA F 97 -23.23 -7.57 -29.83
C ALA F 97 -23.11 -7.56 -31.34
N LEU F 98 -23.74 -6.62 -32.02
CA LEU F 98 -23.67 -6.55 -33.47
C LEU F 98 -22.38 -5.93 -33.97
N ALA F 99 -21.60 -5.31 -33.08
CA ALA F 99 -20.32 -4.73 -33.50
C ALA F 99 -19.32 -5.81 -33.92
N ILE F 100 -19.37 -6.98 -33.29
CA ILE F 100 -18.36 -8.01 -33.55
C ILE F 100 -18.34 -8.47 -34.99
N PRO F 101 -19.46 -8.82 -35.63
CA PRO F 101 -19.39 -9.11 -37.08
C PRO F 101 -18.93 -7.92 -37.90
N LEU F 102 -19.26 -6.69 -37.49
CA LEU F 102 -18.74 -5.53 -38.20
C LEU F 102 -17.24 -5.40 -38.03
N ALA F 103 -16.71 -5.67 -36.84
CA ALA F 103 -15.27 -5.70 -36.65
C ALA F 103 -14.63 -6.80 -37.47
N ALA F 104 -15.34 -7.91 -37.68
CA ALA F 104 -14.85 -8.93 -38.58
C ALA F 104 -14.82 -8.43 -40.03
N ALA F 105 -15.83 -7.66 -40.43
CA ALA F 105 -15.78 -6.99 -41.73
C ALA F 105 -14.53 -6.13 -41.82
N GLY F 106 -14.46 -5.09 -41.00
CA GLY F 106 -13.22 -4.72 -40.34
C GLY F 106 -11.91 -4.93 -41.07
N GLN F 107 -11.09 -5.81 -40.47
CA GLN F 107 -9.78 -6.09 -41.03
C GLN F 107 -9.85 -6.76 -42.39
N VAL F 108 -10.95 -7.44 -42.73
CA VAL F 108 -11.07 -7.95 -44.09
C VAL F 108 -11.03 -6.79 -45.09
N LEU F 109 -11.77 -5.73 -44.81
CA LEU F 109 -11.71 -4.54 -45.67
C LEU F 109 -10.35 -3.86 -45.60
N THR F 110 -9.86 -3.63 -44.39
CA THR F 110 -8.65 -2.83 -44.26
C THR F 110 -7.40 -3.58 -44.66
N ILE F 111 -7.50 -4.88 -44.93
CA ILE F 111 -6.41 -5.64 -45.49
C ILE F 111 -6.41 -5.57 -47.01
N ILE F 112 -7.59 -5.60 -47.62
CA ILE F 112 -7.67 -5.40 -49.06
C ILE F 112 -7.19 -4.00 -49.43
N VAL F 113 -7.57 -3.00 -48.62
CA VAL F 113 -7.12 -1.64 -48.91
C VAL F 113 -5.60 -1.54 -48.78
N ARG F 114 -5.03 -2.10 -47.72
CA ARG F 114 -3.58 -2.07 -47.54
C ARG F 114 -2.86 -2.81 -48.65
N THR F 115 -3.39 -3.96 -49.09
CA THR F 115 -2.80 -4.68 -50.20
C THR F 115 -2.88 -3.91 -51.52
N ILE F 116 -3.99 -3.24 -51.80
CA ILE F 116 -4.10 -2.53 -53.07
C ILE F 116 -3.36 -1.19 -52.99
N THR F 117 -2.89 -0.81 -51.80
CA THR F 117 -2.08 0.40 -51.70
C THR F 117 -0.73 0.28 -52.41
N VAL F 118 -0.30 -0.94 -52.78
CA VAL F 118 1.03 -1.13 -53.39
C VAL F 118 1.20 -0.27 -54.63
N ALA F 119 0.11 -0.03 -55.35
CA ALA F 119 0.18 0.81 -56.53
C ALA F 119 0.57 2.24 -56.19
N PHE F 120 0.49 2.65 -54.93
CA PHE F 120 0.96 3.97 -54.54
C PHE F 120 2.47 4.02 -54.30
N GLN F 121 3.12 2.88 -54.14
CA GLN F 121 4.58 2.85 -54.09
C GLN F 121 5.22 2.47 -55.41
N HIS F 122 4.61 1.55 -56.16
CA HIS F 122 5.07 1.33 -57.53
C HIS F 122 4.92 2.59 -58.37
N ALA F 123 4.09 3.52 -57.96
CA ALA F 123 4.04 4.86 -58.55
C ALA F 123 4.78 5.88 -57.72
N ALA F 124 5.50 5.46 -56.68
CA ALA F 124 6.37 6.34 -55.92
C ALA F 124 7.81 6.30 -56.39
N ASP F 125 8.34 5.12 -56.70
CA ASP F 125 9.69 5.03 -57.24
C ASP F 125 9.80 5.76 -58.56
N LYS F 126 8.76 5.70 -59.40
CA LYS F 126 8.77 6.46 -60.64
C LYS F 126 8.81 7.96 -60.38
N ALA F 127 8.48 8.40 -59.17
CA ALA F 127 8.59 9.79 -58.80
C ALA F 127 9.94 10.13 -58.19
N ALA F 128 10.49 9.25 -57.36
CA ALA F 128 11.81 9.50 -56.79
C ALA F 128 12.89 9.54 -57.84
N ASP F 129 12.73 8.79 -58.94
CA ASP F 129 13.72 8.80 -60.01
C ASP F 129 13.77 10.13 -60.74
N ASN F 130 12.82 11.01 -60.53
CA ASN F 130 12.83 12.28 -61.22
C ASN F 130 12.67 13.48 -60.29
N GLY F 131 11.88 13.35 -59.24
CA GLY F 131 11.47 14.51 -58.46
C GLY F 131 10.39 15.28 -59.19
N ASN F 132 9.87 16.32 -58.53
CA ASN F 132 10.32 16.75 -57.21
C ASN F 132 9.69 15.92 -56.12
N LEU F 133 9.83 16.39 -54.88
CA LEU F 133 9.21 15.74 -53.74
C LEU F 133 7.71 15.99 -53.66
N THR F 134 7.22 17.05 -54.30
CA THR F 134 5.76 17.23 -54.36
C THR F 134 5.08 16.03 -54.98
N ALA F 135 5.72 15.38 -55.95
CA ALA F 135 5.21 14.13 -56.48
C ALA F 135 5.13 13.06 -55.42
N ILE F 136 5.86 13.19 -54.32
CA ILE F 136 5.75 12.29 -53.19
C ILE F 136 4.81 12.82 -52.13
N SER F 137 4.84 14.12 -51.87
CA SER F 137 3.97 14.68 -50.86
C SER F 137 2.50 14.65 -51.26
N TRP F 138 2.19 14.53 -52.55
CA TRP F 138 0.81 14.29 -52.96
C TRP F 138 0.53 12.85 -53.36
N ILE F 139 1.50 11.95 -53.19
CA ILE F 139 1.21 10.53 -53.34
C ILE F 139 1.05 9.85 -52.00
N HIS F 140 1.76 10.34 -50.97
CA HIS F 140 1.55 9.76 -49.65
C HIS F 140 0.16 10.09 -49.11
N VAL F 141 -0.29 11.34 -49.28
CA VAL F 141 -1.62 11.69 -48.81
C VAL F 141 -2.70 11.04 -49.68
N SER F 142 -2.50 10.99 -50.99
CA SER F 142 -3.50 10.40 -51.88
C SER F 142 -3.82 8.95 -51.55
N SER F 143 -2.93 8.24 -50.87
CA SER F 143 -3.24 6.90 -50.42
C SER F 143 -4.01 6.90 -49.11
N LEU F 144 -4.26 8.08 -48.55
CA LEU F 144 -5.07 8.21 -47.36
C LEU F 144 -6.53 8.54 -47.67
N PHE F 145 -6.79 9.16 -48.83
CA PHE F 145 -8.15 9.44 -49.29
C PHE F 145 -8.80 8.23 -49.95
N LEU F 146 -8.20 7.05 -49.85
CA LEU F 146 -8.79 5.84 -50.37
C LEU F 146 -9.16 4.87 -49.28
N GLN F 147 -8.56 5.00 -48.10
CA GLN F 147 -9.01 4.19 -46.97
C GLN F 147 -10.14 4.87 -46.20
N ALA F 148 -10.10 6.19 -46.09
CA ALA F 148 -11.22 6.90 -45.47
C ALA F 148 -12.49 6.81 -46.28
N MET F 149 -12.40 6.44 -47.57
CA MET F 149 -13.58 6.25 -48.40
C MET F 149 -14.01 4.81 -48.47
N ARG F 150 -13.60 3.99 -47.49
CA ARG F 150 -14.07 2.63 -47.34
C ARG F 150 -14.32 2.30 -45.88
N VAL F 151 -14.53 3.33 -45.08
CA VAL F 151 -15.05 3.22 -43.72
C VAL F 151 -16.16 4.26 -43.61
N ALA F 152 -16.25 5.13 -44.62
CA ALA F 152 -17.26 6.18 -44.63
C ALA F 152 -18.33 5.98 -45.69
N ILE F 153 -18.13 5.10 -46.65
CA ILE F 153 -19.19 4.71 -47.57
C ILE F 153 -20.11 3.68 -46.93
N PRO F 154 -19.58 2.64 -46.26
CA PRO F 154 -20.50 1.71 -45.57
C PRO F 154 -21.20 2.35 -44.37
N ALA F 155 -20.85 3.60 -44.05
CA ALA F 155 -21.56 4.36 -43.03
C ALA F 155 -22.59 5.30 -43.62
N VAL F 156 -22.77 5.27 -44.94
CA VAL F 156 -23.88 5.95 -45.58
C VAL F 156 -24.85 4.98 -46.21
N ILE F 157 -24.37 3.80 -46.63
CA ILE F 157 -25.30 2.73 -47.04
C ILE F 157 -26.17 2.33 -45.87
N VAL F 158 -25.62 2.32 -44.66
CA VAL F 158 -26.40 1.97 -43.48
C VAL F 158 -27.36 3.09 -43.12
N ALA F 159 -26.85 4.30 -42.93
CA ALA F 159 -27.67 5.41 -42.44
C ALA F 159 -28.70 5.88 -43.46
N LEU F 160 -28.80 5.25 -44.63
CA LEU F 160 -29.91 5.49 -45.54
C LEU F 160 -30.81 4.29 -45.71
N SER F 161 -30.44 3.14 -45.17
CA SER F 161 -31.29 1.96 -45.20
C SER F 161 -31.83 1.59 -43.82
N VAL F 162 -31.28 2.15 -42.74
CA VAL F 162 -31.85 1.93 -41.42
C VAL F 162 -33.23 2.56 -41.34
N GLY F 163 -33.47 3.61 -42.12
CA GLY F 163 -34.75 4.29 -42.10
C GLY F 163 -35.81 3.63 -42.96
N THR F 164 -36.01 2.33 -42.77
CA THR F 164 -37.08 1.62 -43.46
C THR F 164 -37.60 0.51 -42.57
N SER F 165 -38.85 0.11 -42.83
CA SER F 165 -39.49 -0.94 -42.05
C SER F 165 -38.92 -2.32 -42.32
N GLU F 166 -38.29 -2.52 -43.47
CA GLU F 166 -37.74 -3.83 -43.80
C GLU F 166 -36.68 -4.26 -42.80
N VAL F 167 -35.80 -3.33 -42.42
CA VAL F 167 -34.77 -3.66 -41.44
C VAL F 167 -35.28 -3.41 -40.02
N GLN F 168 -36.01 -2.30 -39.82
CA GLN F 168 -36.46 -1.95 -38.48
C GLN F 168 -37.49 -2.93 -37.93
N ASN F 169 -38.06 -3.80 -38.76
CA ASN F 169 -38.94 -4.86 -38.28
C ASN F 169 -38.28 -6.23 -38.31
N MET F 170 -37.22 -6.41 -39.08
CA MET F 170 -36.45 -7.64 -39.03
C MET F 170 -35.46 -7.66 -37.87
N LEU F 171 -35.30 -6.53 -37.17
CA LEU F 171 -34.41 -6.44 -36.01
C LEU F 171 -35.15 -6.64 -34.70
N ASN F 172 -36.45 -6.96 -34.73
CA ASN F 172 -37.20 -7.23 -33.52
C ASN F 172 -37.44 -8.72 -33.28
N ALA F 173 -37.27 -9.56 -34.28
CA ALA F 173 -37.40 -11.02 -34.09
C ALA F 173 -36.06 -11.61 -33.70
N ILE F 174 -35.54 -11.13 -32.57
CA ILE F 174 -34.21 -11.51 -32.10
C ILE F 174 -34.25 -12.87 -31.42
N PRO F 175 -35.16 -13.13 -30.46
CA PRO F 175 -36.16 -12.34 -29.74
C PRO F 175 -35.58 -11.69 -28.47
N GLU F 176 -36.47 -11.28 -27.56
CA GLU F 176 -36.04 -10.65 -26.33
C GLU F 176 -35.30 -11.59 -25.40
N VAL F 177 -35.42 -12.90 -25.57
CA VAL F 177 -34.62 -13.83 -24.78
C VAL F 177 -33.16 -13.76 -25.20
N VAL F 178 -32.89 -13.60 -26.50
CA VAL F 178 -31.51 -13.50 -26.97
C VAL F 178 -30.89 -12.18 -26.54
N THR F 179 -31.67 -11.10 -26.56
CA THR F 179 -31.12 -9.79 -26.22
C THR F 179 -30.56 -9.78 -24.80
N ASN F 180 -31.32 -10.27 -23.84
CA ASN F 180 -30.83 -10.30 -22.47
C ASN F 180 -29.72 -11.33 -22.28
N GLY F 181 -29.56 -12.24 -23.21
CA GLY F 181 -28.43 -13.15 -23.19
C GLY F 181 -27.17 -12.59 -23.78
N LEU F 182 -27.26 -11.40 -24.40
CA LEU F 182 -26.08 -10.71 -24.91
C LEU F 182 -25.63 -9.57 -24.01
N ASN F 183 -26.54 -8.99 -23.23
CA ASN F 183 -26.14 -8.07 -22.17
C ASN F 183 -25.44 -8.80 -21.03
N ILE F 184 -25.51 -10.14 -21.01
CA ILE F 184 -24.77 -10.91 -20.04
C ILE F 184 -23.38 -11.27 -20.57
N ALA F 185 -23.27 -11.58 -21.85
CA ALA F 185 -21.96 -11.78 -22.46
C ALA F 185 -21.19 -10.47 -22.57
N GLY F 186 -21.85 -9.34 -22.37
CA GLY F 186 -21.18 -8.05 -22.45
C GLY F 186 -20.37 -7.73 -21.22
N GLY F 187 -20.44 -8.59 -20.22
CA GLY F 187 -19.60 -8.46 -19.04
C GLY F 187 -18.51 -9.50 -19.05
N MET F 188 -18.55 -10.40 -20.04
CA MET F 188 -17.60 -11.49 -20.16
C MET F 188 -16.64 -11.34 -21.34
N ILE F 189 -17.15 -10.94 -22.50
CA ILE F 189 -16.29 -10.81 -23.68
C ILE F 189 -15.19 -9.78 -23.44
N VAL F 190 -15.46 -8.78 -22.59
CA VAL F 190 -14.47 -7.76 -22.28
C VAL F 190 -13.20 -8.38 -21.74
N VAL F 191 -13.29 -9.52 -21.07
CA VAL F 191 -12.12 -10.18 -20.51
C VAL F 191 -11.11 -10.50 -21.59
N VAL F 192 -11.56 -10.90 -22.78
CA VAL F 192 -10.61 -11.15 -23.86
C VAL F 192 -9.75 -9.93 -24.11
N GLY F 193 -10.38 -8.75 -24.20
CA GLY F 193 -9.62 -7.53 -24.39
C GLY F 193 -8.57 -7.29 -23.33
N TYR F 194 -8.81 -7.74 -22.10
CA TYR F 194 -7.77 -7.63 -21.09
C TYR F 194 -6.66 -8.64 -21.27
N ALA F 195 -7.00 -9.88 -21.62
CA ALA F 195 -5.98 -10.92 -21.71
C ALA F 195 -4.96 -10.62 -22.80
N MET F 196 -5.38 -10.01 -23.91
CA MET F 196 -4.43 -9.63 -24.94
C MET F 196 -3.46 -8.57 -24.43
N VAL F 197 -3.92 -7.68 -23.56
CA VAL F 197 -3.05 -6.66 -23.02
C VAL F 197 -2.05 -7.25 -22.04
N ILE F 198 -2.53 -8.04 -21.07
CA ILE F 198 -1.65 -8.63 -20.08
C ILE F 198 -0.62 -9.55 -20.73
N ASN F 199 -0.96 -10.16 -21.86
CA ASN F 199 0.00 -11.02 -22.54
C ASN F 199 1.17 -10.22 -23.10
N MET F 200 0.97 -8.94 -23.42
CA MET F 200 2.08 -8.14 -23.89
C MET F 200 3.02 -7.80 -22.75
N MET F 201 2.48 -7.23 -21.68
CA MET F 201 3.27 -6.76 -20.54
C MET F 201 3.36 -7.81 -19.44
N ARG F 202 3.70 -9.04 -19.78
CA ARG F 202 3.77 -10.10 -18.77
C ARG F 202 5.23 -10.42 -18.51
N ALA F 203 5.67 -10.10 -17.30
CA ALA F 203 6.94 -10.54 -16.77
C ALA F 203 6.67 -11.35 -15.51
N GLY F 204 7.37 -12.48 -15.37
CA GLY F 204 7.09 -13.36 -14.25
C GLY F 204 7.30 -12.73 -12.89
N TYR F 205 8.22 -11.78 -12.79
CA TYR F 205 8.50 -11.12 -11.52
C TYR F 205 7.63 -9.90 -11.27
N LEU F 206 6.86 -9.45 -12.26
CA LEU F 206 5.96 -8.31 -12.10
C LEU F 206 4.51 -8.75 -11.90
N MET F 207 4.23 -10.03 -12.00
CA MET F 207 2.90 -10.55 -11.74
C MET F 207 2.41 -10.26 -10.32
N PRO F 208 3.30 -10.11 -9.33
CA PRO F 208 2.82 -9.62 -8.03
C PRO F 208 2.09 -8.30 -8.11
N PHE F 209 2.40 -7.44 -9.08
CA PHE F 209 1.66 -6.19 -9.23
C PHE F 209 0.31 -6.39 -9.90
N PHE F 210 0.08 -7.54 -10.54
CA PHE F 210 -1.25 -7.85 -11.05
C PHE F 210 -2.19 -8.17 -9.89
N TYR F 211 -1.90 -9.23 -9.15
CA TYR F 211 -2.73 -9.65 -8.03
C TYR F 211 -2.82 -8.63 -6.92
N LEU F 212 -1.89 -7.67 -6.88
CA LEU F 212 -2.03 -6.54 -5.98
C LEU F 212 -3.05 -5.54 -6.46
N GLY F 213 -3.04 -5.20 -7.75
CA GLY F 213 -4.08 -4.35 -8.29
C GLY F 213 -5.40 -5.04 -8.44
N PHE F 214 -5.41 -6.37 -8.31
CA PHE F 214 -6.66 -7.12 -8.31
C PHE F 214 -7.36 -6.99 -6.96
N VAL F 215 -6.68 -7.39 -5.89
CA VAL F 215 -7.29 -7.39 -4.56
C VAL F 215 -7.70 -5.99 -4.16
N THR F 216 -6.83 -4.99 -4.39
CA THR F 216 -7.18 -3.63 -4.02
C THR F 216 -8.38 -3.09 -4.79
N ALA F 217 -8.78 -3.75 -5.87
CA ALA F 217 -10.01 -3.37 -6.54
C ALA F 217 -11.24 -3.96 -5.87
N ALA F 218 -11.12 -5.17 -5.32
CA ALA F 218 -12.27 -5.83 -4.73
C ALA F 218 -12.78 -5.09 -3.49
N PHE F 219 -11.88 -4.64 -2.64
CA PHE F 219 -12.24 -4.16 -1.31
C PHE F 219 -12.03 -2.67 -1.09
N THR F 220 -11.86 -1.90 -2.14
CA THR F 220 -11.59 -0.48 -2.00
C THR F 220 -12.38 0.26 -3.09
N ASN F 221 -12.65 1.55 -2.87
CA ASN F 221 -13.44 2.35 -3.79
C ASN F 221 -12.61 3.41 -4.51
N PHE F 222 -11.40 3.07 -4.95
CA PHE F 222 -10.64 4.01 -5.78
C PHE F 222 -11.28 4.14 -7.16
N ASN F 223 -10.93 5.22 -7.84
CA ASN F 223 -11.30 5.40 -9.24
C ASN F 223 -10.37 4.58 -10.11
N LEU F 224 -10.40 4.82 -11.41
CA LEU F 224 -9.29 4.40 -12.26
C LEU F 224 -8.23 5.48 -12.39
N VAL F 225 -8.56 6.73 -12.09
CA VAL F 225 -7.53 7.75 -11.98
C VAL F 225 -6.66 7.50 -10.76
N ALA F 226 -7.29 7.18 -9.62
CA ALA F 226 -6.55 6.85 -8.43
C ALA F 226 -5.73 5.58 -8.59
N LEU F 227 -6.27 4.56 -9.25
CA LEU F 227 -5.53 3.35 -9.52
C LEU F 227 -4.49 3.54 -10.62
N GLY F 228 -4.58 4.61 -11.40
CA GLY F 228 -3.56 4.89 -12.39
C GLY F 228 -2.47 5.76 -11.83
N VAL F 229 -2.75 6.44 -10.72
CA VAL F 229 -1.76 7.24 -10.01
C VAL F 229 -0.99 6.40 -8.99
N ILE F 230 -1.68 5.54 -8.25
CA ILE F 230 -0.99 4.61 -7.38
C ILE F 230 -0.08 3.71 -8.18
N GLY F 231 -0.51 3.31 -9.38
CA GLY F 231 0.35 2.49 -10.23
C GLY F 231 1.64 3.18 -10.60
N THR F 232 1.57 4.45 -11.02
CA THR F 232 2.79 5.15 -11.41
C THR F 232 3.67 5.46 -10.20
N VAL F 233 3.07 5.74 -9.04
CA VAL F 233 3.89 5.93 -7.86
C VAL F 233 4.62 4.66 -7.49
N MET F 234 3.93 3.52 -7.52
CA MET F 234 4.57 2.24 -7.27
C MET F 234 5.66 1.94 -8.28
N ALA F 235 5.42 2.20 -9.57
CA ALA F 235 6.44 1.97 -10.57
C ALA F 235 7.66 2.84 -10.39
N VAL F 236 7.47 4.14 -10.11
CA VAL F 236 8.62 5.01 -9.90
C VAL F 236 9.42 4.56 -8.69
N LEU F 237 8.73 4.19 -7.60
CA LEU F 237 9.46 3.77 -6.41
C LEU F 237 10.15 2.43 -6.60
N TYR F 238 9.55 1.53 -7.38
CA TYR F 238 10.24 0.27 -7.67
C TYR F 238 11.49 0.50 -8.50
N ILE F 239 11.42 1.39 -9.50
CA ILE F 239 12.60 1.70 -10.29
C ILE F 239 13.64 2.42 -9.43
N GLN F 240 13.19 3.19 -8.44
CA GLN F 240 14.11 3.90 -7.55
C GLN F 240 14.89 2.93 -6.68
N LEU F 241 14.22 1.91 -6.18
CA LEU F 241 14.82 0.76 -5.51
C LEU F 241 15.28 -0.23 -6.57
N SER F 242 15.41 -1.51 -6.21
CA SER F 242 15.81 -2.54 -7.17
C SER F 242 17.22 -2.29 -7.67
N PRO F 243 18.24 -2.66 -6.88
CA PRO F 243 19.62 -2.22 -7.17
C PRO F 243 20.15 -2.69 -8.52
N LYS F 244 19.31 -3.34 -9.33
CA LYS F 244 19.72 -3.60 -10.71
C LYS F 244 20.11 -2.32 -11.43
N TYR F 245 19.47 -1.21 -11.06
CA TYR F 245 19.83 0.09 -11.63
C TYR F 245 20.83 0.85 -10.78
N ASN F 246 21.30 0.27 -9.67
CA ASN F 246 22.34 0.90 -8.86
C ASN F 246 23.72 0.42 -9.27
N ARG F 247 23.99 -0.87 -9.18
CA ARG F 247 25.33 -1.30 -9.45
C ARG F 247 25.53 -2.58 -10.20
N VAL F 248 26.80 -2.84 -10.45
CA VAL F 248 27.26 -4.01 -11.18
C VAL F 248 27.62 -5.13 -10.21
C1 MAN G . 16.48 30.25 15.22
C2 MAN G . 15.92 28.99 15.89
C3 MAN G . 15.48 27.96 14.86
C4 MAN G . 16.52 27.71 13.75
C5 MAN G . 17.61 28.77 13.78
C6 MAN G . 18.37 28.82 12.47
O1 MAN G . 17.47 30.72 16.07
O2 MAN G . 14.74 29.29 16.63
O3 MAN G . 14.24 28.31 14.28
O4 MAN G . 17.09 26.43 13.91
O5 MAN G . 16.97 30.03 13.94
O6 MAN G . 18.05 27.65 11.72
C1 MAN H . 8.51 -32.34 17.33
C2 MAN H . 7.79 -32.09 15.99
C3 MAN H . 7.81 -30.61 15.61
C4 MAN H . 9.19 -29.96 15.74
C5 MAN H . 10.15 -30.85 16.51
C6 MAN H . 11.34 -30.08 17.02
O1 MAN H . 9.10 -33.60 17.20
O2 MAN H . 6.41 -32.43 16.09
O3 MAN H . 6.85 -29.89 16.36
O4 MAN H . 9.71 -29.68 14.46
O5 MAN H . 9.46 -31.36 17.62
O6 MAN H . 11.37 -28.81 16.38
C1 MAN I . 2.74 -1.62 -37.53
C2 MAN I . 2.55 -0.41 -36.60
C3 MAN I . 2.65 -0.80 -35.13
C4 MAN I . 3.86 -1.70 -34.81
C5 MAN I . 4.50 -2.22 -36.08
C6 MAN I . 5.39 -3.41 -35.81
O1 MAN I . 3.38 -1.11 -38.66
O2 MAN I . 1.25 0.15 -36.74
O3 MAN I . 1.47 -1.42 -34.70
O4 MAN I . 4.82 -0.97 -34.07
O5 MAN I . 3.46 -2.65 -36.94
O6 MAN I . 5.60 -3.51 -34.41
#